data_1QCQ
# 
_entry.id   1QCQ 
# 
_audit_conform.dict_name       mmcif_pdbx.dic 
_audit_conform.dict_version    5.386 
_audit_conform.dict_location   http://mmcif.pdb.org/dictionaries/ascii/mmcif_pdbx.dic 
# 
loop_
_database_2.database_id 
_database_2.database_code 
_database_2.pdbx_database_accession 
_database_2.pdbx_DOI 
PDB   1QCQ         pdb_00001qcq 10.2210/pdb1qcq/pdb 
RCSB  RCSB009080   ?            ?                   
WWPDB D_1000009080 ?            ?                   
# 
loop_
_pdbx_audit_revision_history.ordinal 
_pdbx_audit_revision_history.data_content_type 
_pdbx_audit_revision_history.major_revision 
_pdbx_audit_revision_history.minor_revision 
_pdbx_audit_revision_history.revision_date 
1 'Structure model' 1 0 1999-05-17 
2 'Structure model' 1 1 2008-04-27 
3 'Structure model' 1 2 2011-07-13 
4 'Structure model' 1 3 2017-10-04 
5 'Structure model' 1 4 2024-02-14 
# 
_pdbx_audit_revision_details.ordinal             1 
_pdbx_audit_revision_details.revision_ordinal    1 
_pdbx_audit_revision_details.data_content_type   'Structure model' 
_pdbx_audit_revision_details.provider            repository 
_pdbx_audit_revision_details.type                'Initial release' 
_pdbx_audit_revision_details.description         ? 
_pdbx_audit_revision_details.details             ? 
# 
loop_
_pdbx_audit_revision_group.ordinal 
_pdbx_audit_revision_group.revision_ordinal 
_pdbx_audit_revision_group.data_content_type 
_pdbx_audit_revision_group.group 
1 2 'Structure model' 'Version format compliance' 
2 3 'Structure model' 'Version format compliance' 
3 4 'Structure model' 'Refinement description'    
4 5 'Structure model' 'Data collection'           
5 5 'Structure model' 'Database references'       
# 
loop_
_pdbx_audit_revision_category.ordinal 
_pdbx_audit_revision_category.revision_ordinal 
_pdbx_audit_revision_category.data_content_type 
_pdbx_audit_revision_category.category 
1 4 'Structure model' software       
2 5 'Structure model' chem_comp_atom 
3 5 'Structure model' chem_comp_bond 
4 5 'Structure model' database_2     
# 
loop_
_pdbx_audit_revision_item.ordinal 
_pdbx_audit_revision_item.revision_ordinal 
_pdbx_audit_revision_item.data_content_type 
_pdbx_audit_revision_item.item 
1 4 'Structure model' '_software.name'                      
2 5 'Structure model' '_database_2.pdbx_DOI'                
3 5 'Structure model' '_database_2.pdbx_database_accession' 
# 
_pdbx_database_PDB_obs_spr.id               SPRSDE 
_pdbx_database_PDB_obs_spr.date             1999-05-17 
_pdbx_database_PDB_obs_spr.pdb_id           1QCQ 
_pdbx_database_PDB_obs_spr.replace_pdb_id   2UCE 
_pdbx_database_PDB_obs_spr.details          ? 
# 
_pdbx_database_status.status_code                     REL 
_pdbx_database_status.entry_id                        1QCQ 
_pdbx_database_status.recvd_initial_deposition_date   1999-05-10 
_pdbx_database_status.deposit_site                    RCSB 
_pdbx_database_status.process_site                    RCSB 
_pdbx_database_status.SG_entry                        . 
_pdbx_database_status.pdb_format_compatible           Y 
_pdbx_database_status.status_code_mr                  ? 
_pdbx_database_status.status_code_sf                  ? 
_pdbx_database_status.status_code_cs                  ? 
_pdbx_database_status.methods_development_category    ? 
_pdbx_database_status.status_code_nmr_data            ? 
# 
_pdbx_database_related.db_name        PDB 
_pdbx_database_related.db_id          2UCE 
_pdbx_database_related.details        'this entry updates 2UCE' 
_pdbx_database_related.content_type   unspecified 
# 
loop_
_audit_author.name 
_audit_author.pdbx_ordinal 
'Cook, W.J.'    1 
'Jeffrey, L.C.' 2 
'Xu, Y.'        3 
'Chau, V.'      4 
# 
_citation.id                        primary 
_citation.title                     
'Tertiary structures of class I ubiquitin-conjugating enzymes are highly conserved: crystal structure of yeast Ubc4.' 
_citation.journal_abbrev            Biochemistry 
_citation.journal_volume            32 
_citation.page_first                13809 
_citation.page_last                 13817 
_citation.year                      1993 
_citation.journal_id_ASTM           BICHAW 
_citation.country                   US 
_citation.journal_id_ISSN           0006-2960 
_citation.journal_id_CSD            0033 
_citation.book_publisher            ? 
_citation.pdbx_database_id_PubMed   8268156 
_citation.pdbx_database_id_DOI      10.1021/bi00213a009 
# 
loop_
_citation_author.citation_id 
_citation_author.name 
_citation_author.ordinal 
_citation_author.identifier_ORCID 
primary 'Cook, W.J.'    1 ? 
primary 'Jeffrey, L.C.' 2 ? 
primary 'Xu, Y.'        3 ? 
primary 'Chau, V.'      4 ? 
# 
_entity.id                         1 
_entity.type                       polymer 
_entity.src_method                 nat 
_entity.pdbx_description           'PROTEIN (UBIQUITIN CONJUGATING ENZYME)' 
_entity.formula_weight             16474.715 
_entity.pdbx_number_of_molecules   1 
_entity.pdbx_ec                    6.3.2.19 
_entity.pdbx_mutation              ? 
_entity.pdbx_fragment              ? 
_entity.details                    ? 
# 
_entity_name_sys.entity_id   1 
_entity_name_sys.name        'EC 6.3.2.19' 
# 
_entity_poly.entity_id                      1 
_entity_poly.type                           'polypeptide(L)' 
_entity_poly.nstd_linkage                   no 
_entity_poly.nstd_monomer                   no 
_entity_poly.pdbx_seq_one_letter_code       
;MSSSKRIAKELSDLERDPPTSCSAGPVGDDLYHWQASIMGPADSPYAGGVFFLSIHFPTDYPFKPPKISFTTKIYHPNIN
ANGNICLDILKDQWSPALTLSKVLLSICSLLTDANPDDPLVPEIAHIYKTDRPKYEATAREWTKKYAV
;
_entity_poly.pdbx_seq_one_letter_code_can   
;MSSSKRIAKELSDLERDPPTSCSAGPVGDDLYHWQASIMGPADSPYAGGVFFLSIHFPTDYPFKPPKISFTTKIYHPNIN
ANGNICLDILKDQWSPALTLSKVLLSICSLLTDANPDDPLVPEIAHIYKTDRPKYEATAREWTKKYAV
;
_entity_poly.pdbx_strand_id                 A 
_entity_poly.pdbx_target_identifier         ? 
# 
loop_
_entity_poly_seq.entity_id 
_entity_poly_seq.num 
_entity_poly_seq.mon_id 
_entity_poly_seq.hetero 
1 1   MET n 
1 2   SER n 
1 3   SER n 
1 4   SER n 
1 5   LYS n 
1 6   ARG n 
1 7   ILE n 
1 8   ALA n 
1 9   LYS n 
1 10  GLU n 
1 11  LEU n 
1 12  SER n 
1 13  ASP n 
1 14  LEU n 
1 15  GLU n 
1 16  ARG n 
1 17  ASP n 
1 18  PRO n 
1 19  PRO n 
1 20  THR n 
1 21  SER n 
1 22  CYS n 
1 23  SER n 
1 24  ALA n 
1 25  GLY n 
1 26  PRO n 
1 27  VAL n 
1 28  GLY n 
1 29  ASP n 
1 30  ASP n 
1 31  LEU n 
1 32  TYR n 
1 33  HIS n 
1 34  TRP n 
1 35  GLN n 
1 36  ALA n 
1 37  SER n 
1 38  ILE n 
1 39  MET n 
1 40  GLY n 
1 41  PRO n 
1 42  ALA n 
1 43  ASP n 
1 44  SER n 
1 45  PRO n 
1 46  TYR n 
1 47  ALA n 
1 48  GLY n 
1 49  GLY n 
1 50  VAL n 
1 51  PHE n 
1 52  PHE n 
1 53  LEU n 
1 54  SER n 
1 55  ILE n 
1 56  HIS n 
1 57  PHE n 
1 58  PRO n 
1 59  THR n 
1 60  ASP n 
1 61  TYR n 
1 62  PRO n 
1 63  PHE n 
1 64  LYS n 
1 65  PRO n 
1 66  PRO n 
1 67  LYS n 
1 68  ILE n 
1 69  SER n 
1 70  PHE n 
1 71  THR n 
1 72  THR n 
1 73  LYS n 
1 74  ILE n 
1 75  TYR n 
1 76  HIS n 
1 77  PRO n 
1 78  ASN n 
1 79  ILE n 
1 80  ASN n 
1 81  ALA n 
1 82  ASN n 
1 83  GLY n 
1 84  ASN n 
1 85  ILE n 
1 86  CYS n 
1 87  LEU n 
1 88  ASP n 
1 89  ILE n 
1 90  LEU n 
1 91  LYS n 
1 92  ASP n 
1 93  GLN n 
1 94  TRP n 
1 95  SER n 
1 96  PRO n 
1 97  ALA n 
1 98  LEU n 
1 99  THR n 
1 100 LEU n 
1 101 SER n 
1 102 LYS n 
1 103 VAL n 
1 104 LEU n 
1 105 LEU n 
1 106 SER n 
1 107 ILE n 
1 108 CYS n 
1 109 SER n 
1 110 LEU n 
1 111 LEU n 
1 112 THR n 
1 113 ASP n 
1 114 ALA n 
1 115 ASN n 
1 116 PRO n 
1 117 ASP n 
1 118 ASP n 
1 119 PRO n 
1 120 LEU n 
1 121 VAL n 
1 122 PRO n 
1 123 GLU n 
1 124 ILE n 
1 125 ALA n 
1 126 HIS n 
1 127 ILE n 
1 128 TYR n 
1 129 LYS n 
1 130 THR n 
1 131 ASP n 
1 132 ARG n 
1 133 PRO n 
1 134 LYS n 
1 135 TYR n 
1 136 GLU n 
1 137 ALA n 
1 138 THR n 
1 139 ALA n 
1 140 ARG n 
1 141 GLU n 
1 142 TRP n 
1 143 THR n 
1 144 LYS n 
1 145 LYS n 
1 146 TYR n 
1 147 ALA n 
1 148 VAL n 
# 
_entity_src_nat.entity_id                  1 
_entity_src_nat.pdbx_src_id                1 
_entity_src_nat.pdbx_alt_source_flag       sample 
_entity_src_nat.pdbx_beg_seq_num           ? 
_entity_src_nat.pdbx_end_seq_num           ? 
_entity_src_nat.common_name                
;baker's yeast
;
_entity_src_nat.pdbx_organism_scientific   'Saccharomyces cerevisiae' 
_entity_src_nat.pdbx_ncbi_taxonomy_id      4932 
_entity_src_nat.genus                      Saccharomyces 
_entity_src_nat.species                    ? 
_entity_src_nat.strain                     ? 
_entity_src_nat.tissue                     ? 
_entity_src_nat.tissue_fraction            ? 
_entity_src_nat.pdbx_secretion             ? 
_entity_src_nat.pdbx_fragment              ? 
_entity_src_nat.pdbx_variant               ? 
_entity_src_nat.pdbx_cell_line             ? 
_entity_src_nat.pdbx_atcc                  ? 
_entity_src_nat.pdbx_cellular_location     ? 
_entity_src_nat.pdbx_organ                 ? 
_entity_src_nat.pdbx_organelle             ? 
_entity_src_nat.pdbx_cell                  ? 
_entity_src_nat.pdbx_plasmid_name          ? 
_entity_src_nat.pdbx_plasmid_details       ? 
_entity_src_nat.details                    ? 
# 
loop_
_chem_comp.id 
_chem_comp.type 
_chem_comp.mon_nstd_flag 
_chem_comp.name 
_chem_comp.pdbx_synonyms 
_chem_comp.formula 
_chem_comp.formula_weight 
ALA 'L-peptide linking' y ALANINE         ? 'C3 H7 N O2'     89.093  
ARG 'L-peptide linking' y ARGININE        ? 'C6 H15 N4 O2 1' 175.209 
ASN 'L-peptide linking' y ASPARAGINE      ? 'C4 H8 N2 O3'    132.118 
ASP 'L-peptide linking' y 'ASPARTIC ACID' ? 'C4 H7 N O4'     133.103 
CYS 'L-peptide linking' y CYSTEINE        ? 'C3 H7 N O2 S'   121.158 
GLN 'L-peptide linking' y GLUTAMINE       ? 'C5 H10 N2 O3'   146.144 
GLU 'L-peptide linking' y 'GLUTAMIC ACID' ? 'C5 H9 N O4'     147.129 
GLY 'peptide linking'   y GLYCINE         ? 'C2 H5 N O2'     75.067  
HIS 'L-peptide linking' y HISTIDINE       ? 'C6 H10 N3 O2 1' 156.162 
ILE 'L-peptide linking' y ISOLEUCINE      ? 'C6 H13 N O2'    131.173 
LEU 'L-peptide linking' y LEUCINE         ? 'C6 H13 N O2'    131.173 
LYS 'L-peptide linking' y LYSINE          ? 'C6 H15 N2 O2 1' 147.195 
MET 'L-peptide linking' y METHIONINE      ? 'C5 H11 N O2 S'  149.211 
PHE 'L-peptide linking' y PHENYLALANINE   ? 'C9 H11 N O2'    165.189 
PRO 'L-peptide linking' y PROLINE         ? 'C5 H9 N O2'     115.130 
SER 'L-peptide linking' y SERINE          ? 'C3 H7 N O3'     105.093 
THR 'L-peptide linking' y THREONINE       ? 'C4 H9 N O3'     119.119 
TRP 'L-peptide linking' y TRYPTOPHAN      ? 'C11 H12 N2 O2'  204.225 
TYR 'L-peptide linking' y TYROSINE        ? 'C9 H11 N O3'    181.189 
VAL 'L-peptide linking' y VALINE          ? 'C5 H11 N O2'    117.146 
# 
loop_
_pdbx_poly_seq_scheme.asym_id 
_pdbx_poly_seq_scheme.entity_id 
_pdbx_poly_seq_scheme.seq_id 
_pdbx_poly_seq_scheme.mon_id 
_pdbx_poly_seq_scheme.ndb_seq_num 
_pdbx_poly_seq_scheme.pdb_seq_num 
_pdbx_poly_seq_scheme.auth_seq_num 
_pdbx_poly_seq_scheme.pdb_mon_id 
_pdbx_poly_seq_scheme.auth_mon_id 
_pdbx_poly_seq_scheme.pdb_strand_id 
_pdbx_poly_seq_scheme.pdb_ins_code 
_pdbx_poly_seq_scheme.hetero 
A 1 1   MET 1   1   1   MET MET A . n 
A 1 2   SER 2   2   2   SER SER A . n 
A 1 3   SER 3   3   3   SER SER A . n 
A 1 4   SER 4   4   4   SER SER A . n 
A 1 5   LYS 5   5   5   LYS LYS A . n 
A 1 6   ARG 6   6   6   ARG ARG A . n 
A 1 7   ILE 7   7   7   ILE ILE A . n 
A 1 8   ALA 8   8   8   ALA ALA A . n 
A 1 9   LYS 9   9   9   LYS LYS A . n 
A 1 10  GLU 10  10  10  GLU GLU A . n 
A 1 11  LEU 11  11  11  LEU LEU A . n 
A 1 12  SER 12  12  12  SER SER A . n 
A 1 13  ASP 13  13  13  ASP ASP A . n 
A 1 14  LEU 14  14  14  LEU LEU A . n 
A 1 15  GLU 15  15  15  GLU GLU A . n 
A 1 16  ARG 16  16  16  ARG ARG A . n 
A 1 17  ASP 17  17  17  ASP ASP A . n 
A 1 18  PRO 18  18  18  PRO PRO A . n 
A 1 19  PRO 19  19  19  PRO PRO A . n 
A 1 20  THR 20  20  20  THR THR A . n 
A 1 21  SER 21  21  21  SER SER A . n 
A 1 22  CYS 22  22  22  CYS CYS A . n 
A 1 23  SER 23  23  23  SER SER A . n 
A 1 24  ALA 24  24  24  ALA ALA A . n 
A 1 25  GLY 25  25  25  GLY GLY A . n 
A 1 26  PRO 26  26  26  PRO PRO A . n 
A 1 27  VAL 27  27  27  VAL VAL A . n 
A 1 28  GLY 28  28  28  GLY GLY A . n 
A 1 29  ASP 29  29  29  ASP ASP A . n 
A 1 30  ASP 30  30  30  ASP ASP A . n 
A 1 31  LEU 31  31  31  LEU LEU A . n 
A 1 32  TYR 32  32  32  TYR TYR A . n 
A 1 33  HIS 33  33  33  HIS HIS A . n 
A 1 34  TRP 34  34  34  TRP TRP A . n 
A 1 35  GLN 35  35  35  GLN GLN A . n 
A 1 36  ALA 36  36  36  ALA ALA A . n 
A 1 37  SER 37  37  37  SER SER A . n 
A 1 38  ILE 38  38  38  ILE ILE A . n 
A 1 39  MET 39  39  39  MET MET A . n 
A 1 40  GLY 40  40  40  GLY GLY A . n 
A 1 41  PRO 41  41  41  PRO PRO A . n 
A 1 42  ALA 42  42  42  ALA ALA A . n 
A 1 43  ASP 43  43  43  ASP ASP A . n 
A 1 44  SER 44  44  44  SER SER A . n 
A 1 45  PRO 45  45  45  PRO PRO A . n 
A 1 46  TYR 46  46  46  TYR TYR A . n 
A 1 47  ALA 47  47  47  ALA ALA A . n 
A 1 48  GLY 48  48  48  GLY GLY A . n 
A 1 49  GLY 49  49  49  GLY GLY A . n 
A 1 50  VAL 50  50  50  VAL VAL A . n 
A 1 51  PHE 51  51  51  PHE PHE A . n 
A 1 52  PHE 52  52  52  PHE PHE A . n 
A 1 53  LEU 53  53  53  LEU LEU A . n 
A 1 54  SER 54  54  54  SER SER A . n 
A 1 55  ILE 55  55  55  ILE ILE A . n 
A 1 56  HIS 56  56  56  HIS HIS A . n 
A 1 57  PHE 57  57  57  PHE PHE A . n 
A 1 58  PRO 58  58  58  PRO PRO A . n 
A 1 59  THR 59  59  59  THR THR A . n 
A 1 60  ASP 60  60  60  ASP ASP A . n 
A 1 61  TYR 61  61  61  TYR TYR A . n 
A 1 62  PRO 62  62  62  PRO PRO A . n 
A 1 63  PHE 63  63  63  PHE PHE A . n 
A 1 64  LYS 64  64  64  LYS LYS A . n 
A 1 65  PRO 65  65  65  PRO PRO A . n 
A 1 66  PRO 66  66  66  PRO PRO A . n 
A 1 67  LYS 67  67  67  LYS LYS A . n 
A 1 68  ILE 68  68  68  ILE ILE A . n 
A 1 69  SER 69  69  69  SER SER A . n 
A 1 70  PHE 70  70  70  PHE PHE A . n 
A 1 71  THR 71  71  71  THR THR A . n 
A 1 72  THR 72  72  72  THR THR A . n 
A 1 73  LYS 73  73  73  LYS LYS A . n 
A 1 74  ILE 74  74  74  ILE ILE A . n 
A 1 75  TYR 75  75  75  TYR TYR A . n 
A 1 76  HIS 76  76  76  HIS HIS A . n 
A 1 77  PRO 77  77  77  PRO PRO A . n 
A 1 78  ASN 78  78  78  ASN ASN A . n 
A 1 79  ILE 79  79  79  ILE ILE A . n 
A 1 80  ASN 80  80  80  ASN ASN A . n 
A 1 81  ALA 81  81  81  ALA ALA A . n 
A 1 82  ASN 82  82  82  ASN ASN A . n 
A 1 83  GLY 83  83  83  GLY GLY A . n 
A 1 84  ASN 84  84  84  ASN ASN A . n 
A 1 85  ILE 85  85  85  ILE ILE A . n 
A 1 86  CYS 86  86  86  CYS CYS A . n 
A 1 87  LEU 87  87  87  LEU LEU A . n 
A 1 88  ASP 88  88  88  ASP ASP A . n 
A 1 89  ILE 89  89  89  ILE ILE A . n 
A 1 90  LEU 90  90  90  LEU LEU A . n 
A 1 91  LYS 91  91  91  LYS LYS A . n 
A 1 92  ASP 92  92  92  ASP ASP A . n 
A 1 93  GLN 93  93  93  GLN GLN A . n 
A 1 94  TRP 94  94  94  TRP TRP A . n 
A 1 95  SER 95  95  95  SER SER A . n 
A 1 96  PRO 96  96  96  PRO PRO A . n 
A 1 97  ALA 97  97  97  ALA ALA A . n 
A 1 98  LEU 98  98  98  LEU LEU A . n 
A 1 99  THR 99  99  99  THR THR A . n 
A 1 100 LEU 100 100 100 LEU LEU A . n 
A 1 101 SER 101 101 101 SER SER A . n 
A 1 102 LYS 102 102 102 LYS LYS A . n 
A 1 103 VAL 103 103 103 VAL VAL A . n 
A 1 104 LEU 104 104 104 LEU LEU A . n 
A 1 105 LEU 105 105 105 LEU LEU A . n 
A 1 106 SER 106 106 106 SER SER A . n 
A 1 107 ILE 107 107 107 ILE ILE A . n 
A 1 108 CYS 108 108 108 CYS CYS A . n 
A 1 109 SER 109 109 109 SER SER A . n 
A 1 110 LEU 110 110 110 LEU LEU A . n 
A 1 111 LEU 111 111 111 LEU LEU A . n 
A 1 112 THR 112 112 112 THR THR A . n 
A 1 113 ASP 113 113 113 ASP ASP A . n 
A 1 114 ALA 114 114 114 ALA ALA A . n 
A 1 115 ASN 115 115 115 ASN ASN A . n 
A 1 116 PRO 116 116 116 PRO PRO A . n 
A 1 117 ASP 117 117 117 ASP ASP A . n 
A 1 118 ASP 118 118 118 ASP ASP A . n 
A 1 119 PRO 119 119 119 PRO PRO A . n 
A 1 120 LEU 120 120 120 LEU LEU A . n 
A 1 121 VAL 121 121 121 VAL VAL A . n 
A 1 122 PRO 122 122 122 PRO PRO A . n 
A 1 123 GLU 123 123 123 GLU GLU A . n 
A 1 124 ILE 124 124 124 ILE ILE A . n 
A 1 125 ALA 125 125 125 ALA ALA A . n 
A 1 126 HIS 126 126 126 HIS HIS A . n 
A 1 127 ILE 127 127 127 ILE ILE A . n 
A 1 128 TYR 128 128 128 TYR TYR A . n 
A 1 129 LYS 129 129 129 LYS LYS A . n 
A 1 130 THR 130 130 130 THR THR A . n 
A 1 131 ASP 131 131 131 ASP ASP A . n 
A 1 132 ARG 132 132 132 ARG ARG A . n 
A 1 133 PRO 133 133 133 PRO PRO A . n 
A 1 134 LYS 134 134 134 LYS LYS A . n 
A 1 135 TYR 135 135 135 TYR TYR A . n 
A 1 136 GLU 136 136 136 GLU GLU A . n 
A 1 137 ALA 137 137 137 ALA ALA A . n 
A 1 138 THR 138 138 138 THR THR A . n 
A 1 139 ALA 139 139 139 ALA ALA A . n 
A 1 140 ARG 140 140 140 ARG ARG A . n 
A 1 141 GLU 141 141 141 GLU GLU A . n 
A 1 142 TRP 142 142 142 TRP TRP A . n 
A 1 143 THR 143 143 143 THR THR A . n 
A 1 144 LYS 144 144 144 LYS LYS A . n 
A 1 145 LYS 145 145 145 LYS LYS A . n 
A 1 146 TYR 146 146 146 TYR TYR A . n 
A 1 147 ALA 147 147 147 ALA ALA A . n 
A 1 148 VAL 148 148 148 VAL VAL A . n 
# 
loop_
_software.name 
_software.classification 
_software.version 
_software.citation_id 
_software.pdbx_ordinal 
X-PLOR 'model building' .   ? 1 
CNS    refinement       0.4 ? 2 
X-GEN  'data reduction' .   ? 3 
X-GEN  'data scaling'   .   ? 4 
X-PLOR phasing          .   ? 5 
# 
_cell.entry_id           1QCQ 
_cell.length_a           66.900 
_cell.length_b           66.900 
_cell.length_c           91.800 
_cell.angle_alpha        90.00 
_cell.angle_beta         90.00 
_cell.angle_gamma        90.00 
_cell.Z_PDB              8 
_cell.pdbx_unique_axis   ? 
# 
_symmetry.entry_id                         1QCQ 
_symmetry.space_group_name_H-M             'P 41 21 2' 
_symmetry.pdbx_full_space_group_name_H-M   ? 
_symmetry.cell_setting                     tetragonal 
_symmetry.Int_Tables_number                92 
# 
_exptl.entry_id          1QCQ 
_exptl.method            'X-RAY DIFFRACTION' 
_exptl.crystals_number   4 
# 
_exptl_crystal.id                    1 
_exptl_crystal.density_meas          ? 
_exptl_crystal.density_Matthews      3.11 
_exptl_crystal.density_percent_sol   60.51 
_exptl_crystal.description           ? 
# 
_exptl_crystal_grow.crystal_id      1 
_exptl_crystal_grow.method          'VAPOR DIFFUSION, HANGING DROP' 
_exptl_crystal_grow.temp            ? 
_exptl_crystal_grow.temp_details    ? 
_exptl_crystal_grow.pH              5.8 
_exptl_crystal_grow.pdbx_details    'PEG 8000, MAGNESIUM ACETATE, CACODYLATE, pH 5.8, VAPOR DIFFUSION, HANGING DROP' 
_exptl_crystal_grow.pdbx_pH_range   . 
# 
loop_
_diffrn.id 
_diffrn.ambient_temp 
_diffrn.ambient_temp_details 
_diffrn.crystal_id 
1 295.0 ? 1 
2 ?     ? 1 
3 ?     ? 1 
4 ?     ? 1 
# 
loop_
_diffrn_detector.diffrn_id 
_diffrn_detector.detector 
_diffrn_detector.type 
_diffrn_detector.pdbx_collection_date 
_diffrn_detector.details 
1 'AREA DETECTOR' NICOLET 1992-12-16 ? 
2 'AREA DETECTOR' NICOLET 1992-12-17 ? 
3 'AREA DETECTOR' NICOLET 1993-01-20 ? 
4 'AREA DETECTOR' NICOLET 1993-01-22 ? 
# 
_diffrn_radiation.diffrn_id                        1 
_diffrn_radiation.wavelength_id                    1 
_diffrn_radiation.pdbx_monochromatic_or_laue_m_l   M 
_diffrn_radiation.monochromator                    ? 
_diffrn_radiation.pdbx_diffrn_protocol             'SINGLE WAVELENGTH' 
_diffrn_radiation.pdbx_scattering_type             x-ray 
# 
_diffrn_radiation_wavelength.id           1 
_diffrn_radiation_wavelength.wavelength   1.5418 
_diffrn_radiation_wavelength.wt           1.0 
# 
_diffrn_source.diffrn_id                   1 
_diffrn_source.source                      'ROTATING ANODE' 
_diffrn_source.type                        'RIGAKU RU300' 
_diffrn_source.pdbx_synchrotron_site       ? 
_diffrn_source.pdbx_synchrotron_beamline   ? 
_diffrn_source.pdbx_wavelength             1.5418 
_diffrn_source.pdbx_wavelength_list        ? 
# 
_reflns.entry_id                     1QCQ 
_reflns.observed_criterion_sigma_I   0.0 
_reflns.observed_criterion_sigma_F   ? 
_reflns.d_resolution_low             100.0 
_reflns.d_resolution_high            2.7 
_reflns.number_obs                   5940 
_reflns.number_all                   ? 
_reflns.percent_possible_obs         97.0 
_reflns.pdbx_Rmerge_I_obs            0.1340000 
_reflns.pdbx_Rsym_value              ? 
_reflns.pdbx_netI_over_sigmaI        10.2 
_reflns.B_iso_Wilson_estimate        37.5 
_reflns.pdbx_redundancy              3.8 
_reflns.R_free_details               ? 
_reflns.limit_h_max                  ? 
_reflns.limit_h_min                  ? 
_reflns.limit_k_max                  ? 
_reflns.limit_k_min                  ? 
_reflns.limit_l_max                  ? 
_reflns.limit_l_min                  ? 
_reflns.observed_criterion_F_max     ? 
_reflns.observed_criterion_F_min     ? 
_reflns.pdbx_diffrn_id               1 
_reflns.pdbx_ordinal                 1 
# 
_reflns_shell.d_res_high             2.7 
_reflns_shell.d_res_low              2.87 
_reflns_shell.percent_possible_all   87.0 
_reflns_shell.Rmerge_I_obs           0.3680000 
_reflns_shell.pdbx_Rsym_value        ? 
_reflns_shell.meanI_over_sigI_obs    ? 
_reflns_shell.pdbx_redundancy        2.2 
_reflns_shell.percent_possible_obs   ? 
_reflns_shell.number_unique_all      ? 
_reflns_shell.pdbx_diffrn_id         ? 
_reflns_shell.pdbx_ordinal           1 
# 
_refine.entry_id                                 1QCQ 
_refine.ls_number_reflns_obs                     5624 
_refine.ls_number_reflns_all                     ? 
_refine.pdbx_ls_sigma_I                          ? 
_refine.pdbx_ls_sigma_F                          0.0 
_refine.pdbx_data_cutoff_high_absF               ? 
_refine.pdbx_data_cutoff_low_absF                ? 
_refine.pdbx_data_cutoff_high_rms_absF           ? 
_refine.ls_d_res_low                             100.0 
_refine.ls_d_res_high                            2.7 
_refine.ls_percent_reflns_obs                    91.8 
_refine.ls_R_factor_obs                          ? 
_refine.ls_R_factor_all                          ? 
_refine.ls_R_factor_R_work                       0.2400000 
_refine.ls_R_factor_R_free                       0.2960000 
_refine.ls_R_factor_R_free_error                 0.016 
_refine.ls_R_factor_R_free_error_details         ? 
_refine.ls_percent_reflns_R_free                 5.8 
_refine.ls_number_reflns_R_free                  325 
_refine.ls_number_parameters                     ? 
_refine.ls_number_restraints                     ? 
_refine.occupancy_min                            ? 
_refine.occupancy_max                            ? 
_refine.B_iso_mean                               24.0 
_refine.aniso_B[1][1]                            ? 
_refine.aniso_B[2][2]                            ? 
_refine.aniso_B[3][3]                            ? 
_refine.aniso_B[1][2]                            ? 
_refine.aniso_B[1][3]                            ? 
_refine.aniso_B[2][3]                            ? 
_refine.solvent_model_details                    'FLAT MODEL' 
_refine.solvent_model_param_ksol                 0.31 
_refine.solvent_model_param_bsol                 25.84 
_refine.pdbx_ls_cross_valid_method               THROUGHOUT 
_refine.details                                  ? 
_refine.pdbx_starting_model                      ? 
_refine.pdbx_method_to_determine_struct          ? 
_refine.pdbx_isotropic_thermal_model             RESTRAINED 
_refine.pdbx_stereochemistry_target_values       'ENGH & HUBER' 
_refine.pdbx_stereochem_target_val_spec_case     ? 
_refine.pdbx_R_Free_selection_details            RANDOM 
_refine.pdbx_overall_ESU_R                       ? 
_refine.pdbx_overall_ESU_R_Free                  ? 
_refine.overall_SU_ML                            ? 
_refine.overall_SU_B                             ? 
_refine.ls_redundancy_reflns_obs                 ? 
_refine.B_iso_min                                ? 
_refine.B_iso_max                                ? 
_refine.pdbx_refine_id                           'X-RAY DIFFRACTION' 
_refine.pdbx_diffrn_id                           1 
_refine.pdbx_TLS_residual_ADP_flag               ? 
_refine.correlation_coeff_Fo_to_Fc               ? 
_refine.correlation_coeff_Fo_to_Fc_free          ? 
_refine.pdbx_solvent_vdw_probe_radii             ? 
_refine.pdbx_solvent_ion_probe_radii             ? 
_refine.pdbx_solvent_shrinkage_radii             ? 
_refine.pdbx_overall_phase_error                 ? 
_refine.overall_SU_R_Cruickshank_DPI             ? 
_refine.pdbx_overall_SU_R_free_Cruickshank_DPI   ? 
_refine.pdbx_overall_SU_R_Blow_DPI               ? 
_refine.pdbx_overall_SU_R_free_Blow_DPI          ? 
# 
_refine_analyze.entry_id                        1QCQ 
_refine_analyze.Luzzati_coordinate_error_obs    0.38 
_refine_analyze.Luzzati_sigma_a_obs             0.47 
_refine_analyze.Luzzati_d_res_low_obs           5.0 
_refine_analyze.Luzzati_coordinate_error_free   0.43 
_refine_analyze.Luzzati_sigma_a_free            0.34 
_refine_analyze.Luzzati_d_res_low_free          ? 
_refine_analyze.number_disordered_residues      ? 
_refine_analyze.occupancy_sum_hydrogen          ? 
_refine_analyze.occupancy_sum_non_hydrogen      ? 
_refine_analyze.pdbx_Luzzati_d_res_high_obs     ? 
_refine_analyze.pdbx_refine_id                  'X-RAY DIFFRACTION' 
# 
_refine_hist.pdbx_refine_id                   'X-RAY DIFFRACTION' 
_refine_hist.cycle_id                         LAST 
_refine_hist.pdbx_number_atoms_protein        1161 
_refine_hist.pdbx_number_atoms_nucleic_acid   0 
_refine_hist.pdbx_number_atoms_ligand         0 
_refine_hist.number_atoms_solvent             0 
_refine_hist.number_atoms_total               1161 
_refine_hist.d_res_high                       2.7 
_refine_hist.d_res_low                        100.0 
# 
loop_
_refine_ls_restr.type 
_refine_ls_restr.dev_ideal 
_refine_ls_restr.dev_ideal_target 
_refine_ls_restr.weight 
_refine_ls_restr.number 
_refine_ls_restr.pdbx_refine_id 
_refine_ls_restr.pdbx_restraint_function 
c_bond_d                0.008 ?    ? ? 'X-RAY DIFFRACTION' ? 
c_bond_d_na             ?     ?    ? ? 'X-RAY DIFFRACTION' ? 
c_bond_d_prot           ?     ?    ? ? 'X-RAY DIFFRACTION' ? 
c_angle_d               ?     ?    ? ? 'X-RAY DIFFRACTION' ? 
c_angle_d_na            ?     ?    ? ? 'X-RAY DIFFRACTION' ? 
c_angle_d_prot          ?     ?    ? ? 'X-RAY DIFFRACTION' ? 
c_angle_deg             1.4   ?    ? ? 'X-RAY DIFFRACTION' ? 
c_angle_deg_na          ?     ?    ? ? 'X-RAY DIFFRACTION' ? 
c_angle_deg_prot        ?     ?    ? ? 'X-RAY DIFFRACTION' ? 
c_dihedral_angle_d      23.4  ?    ? ? 'X-RAY DIFFRACTION' ? 
c_dihedral_angle_d_na   ?     ?    ? ? 'X-RAY DIFFRACTION' ? 
c_dihedral_angle_d_prot ?     ?    ? ? 'X-RAY DIFFRACTION' ? 
c_improper_angle_d      1.02  ?    ? ? 'X-RAY DIFFRACTION' ? 
c_improper_angle_d_na   ?     ?    ? ? 'X-RAY DIFFRACTION' ? 
c_improper_angle_d_prot ?     ?    ? ? 'X-RAY DIFFRACTION' ? 
c_mcbond_it             1.63  1.50 ? ? 'X-RAY DIFFRACTION' ? 
c_mcangle_it            2.73  2.00 ? ? 'X-RAY DIFFRACTION' ? 
c_scbond_it             2.44  2.00 ? ? 'X-RAY DIFFRACTION' ? 
c_scangle_it            3.65  2.50 ? ? 'X-RAY DIFFRACTION' ? 
# 
_refine_ls_shell.pdbx_total_number_of_bins_used   6 
_refine_ls_shell.d_res_high                       2.70 
_refine_ls_shell.d_res_low                        2.87 
_refine_ls_shell.number_reflns_R_work             686 
_refine_ls_shell.R_factor_R_work                  0.4090000 
_refine_ls_shell.percent_reflns_obs               74.1 
_refine_ls_shell.R_factor_R_free                  0.3390000 
_refine_ls_shell.R_factor_R_free_error            0.049 
_refine_ls_shell.percent_reflns_R_free            6.5 
_refine_ls_shell.number_reflns_R_free             48 
_refine_ls_shell.redundancy_reflns_obs            ? 
_refine_ls_shell.number_reflns_all                ? 
_refine_ls_shell.number_reflns_obs                ? 
_refine_ls_shell.pdbx_refine_id                   'X-RAY DIFFRACTION' 
_refine_ls_shell.R_factor_all                     ? 
# 
_pdbx_xplor_file.serial_no        1 
_pdbx_xplor_file.param_file       PROTEIN_REP.PA 
_pdbx_xplor_file.topol_file       PROTEIN.TOP 
_pdbx_xplor_file.pdbx_refine_id   'X-RAY DIFFRACTION' 
# 
_struct.entry_id                  1QCQ 
_struct.title                     'UBIQUITIN CONJUGATING ENZYME' 
_struct.pdbx_model_details        ? 
_struct.pdbx_CASP_flag            ? 
_struct.pdbx_model_type_details   ? 
# 
_struct_keywords.entry_id        1QCQ 
_struct_keywords.pdbx_keywords   LIGASE 
_struct_keywords.text            'UBIQUITIN, UBIQUITIN-CONJUGATING ENZYME, YEAST, LIGASE' 
# 
_struct_asym.id                            A 
_struct_asym.pdbx_blank_PDB_chainid_flag   N 
_struct_asym.pdbx_modified                 N 
_struct_asym.entity_id                     1 
_struct_asym.details                       ? 
# 
_struct_ref.id                         1 
_struct_ref.db_name                    UNP 
_struct_ref.db_code                    UBC4_YEAST 
_struct_ref.entity_id                  1 
_struct_ref.pdbx_db_accession          P15731 
_struct_ref.pdbx_align_begin           ? 
_struct_ref.pdbx_seq_one_letter_code   ? 
_struct_ref.pdbx_db_isoform            ? 
# 
_struct_ref_seq.align_id                      1 
_struct_ref_seq.ref_id                        1 
_struct_ref_seq.pdbx_PDB_id_code              1QCQ 
_struct_ref_seq.pdbx_strand_id                A 
_struct_ref_seq.seq_align_beg                 1 
_struct_ref_seq.pdbx_seq_align_beg_ins_code   ? 
_struct_ref_seq.seq_align_end                 148 
_struct_ref_seq.pdbx_seq_align_end_ins_code   ? 
_struct_ref_seq.pdbx_db_accession             P15731 
_struct_ref_seq.db_align_beg                  1 
_struct_ref_seq.pdbx_db_align_beg_ins_code    ? 
_struct_ref_seq.db_align_end                  148 
_struct_ref_seq.pdbx_db_align_end_ins_code    ? 
_struct_ref_seq.pdbx_auth_seq_align_beg       1 
_struct_ref_seq.pdbx_auth_seq_align_end       148 
# 
_pdbx_struct_assembly.id                   1 
_pdbx_struct_assembly.details              author_defined_assembly 
_pdbx_struct_assembly.method_details       ? 
_pdbx_struct_assembly.oligomeric_details   monomeric 
_pdbx_struct_assembly.oligomeric_count     1 
# 
_pdbx_struct_assembly_gen.assembly_id       1 
_pdbx_struct_assembly_gen.oper_expression   1 
_pdbx_struct_assembly_gen.asym_id_list      A 
# 
_pdbx_struct_oper_list.id                   1 
_pdbx_struct_oper_list.type                 'identity operation' 
_pdbx_struct_oper_list.name                 1_555 
_pdbx_struct_oper_list.symmetry_operation   x,y,z 
_pdbx_struct_oper_list.matrix[1][1]         1.0000000000 
_pdbx_struct_oper_list.matrix[1][2]         0.0000000000 
_pdbx_struct_oper_list.matrix[1][3]         0.0000000000 
_pdbx_struct_oper_list.vector[1]            0.0000000000 
_pdbx_struct_oper_list.matrix[2][1]         0.0000000000 
_pdbx_struct_oper_list.matrix[2][2]         1.0000000000 
_pdbx_struct_oper_list.matrix[2][3]         0.0000000000 
_pdbx_struct_oper_list.vector[2]            0.0000000000 
_pdbx_struct_oper_list.matrix[3][1]         0.0000000000 
_pdbx_struct_oper_list.matrix[3][2]         0.0000000000 
_pdbx_struct_oper_list.matrix[3][3]         1.0000000000 
_pdbx_struct_oper_list.vector[3]            0.0000000000 
# 
_struct_biol.id   1 
# 
loop_
_struct_conf.conf_type_id 
_struct_conf.id 
_struct_conf.pdbx_PDB_helix_id 
_struct_conf.beg_label_comp_id 
_struct_conf.beg_label_asym_id 
_struct_conf.beg_label_seq_id 
_struct_conf.pdbx_beg_PDB_ins_code 
_struct_conf.end_label_comp_id 
_struct_conf.end_label_asym_id 
_struct_conf.end_label_seq_id 
_struct_conf.pdbx_end_PDB_ins_code 
_struct_conf.beg_auth_comp_id 
_struct_conf.beg_auth_asym_id 
_struct_conf.beg_auth_seq_id 
_struct_conf.end_auth_comp_id 
_struct_conf.end_auth_asym_id 
_struct_conf.end_auth_seq_id 
_struct_conf.pdbx_PDB_helix_class 
_struct_conf.details 
_struct_conf.pdbx_PDB_helix_length 
HELX_P HELX_P1 1 MET A 1   ? ARG A 16  ? MET A 1   ARG A 16  1 ? 16 
HELX_P HELX_P2 2 LEU A 87  ? LYS A 91  ? LEU A 87  LYS A 91  5 ? 5  
HELX_P HELX_P3 3 THR A 99  ? ASP A 113 ? THR A 99  ASP A 113 1 ? 15 
HELX_P HELX_P4 4 VAL A 121 ? ASP A 131 ? VAL A 121 ASP A 131 1 ? 11 
HELX_P HELX_P5 5 ASP A 131 ? ALA A 147 ? ASP A 131 ALA A 147 1 ? 17 
# 
_struct_conf_type.id          HELX_P 
_struct_conf_type.criteria    ? 
_struct_conf_type.reference   ? 
# 
_struct_mon_prot_cis.pdbx_id                1 
_struct_mon_prot_cis.label_comp_id          TYR 
_struct_mon_prot_cis.label_seq_id           61 
_struct_mon_prot_cis.label_asym_id          A 
_struct_mon_prot_cis.label_alt_id           . 
_struct_mon_prot_cis.pdbx_PDB_ins_code      ? 
_struct_mon_prot_cis.auth_comp_id           TYR 
_struct_mon_prot_cis.auth_seq_id            61 
_struct_mon_prot_cis.auth_asym_id           A 
_struct_mon_prot_cis.pdbx_label_comp_id_2   PRO 
_struct_mon_prot_cis.pdbx_label_seq_id_2    62 
_struct_mon_prot_cis.pdbx_label_asym_id_2   A 
_struct_mon_prot_cis.pdbx_PDB_ins_code_2    ? 
_struct_mon_prot_cis.pdbx_auth_comp_id_2    PRO 
_struct_mon_prot_cis.pdbx_auth_seq_id_2     62 
_struct_mon_prot_cis.pdbx_auth_asym_id_2    A 
_struct_mon_prot_cis.pdbx_PDB_model_num     1 
_struct_mon_prot_cis.pdbx_omega_angle       0.19 
# 
_struct_sheet.id               A 
_struct_sheet.type             ? 
_struct_sheet.number_strands   4 
_struct_sheet.details          ? 
# 
loop_
_struct_sheet_order.sheet_id 
_struct_sheet_order.range_id_1 
_struct_sheet_order.range_id_2 
_struct_sheet_order.offset 
_struct_sheet_order.sense 
A 1 2 ? anti-parallel 
A 2 3 ? anti-parallel 
A 3 4 ? anti-parallel 
# 
loop_
_struct_sheet_range.sheet_id 
_struct_sheet_range.id 
_struct_sheet_range.beg_label_comp_id 
_struct_sheet_range.beg_label_asym_id 
_struct_sheet_range.beg_label_seq_id 
_struct_sheet_range.pdbx_beg_PDB_ins_code 
_struct_sheet_range.end_label_comp_id 
_struct_sheet_range.end_label_asym_id 
_struct_sheet_range.end_label_seq_id 
_struct_sheet_range.pdbx_end_PDB_ins_code 
_struct_sheet_range.beg_auth_comp_id 
_struct_sheet_range.beg_auth_asym_id 
_struct_sheet_range.beg_auth_seq_id 
_struct_sheet_range.end_auth_comp_id 
_struct_sheet_range.end_auth_asym_id 
_struct_sheet_range.end_auth_seq_id 
A 1 CYS A 22 ? VAL A 27 ? CYS A 22 VAL A 27 
A 2 ASP A 30 ? MET A 39 ? ASP A 30 MET A 39 
A 3 VAL A 50 ? HIS A 56 ? VAL A 50 HIS A 56 
A 4 LYS A 67 ? PHE A 70 ? LYS A 67 PHE A 70 
# 
loop_
_pdbx_struct_sheet_hbond.sheet_id 
_pdbx_struct_sheet_hbond.range_id_1 
_pdbx_struct_sheet_hbond.range_id_2 
_pdbx_struct_sheet_hbond.range_1_label_atom_id 
_pdbx_struct_sheet_hbond.range_1_label_comp_id 
_pdbx_struct_sheet_hbond.range_1_label_asym_id 
_pdbx_struct_sheet_hbond.range_1_label_seq_id 
_pdbx_struct_sheet_hbond.range_1_PDB_ins_code 
_pdbx_struct_sheet_hbond.range_1_auth_atom_id 
_pdbx_struct_sheet_hbond.range_1_auth_comp_id 
_pdbx_struct_sheet_hbond.range_1_auth_asym_id 
_pdbx_struct_sheet_hbond.range_1_auth_seq_id 
_pdbx_struct_sheet_hbond.range_2_label_atom_id 
_pdbx_struct_sheet_hbond.range_2_label_comp_id 
_pdbx_struct_sheet_hbond.range_2_label_asym_id 
_pdbx_struct_sheet_hbond.range_2_label_seq_id 
_pdbx_struct_sheet_hbond.range_2_PDB_ins_code 
_pdbx_struct_sheet_hbond.range_2_auth_atom_id 
_pdbx_struct_sheet_hbond.range_2_auth_comp_id 
_pdbx_struct_sheet_hbond.range_2_auth_asym_id 
_pdbx_struct_sheet_hbond.range_2_auth_seq_id 
A 1 2 O VAL A 27 ? O VAL A 27 N ASP A 30 ? N ASP A 30 
A 2 3 O ILE A 38 ? O ILE A 38 N PHE A 51 ? N PHE A 51 
A 3 4 O HIS A 56 ? O HIS A 56 N LYS A 67 ? N LYS A 67 
# 
loop_
_pdbx_validate_torsion.id 
_pdbx_validate_torsion.PDB_model_num 
_pdbx_validate_torsion.auth_comp_id 
_pdbx_validate_torsion.auth_asym_id 
_pdbx_validate_torsion.auth_seq_id 
_pdbx_validate_torsion.PDB_ins_code 
_pdbx_validate_torsion.label_alt_id 
_pdbx_validate_torsion.phi 
_pdbx_validate_torsion.psi 
1 1 GLU A 15  ? ? -56.50  -8.41   
2 1 ARG A 16  ? ? -113.41 -76.20  
3 1 THR A 20  ? ? -93.12  -61.90  
4 1 SER A 23  ? ? -165.49 115.45  
5 1 ASP A 43  ? ? -93.42  44.60   
6 1 LYS A 91  ? ? -142.45 -108.89 
7 1 ALA A 114 ? ? -58.99  -177.88 
8 1 PRO A 119 ? ? -58.90  76.46   
# 
loop_
_chem_comp_atom.comp_id 
_chem_comp_atom.atom_id 
_chem_comp_atom.type_symbol 
_chem_comp_atom.pdbx_aromatic_flag 
_chem_comp_atom.pdbx_stereo_config 
_chem_comp_atom.pdbx_ordinal 
ALA N    N N N 1   
ALA CA   C N S 2   
ALA C    C N N 3   
ALA O    O N N 4   
ALA CB   C N N 5   
ALA OXT  O N N 6   
ALA H    H N N 7   
ALA H2   H N N 8   
ALA HA   H N N 9   
ALA HB1  H N N 10  
ALA HB2  H N N 11  
ALA HB3  H N N 12  
ALA HXT  H N N 13  
ARG N    N N N 14  
ARG CA   C N S 15  
ARG C    C N N 16  
ARG O    O N N 17  
ARG CB   C N N 18  
ARG CG   C N N 19  
ARG CD   C N N 20  
ARG NE   N N N 21  
ARG CZ   C N N 22  
ARG NH1  N N N 23  
ARG NH2  N N N 24  
ARG OXT  O N N 25  
ARG H    H N N 26  
ARG H2   H N N 27  
ARG HA   H N N 28  
ARG HB2  H N N 29  
ARG HB3  H N N 30  
ARG HG2  H N N 31  
ARG HG3  H N N 32  
ARG HD2  H N N 33  
ARG HD3  H N N 34  
ARG HE   H N N 35  
ARG HH11 H N N 36  
ARG HH12 H N N 37  
ARG HH21 H N N 38  
ARG HH22 H N N 39  
ARG HXT  H N N 40  
ASN N    N N N 41  
ASN CA   C N S 42  
ASN C    C N N 43  
ASN O    O N N 44  
ASN CB   C N N 45  
ASN CG   C N N 46  
ASN OD1  O N N 47  
ASN ND2  N N N 48  
ASN OXT  O N N 49  
ASN H    H N N 50  
ASN H2   H N N 51  
ASN HA   H N N 52  
ASN HB2  H N N 53  
ASN HB3  H N N 54  
ASN HD21 H N N 55  
ASN HD22 H N N 56  
ASN HXT  H N N 57  
ASP N    N N N 58  
ASP CA   C N S 59  
ASP C    C N N 60  
ASP O    O N N 61  
ASP CB   C N N 62  
ASP CG   C N N 63  
ASP OD1  O N N 64  
ASP OD2  O N N 65  
ASP OXT  O N N 66  
ASP H    H N N 67  
ASP H2   H N N 68  
ASP HA   H N N 69  
ASP HB2  H N N 70  
ASP HB3  H N N 71  
ASP HD2  H N N 72  
ASP HXT  H N N 73  
CYS N    N N N 74  
CYS CA   C N R 75  
CYS C    C N N 76  
CYS O    O N N 77  
CYS CB   C N N 78  
CYS SG   S N N 79  
CYS OXT  O N N 80  
CYS H    H N N 81  
CYS H2   H N N 82  
CYS HA   H N N 83  
CYS HB2  H N N 84  
CYS HB3  H N N 85  
CYS HG   H N N 86  
CYS HXT  H N N 87  
GLN N    N N N 88  
GLN CA   C N S 89  
GLN C    C N N 90  
GLN O    O N N 91  
GLN CB   C N N 92  
GLN CG   C N N 93  
GLN CD   C N N 94  
GLN OE1  O N N 95  
GLN NE2  N N N 96  
GLN OXT  O N N 97  
GLN H    H N N 98  
GLN H2   H N N 99  
GLN HA   H N N 100 
GLN HB2  H N N 101 
GLN HB3  H N N 102 
GLN HG2  H N N 103 
GLN HG3  H N N 104 
GLN HE21 H N N 105 
GLN HE22 H N N 106 
GLN HXT  H N N 107 
GLU N    N N N 108 
GLU CA   C N S 109 
GLU C    C N N 110 
GLU O    O N N 111 
GLU CB   C N N 112 
GLU CG   C N N 113 
GLU CD   C N N 114 
GLU OE1  O N N 115 
GLU OE2  O N N 116 
GLU OXT  O N N 117 
GLU H    H N N 118 
GLU H2   H N N 119 
GLU HA   H N N 120 
GLU HB2  H N N 121 
GLU HB3  H N N 122 
GLU HG2  H N N 123 
GLU HG3  H N N 124 
GLU HE2  H N N 125 
GLU HXT  H N N 126 
GLY N    N N N 127 
GLY CA   C N N 128 
GLY C    C N N 129 
GLY O    O N N 130 
GLY OXT  O N N 131 
GLY H    H N N 132 
GLY H2   H N N 133 
GLY HA2  H N N 134 
GLY HA3  H N N 135 
GLY HXT  H N N 136 
HIS N    N N N 137 
HIS CA   C N S 138 
HIS C    C N N 139 
HIS O    O N N 140 
HIS CB   C N N 141 
HIS CG   C Y N 142 
HIS ND1  N Y N 143 
HIS CD2  C Y N 144 
HIS CE1  C Y N 145 
HIS NE2  N Y N 146 
HIS OXT  O N N 147 
HIS H    H N N 148 
HIS H2   H N N 149 
HIS HA   H N N 150 
HIS HB2  H N N 151 
HIS HB3  H N N 152 
HIS HD1  H N N 153 
HIS HD2  H N N 154 
HIS HE1  H N N 155 
HIS HE2  H N N 156 
HIS HXT  H N N 157 
ILE N    N N N 158 
ILE CA   C N S 159 
ILE C    C N N 160 
ILE O    O N N 161 
ILE CB   C N S 162 
ILE CG1  C N N 163 
ILE CG2  C N N 164 
ILE CD1  C N N 165 
ILE OXT  O N N 166 
ILE H    H N N 167 
ILE H2   H N N 168 
ILE HA   H N N 169 
ILE HB   H N N 170 
ILE HG12 H N N 171 
ILE HG13 H N N 172 
ILE HG21 H N N 173 
ILE HG22 H N N 174 
ILE HG23 H N N 175 
ILE HD11 H N N 176 
ILE HD12 H N N 177 
ILE HD13 H N N 178 
ILE HXT  H N N 179 
LEU N    N N N 180 
LEU CA   C N S 181 
LEU C    C N N 182 
LEU O    O N N 183 
LEU CB   C N N 184 
LEU CG   C N N 185 
LEU CD1  C N N 186 
LEU CD2  C N N 187 
LEU OXT  O N N 188 
LEU H    H N N 189 
LEU H2   H N N 190 
LEU HA   H N N 191 
LEU HB2  H N N 192 
LEU HB3  H N N 193 
LEU HG   H N N 194 
LEU HD11 H N N 195 
LEU HD12 H N N 196 
LEU HD13 H N N 197 
LEU HD21 H N N 198 
LEU HD22 H N N 199 
LEU HD23 H N N 200 
LEU HXT  H N N 201 
LYS N    N N N 202 
LYS CA   C N S 203 
LYS C    C N N 204 
LYS O    O N N 205 
LYS CB   C N N 206 
LYS CG   C N N 207 
LYS CD   C N N 208 
LYS CE   C N N 209 
LYS NZ   N N N 210 
LYS OXT  O N N 211 
LYS H    H N N 212 
LYS H2   H N N 213 
LYS HA   H N N 214 
LYS HB2  H N N 215 
LYS HB3  H N N 216 
LYS HG2  H N N 217 
LYS HG3  H N N 218 
LYS HD2  H N N 219 
LYS HD3  H N N 220 
LYS HE2  H N N 221 
LYS HE3  H N N 222 
LYS HZ1  H N N 223 
LYS HZ2  H N N 224 
LYS HZ3  H N N 225 
LYS HXT  H N N 226 
MET N    N N N 227 
MET CA   C N S 228 
MET C    C N N 229 
MET O    O N N 230 
MET CB   C N N 231 
MET CG   C N N 232 
MET SD   S N N 233 
MET CE   C N N 234 
MET OXT  O N N 235 
MET H    H N N 236 
MET H2   H N N 237 
MET HA   H N N 238 
MET HB2  H N N 239 
MET HB3  H N N 240 
MET HG2  H N N 241 
MET HG3  H N N 242 
MET HE1  H N N 243 
MET HE2  H N N 244 
MET HE3  H N N 245 
MET HXT  H N N 246 
PHE N    N N N 247 
PHE CA   C N S 248 
PHE C    C N N 249 
PHE O    O N N 250 
PHE CB   C N N 251 
PHE CG   C Y N 252 
PHE CD1  C Y N 253 
PHE CD2  C Y N 254 
PHE CE1  C Y N 255 
PHE CE2  C Y N 256 
PHE CZ   C Y N 257 
PHE OXT  O N N 258 
PHE H    H N N 259 
PHE H2   H N N 260 
PHE HA   H N N 261 
PHE HB2  H N N 262 
PHE HB3  H N N 263 
PHE HD1  H N N 264 
PHE HD2  H N N 265 
PHE HE1  H N N 266 
PHE HE2  H N N 267 
PHE HZ   H N N 268 
PHE HXT  H N N 269 
PRO N    N N N 270 
PRO CA   C N S 271 
PRO C    C N N 272 
PRO O    O N N 273 
PRO CB   C N N 274 
PRO CG   C N N 275 
PRO CD   C N N 276 
PRO OXT  O N N 277 
PRO H    H N N 278 
PRO HA   H N N 279 
PRO HB2  H N N 280 
PRO HB3  H N N 281 
PRO HG2  H N N 282 
PRO HG3  H N N 283 
PRO HD2  H N N 284 
PRO HD3  H N N 285 
PRO HXT  H N N 286 
SER N    N N N 287 
SER CA   C N S 288 
SER C    C N N 289 
SER O    O N N 290 
SER CB   C N N 291 
SER OG   O N N 292 
SER OXT  O N N 293 
SER H    H N N 294 
SER H2   H N N 295 
SER HA   H N N 296 
SER HB2  H N N 297 
SER HB3  H N N 298 
SER HG   H N N 299 
SER HXT  H N N 300 
THR N    N N N 301 
THR CA   C N S 302 
THR C    C N N 303 
THR O    O N N 304 
THR CB   C N R 305 
THR OG1  O N N 306 
THR CG2  C N N 307 
THR OXT  O N N 308 
THR H    H N N 309 
THR H2   H N N 310 
THR HA   H N N 311 
THR HB   H N N 312 
THR HG1  H N N 313 
THR HG21 H N N 314 
THR HG22 H N N 315 
THR HG23 H N N 316 
THR HXT  H N N 317 
TRP N    N N N 318 
TRP CA   C N S 319 
TRP C    C N N 320 
TRP O    O N N 321 
TRP CB   C N N 322 
TRP CG   C Y N 323 
TRP CD1  C Y N 324 
TRP CD2  C Y N 325 
TRP NE1  N Y N 326 
TRP CE2  C Y N 327 
TRP CE3  C Y N 328 
TRP CZ2  C Y N 329 
TRP CZ3  C Y N 330 
TRP CH2  C Y N 331 
TRP OXT  O N N 332 
TRP H    H N N 333 
TRP H2   H N N 334 
TRP HA   H N N 335 
TRP HB2  H N N 336 
TRP HB3  H N N 337 
TRP HD1  H N N 338 
TRP HE1  H N N 339 
TRP HE3  H N N 340 
TRP HZ2  H N N 341 
TRP HZ3  H N N 342 
TRP HH2  H N N 343 
TRP HXT  H N N 344 
TYR N    N N N 345 
TYR CA   C N S 346 
TYR C    C N N 347 
TYR O    O N N 348 
TYR CB   C N N 349 
TYR CG   C Y N 350 
TYR CD1  C Y N 351 
TYR CD2  C Y N 352 
TYR CE1  C Y N 353 
TYR CE2  C Y N 354 
TYR CZ   C Y N 355 
TYR OH   O N N 356 
TYR OXT  O N N 357 
TYR H    H N N 358 
TYR H2   H N N 359 
TYR HA   H N N 360 
TYR HB2  H N N 361 
TYR HB3  H N N 362 
TYR HD1  H N N 363 
TYR HD2  H N N 364 
TYR HE1  H N N 365 
TYR HE2  H N N 366 
TYR HH   H N N 367 
TYR HXT  H N N 368 
VAL N    N N N 369 
VAL CA   C N S 370 
VAL C    C N N 371 
VAL O    O N N 372 
VAL CB   C N N 373 
VAL CG1  C N N 374 
VAL CG2  C N N 375 
VAL OXT  O N N 376 
VAL H    H N N 377 
VAL H2   H N N 378 
VAL HA   H N N 379 
VAL HB   H N N 380 
VAL HG11 H N N 381 
VAL HG12 H N N 382 
VAL HG13 H N N 383 
VAL HG21 H N N 384 
VAL HG22 H N N 385 
VAL HG23 H N N 386 
VAL HXT  H N N 387 
# 
loop_
_chem_comp_bond.comp_id 
_chem_comp_bond.atom_id_1 
_chem_comp_bond.atom_id_2 
_chem_comp_bond.value_order 
_chem_comp_bond.pdbx_aromatic_flag 
_chem_comp_bond.pdbx_stereo_config 
_chem_comp_bond.pdbx_ordinal 
ALA N   CA   sing N N 1   
ALA N   H    sing N N 2   
ALA N   H2   sing N N 3   
ALA CA  C    sing N N 4   
ALA CA  CB   sing N N 5   
ALA CA  HA   sing N N 6   
ALA C   O    doub N N 7   
ALA C   OXT  sing N N 8   
ALA CB  HB1  sing N N 9   
ALA CB  HB2  sing N N 10  
ALA CB  HB3  sing N N 11  
ALA OXT HXT  sing N N 12  
ARG N   CA   sing N N 13  
ARG N   H    sing N N 14  
ARG N   H2   sing N N 15  
ARG CA  C    sing N N 16  
ARG CA  CB   sing N N 17  
ARG CA  HA   sing N N 18  
ARG C   O    doub N N 19  
ARG C   OXT  sing N N 20  
ARG CB  CG   sing N N 21  
ARG CB  HB2  sing N N 22  
ARG CB  HB3  sing N N 23  
ARG CG  CD   sing N N 24  
ARG CG  HG2  sing N N 25  
ARG CG  HG3  sing N N 26  
ARG CD  NE   sing N N 27  
ARG CD  HD2  sing N N 28  
ARG CD  HD3  sing N N 29  
ARG NE  CZ   sing N N 30  
ARG NE  HE   sing N N 31  
ARG CZ  NH1  sing N N 32  
ARG CZ  NH2  doub N N 33  
ARG NH1 HH11 sing N N 34  
ARG NH1 HH12 sing N N 35  
ARG NH2 HH21 sing N N 36  
ARG NH2 HH22 sing N N 37  
ARG OXT HXT  sing N N 38  
ASN N   CA   sing N N 39  
ASN N   H    sing N N 40  
ASN N   H2   sing N N 41  
ASN CA  C    sing N N 42  
ASN CA  CB   sing N N 43  
ASN CA  HA   sing N N 44  
ASN C   O    doub N N 45  
ASN C   OXT  sing N N 46  
ASN CB  CG   sing N N 47  
ASN CB  HB2  sing N N 48  
ASN CB  HB3  sing N N 49  
ASN CG  OD1  doub N N 50  
ASN CG  ND2  sing N N 51  
ASN ND2 HD21 sing N N 52  
ASN ND2 HD22 sing N N 53  
ASN OXT HXT  sing N N 54  
ASP N   CA   sing N N 55  
ASP N   H    sing N N 56  
ASP N   H2   sing N N 57  
ASP CA  C    sing N N 58  
ASP CA  CB   sing N N 59  
ASP CA  HA   sing N N 60  
ASP C   O    doub N N 61  
ASP C   OXT  sing N N 62  
ASP CB  CG   sing N N 63  
ASP CB  HB2  sing N N 64  
ASP CB  HB3  sing N N 65  
ASP CG  OD1  doub N N 66  
ASP CG  OD2  sing N N 67  
ASP OD2 HD2  sing N N 68  
ASP OXT HXT  sing N N 69  
CYS N   CA   sing N N 70  
CYS N   H    sing N N 71  
CYS N   H2   sing N N 72  
CYS CA  C    sing N N 73  
CYS CA  CB   sing N N 74  
CYS CA  HA   sing N N 75  
CYS C   O    doub N N 76  
CYS C   OXT  sing N N 77  
CYS CB  SG   sing N N 78  
CYS CB  HB2  sing N N 79  
CYS CB  HB3  sing N N 80  
CYS SG  HG   sing N N 81  
CYS OXT HXT  sing N N 82  
GLN N   CA   sing N N 83  
GLN N   H    sing N N 84  
GLN N   H2   sing N N 85  
GLN CA  C    sing N N 86  
GLN CA  CB   sing N N 87  
GLN CA  HA   sing N N 88  
GLN C   O    doub N N 89  
GLN C   OXT  sing N N 90  
GLN CB  CG   sing N N 91  
GLN CB  HB2  sing N N 92  
GLN CB  HB3  sing N N 93  
GLN CG  CD   sing N N 94  
GLN CG  HG2  sing N N 95  
GLN CG  HG3  sing N N 96  
GLN CD  OE1  doub N N 97  
GLN CD  NE2  sing N N 98  
GLN NE2 HE21 sing N N 99  
GLN NE2 HE22 sing N N 100 
GLN OXT HXT  sing N N 101 
GLU N   CA   sing N N 102 
GLU N   H    sing N N 103 
GLU N   H2   sing N N 104 
GLU CA  C    sing N N 105 
GLU CA  CB   sing N N 106 
GLU CA  HA   sing N N 107 
GLU C   O    doub N N 108 
GLU C   OXT  sing N N 109 
GLU CB  CG   sing N N 110 
GLU CB  HB2  sing N N 111 
GLU CB  HB3  sing N N 112 
GLU CG  CD   sing N N 113 
GLU CG  HG2  sing N N 114 
GLU CG  HG3  sing N N 115 
GLU CD  OE1  doub N N 116 
GLU CD  OE2  sing N N 117 
GLU OE2 HE2  sing N N 118 
GLU OXT HXT  sing N N 119 
GLY N   CA   sing N N 120 
GLY N   H    sing N N 121 
GLY N   H2   sing N N 122 
GLY CA  C    sing N N 123 
GLY CA  HA2  sing N N 124 
GLY CA  HA3  sing N N 125 
GLY C   O    doub N N 126 
GLY C   OXT  sing N N 127 
GLY OXT HXT  sing N N 128 
HIS N   CA   sing N N 129 
HIS N   H    sing N N 130 
HIS N   H2   sing N N 131 
HIS CA  C    sing N N 132 
HIS CA  CB   sing N N 133 
HIS CA  HA   sing N N 134 
HIS C   O    doub N N 135 
HIS C   OXT  sing N N 136 
HIS CB  CG   sing N N 137 
HIS CB  HB2  sing N N 138 
HIS CB  HB3  sing N N 139 
HIS CG  ND1  sing Y N 140 
HIS CG  CD2  doub Y N 141 
HIS ND1 CE1  doub Y N 142 
HIS ND1 HD1  sing N N 143 
HIS CD2 NE2  sing Y N 144 
HIS CD2 HD2  sing N N 145 
HIS CE1 NE2  sing Y N 146 
HIS CE1 HE1  sing N N 147 
HIS NE2 HE2  sing N N 148 
HIS OXT HXT  sing N N 149 
ILE N   CA   sing N N 150 
ILE N   H    sing N N 151 
ILE N   H2   sing N N 152 
ILE CA  C    sing N N 153 
ILE CA  CB   sing N N 154 
ILE CA  HA   sing N N 155 
ILE C   O    doub N N 156 
ILE C   OXT  sing N N 157 
ILE CB  CG1  sing N N 158 
ILE CB  CG2  sing N N 159 
ILE CB  HB   sing N N 160 
ILE CG1 CD1  sing N N 161 
ILE CG1 HG12 sing N N 162 
ILE CG1 HG13 sing N N 163 
ILE CG2 HG21 sing N N 164 
ILE CG2 HG22 sing N N 165 
ILE CG2 HG23 sing N N 166 
ILE CD1 HD11 sing N N 167 
ILE CD1 HD12 sing N N 168 
ILE CD1 HD13 sing N N 169 
ILE OXT HXT  sing N N 170 
LEU N   CA   sing N N 171 
LEU N   H    sing N N 172 
LEU N   H2   sing N N 173 
LEU CA  C    sing N N 174 
LEU CA  CB   sing N N 175 
LEU CA  HA   sing N N 176 
LEU C   O    doub N N 177 
LEU C   OXT  sing N N 178 
LEU CB  CG   sing N N 179 
LEU CB  HB2  sing N N 180 
LEU CB  HB3  sing N N 181 
LEU CG  CD1  sing N N 182 
LEU CG  CD2  sing N N 183 
LEU CG  HG   sing N N 184 
LEU CD1 HD11 sing N N 185 
LEU CD1 HD12 sing N N 186 
LEU CD1 HD13 sing N N 187 
LEU CD2 HD21 sing N N 188 
LEU CD2 HD22 sing N N 189 
LEU CD2 HD23 sing N N 190 
LEU OXT HXT  sing N N 191 
LYS N   CA   sing N N 192 
LYS N   H    sing N N 193 
LYS N   H2   sing N N 194 
LYS CA  C    sing N N 195 
LYS CA  CB   sing N N 196 
LYS CA  HA   sing N N 197 
LYS C   O    doub N N 198 
LYS C   OXT  sing N N 199 
LYS CB  CG   sing N N 200 
LYS CB  HB2  sing N N 201 
LYS CB  HB3  sing N N 202 
LYS CG  CD   sing N N 203 
LYS CG  HG2  sing N N 204 
LYS CG  HG3  sing N N 205 
LYS CD  CE   sing N N 206 
LYS CD  HD2  sing N N 207 
LYS CD  HD3  sing N N 208 
LYS CE  NZ   sing N N 209 
LYS CE  HE2  sing N N 210 
LYS CE  HE3  sing N N 211 
LYS NZ  HZ1  sing N N 212 
LYS NZ  HZ2  sing N N 213 
LYS NZ  HZ3  sing N N 214 
LYS OXT HXT  sing N N 215 
MET N   CA   sing N N 216 
MET N   H    sing N N 217 
MET N   H2   sing N N 218 
MET CA  C    sing N N 219 
MET CA  CB   sing N N 220 
MET CA  HA   sing N N 221 
MET C   O    doub N N 222 
MET C   OXT  sing N N 223 
MET CB  CG   sing N N 224 
MET CB  HB2  sing N N 225 
MET CB  HB3  sing N N 226 
MET CG  SD   sing N N 227 
MET CG  HG2  sing N N 228 
MET CG  HG3  sing N N 229 
MET SD  CE   sing N N 230 
MET CE  HE1  sing N N 231 
MET CE  HE2  sing N N 232 
MET CE  HE3  sing N N 233 
MET OXT HXT  sing N N 234 
PHE N   CA   sing N N 235 
PHE N   H    sing N N 236 
PHE N   H2   sing N N 237 
PHE CA  C    sing N N 238 
PHE CA  CB   sing N N 239 
PHE CA  HA   sing N N 240 
PHE C   O    doub N N 241 
PHE C   OXT  sing N N 242 
PHE CB  CG   sing N N 243 
PHE CB  HB2  sing N N 244 
PHE CB  HB3  sing N N 245 
PHE CG  CD1  doub Y N 246 
PHE CG  CD2  sing Y N 247 
PHE CD1 CE1  sing Y N 248 
PHE CD1 HD1  sing N N 249 
PHE CD2 CE2  doub Y N 250 
PHE CD2 HD2  sing N N 251 
PHE CE1 CZ   doub Y N 252 
PHE CE1 HE1  sing N N 253 
PHE CE2 CZ   sing Y N 254 
PHE CE2 HE2  sing N N 255 
PHE CZ  HZ   sing N N 256 
PHE OXT HXT  sing N N 257 
PRO N   CA   sing N N 258 
PRO N   CD   sing N N 259 
PRO N   H    sing N N 260 
PRO CA  C    sing N N 261 
PRO CA  CB   sing N N 262 
PRO CA  HA   sing N N 263 
PRO C   O    doub N N 264 
PRO C   OXT  sing N N 265 
PRO CB  CG   sing N N 266 
PRO CB  HB2  sing N N 267 
PRO CB  HB3  sing N N 268 
PRO CG  CD   sing N N 269 
PRO CG  HG2  sing N N 270 
PRO CG  HG3  sing N N 271 
PRO CD  HD2  sing N N 272 
PRO CD  HD3  sing N N 273 
PRO OXT HXT  sing N N 274 
SER N   CA   sing N N 275 
SER N   H    sing N N 276 
SER N   H2   sing N N 277 
SER CA  C    sing N N 278 
SER CA  CB   sing N N 279 
SER CA  HA   sing N N 280 
SER C   O    doub N N 281 
SER C   OXT  sing N N 282 
SER CB  OG   sing N N 283 
SER CB  HB2  sing N N 284 
SER CB  HB3  sing N N 285 
SER OG  HG   sing N N 286 
SER OXT HXT  sing N N 287 
THR N   CA   sing N N 288 
THR N   H    sing N N 289 
THR N   H2   sing N N 290 
THR CA  C    sing N N 291 
THR CA  CB   sing N N 292 
THR CA  HA   sing N N 293 
THR C   O    doub N N 294 
THR C   OXT  sing N N 295 
THR CB  OG1  sing N N 296 
THR CB  CG2  sing N N 297 
THR CB  HB   sing N N 298 
THR OG1 HG1  sing N N 299 
THR CG2 HG21 sing N N 300 
THR CG2 HG22 sing N N 301 
THR CG2 HG23 sing N N 302 
THR OXT HXT  sing N N 303 
TRP N   CA   sing N N 304 
TRP N   H    sing N N 305 
TRP N   H2   sing N N 306 
TRP CA  C    sing N N 307 
TRP CA  CB   sing N N 308 
TRP CA  HA   sing N N 309 
TRP C   O    doub N N 310 
TRP C   OXT  sing N N 311 
TRP CB  CG   sing N N 312 
TRP CB  HB2  sing N N 313 
TRP CB  HB3  sing N N 314 
TRP CG  CD1  doub Y N 315 
TRP CG  CD2  sing Y N 316 
TRP CD1 NE1  sing Y N 317 
TRP CD1 HD1  sing N N 318 
TRP CD2 CE2  doub Y N 319 
TRP CD2 CE3  sing Y N 320 
TRP NE1 CE2  sing Y N 321 
TRP NE1 HE1  sing N N 322 
TRP CE2 CZ2  sing Y N 323 
TRP CE3 CZ3  doub Y N 324 
TRP CE3 HE3  sing N N 325 
TRP CZ2 CH2  doub Y N 326 
TRP CZ2 HZ2  sing N N 327 
TRP CZ3 CH2  sing Y N 328 
TRP CZ3 HZ3  sing N N 329 
TRP CH2 HH2  sing N N 330 
TRP OXT HXT  sing N N 331 
TYR N   CA   sing N N 332 
TYR N   H    sing N N 333 
TYR N   H2   sing N N 334 
TYR CA  C    sing N N 335 
TYR CA  CB   sing N N 336 
TYR CA  HA   sing N N 337 
TYR C   O    doub N N 338 
TYR C   OXT  sing N N 339 
TYR CB  CG   sing N N 340 
TYR CB  HB2  sing N N 341 
TYR CB  HB3  sing N N 342 
TYR CG  CD1  doub Y N 343 
TYR CG  CD2  sing Y N 344 
TYR CD1 CE1  sing Y N 345 
TYR CD1 HD1  sing N N 346 
TYR CD2 CE2  doub Y N 347 
TYR CD2 HD2  sing N N 348 
TYR CE1 CZ   doub Y N 349 
TYR CE1 HE1  sing N N 350 
TYR CE2 CZ   sing Y N 351 
TYR CE2 HE2  sing N N 352 
TYR CZ  OH   sing N N 353 
TYR OH  HH   sing N N 354 
TYR OXT HXT  sing N N 355 
VAL N   CA   sing N N 356 
VAL N   H    sing N N 357 
VAL N   H2   sing N N 358 
VAL CA  C    sing N N 359 
VAL CA  CB   sing N N 360 
VAL CA  HA   sing N N 361 
VAL C   O    doub N N 362 
VAL C   OXT  sing N N 363 
VAL CB  CG1  sing N N 364 
VAL CB  CG2  sing N N 365 
VAL CB  HB   sing N N 366 
VAL CG1 HG11 sing N N 367 
VAL CG1 HG12 sing N N 368 
VAL CG1 HG13 sing N N 369 
VAL CG2 HG21 sing N N 370 
VAL CG2 HG22 sing N N 371 
VAL CG2 HG23 sing N N 372 
VAL OXT HXT  sing N N 373 
# 
_atom_sites.entry_id                    1QCQ 
_atom_sites.fract_transf_matrix[1][1]   0.00967157 
_atom_sites.fract_transf_matrix[1][2]   -0.01091577 
_atom_sites.fract_transf_matrix[1][3]   -0.00327862 
_atom_sites.fract_transf_matrix[2][1]   0.00452850 
_atom_sites.fract_transf_matrix[2][2]   -0.00026565 
_atom_sites.fract_transf_matrix[2][3]   0.01424306 
_atom_sites.fract_transf_matrix[3][1]   -0.00762194 
_atom_sites.fract_transf_matrix[3][2]   -0.00743936 
_atom_sites.fract_transf_matrix[3][3]   0.00228460 
_atom_sites.fract_transf_vector[1]      -0.034920 
_atom_sites.fract_transf_vector[2]      0.701480 
_atom_sites.fract_transf_vector[3]      0.355254 
# 
loop_
_atom_type.symbol 
C 
N 
O 
S 
# 
loop_
_atom_site.group_PDB 
_atom_site.id 
_atom_site.type_symbol 
_atom_site.label_atom_id 
_atom_site.label_alt_id 
_atom_site.label_comp_id 
_atom_site.label_asym_id 
_atom_site.label_entity_id 
_atom_site.label_seq_id 
_atom_site.pdbx_PDB_ins_code 
_atom_site.Cartn_x 
_atom_site.Cartn_y 
_atom_site.Cartn_z 
_atom_site.occupancy 
_atom_site.B_iso_or_equiv 
_atom_site.pdbx_formal_charge 
_atom_site.auth_seq_id 
_atom_site.auth_comp_id 
_atom_site.auth_asym_id 
_atom_site.auth_atom_id 
_atom_site.pdbx_PDB_model_num 
ATOM 1    N N   . MET A 1 1   ? -4.731  -21.323 -13.465 1.00 53.81 ? 1   MET A N   1 
ATOM 2    C CA  . MET A 1 1   ? -5.888  -21.333 -14.416 1.00 54.40 ? 1   MET A CA  1 
ATOM 3    C C   . MET A 1 1   ? -6.922  -20.272 -14.028 1.00 51.45 ? 1   MET A C   1 
ATOM 4    O O   . MET A 1 1   ? -7.203  -19.356 -14.803 1.00 52.51 ? 1   MET A O   1 
ATOM 5    C CB  . MET A 1 1   ? -6.548  -22.720 -14.439 1.00 57.55 ? 1   MET A CB  1 
ATOM 6    C CG  . MET A 1 1   ? -7.771  -22.816 -15.352 1.00 61.38 ? 1   MET A CG  1 
ATOM 7    S SD  . MET A 1 1   ? -8.612  -24.425 -15.282 1.00 66.16 ? 1   MET A SD  1 
ATOM 8    C CE  . MET A 1 1   ? -9.916  -24.100 -13.993 1.00 65.87 ? 1   MET A CE  1 
ATOM 9    N N   . SER A 1 2   ? -7.502  -20.414 -12.840 1.00 47.07 ? 2   SER A N   1 
ATOM 10   C CA  . SER A 1 2   ? -8.474  -19.444 -12.356 1.00 42.70 ? 2   SER A CA  1 
ATOM 11   C C   . SER A 1 2   ? -7.618  -18.336 -11.758 1.00 38.69 ? 2   SER A C   1 
ATOM 12   O O   . SER A 1 2   ? -7.956  -17.156 -11.833 1.00 38.66 ? 2   SER A O   1 
ATOM 13   C CB  . SER A 1 2   ? -9.374  -20.066 -11.280 1.00 44.08 ? 2   SER A CB  1 
ATOM 14   O OG  . SER A 1 2   ? -10.338 -19.136 -10.798 1.00 42.51 ? 2   SER A OG  1 
ATOM 15   N N   . SER A 1 3   ? -6.489  -18.740 -11.182 1.00 34.08 ? 3   SER A N   1 
ATOM 16   C CA  . SER A 1 3   ? -5.538  -17.818 -10.572 1.00 29.76 ? 3   SER A CA  1 
ATOM 17   C C   . SER A 1 3   ? -4.747  -17.061 -11.643 1.00 26.64 ? 3   SER A C   1 
ATOM 18   O O   . SER A 1 3   ? -4.509  -15.862 -11.525 1.00 24.96 ? 3   SER A O   1 
ATOM 19   C CB  . SER A 1 3   ? -4.578  -18.597 -9.676  1.00 28.83 ? 3   SER A CB  1 
ATOM 20   O OG  . SER A 1 3   ? -3.578  -17.757 -9.144  1.00 30.18 ? 3   SER A OG  1 
ATOM 21   N N   . SER A 1 4   ? -4.357  -17.776 -12.695 1.00 26.02 ? 4   SER A N   1 
ATOM 22   C CA  . SER A 1 4   ? -3.595  -17.204 -13.810 1.00 23.22 ? 4   SER A CA  1 
ATOM 23   C C   . SER A 1 4   ? -4.436  -16.251 -14.655 1.00 21.17 ? 4   SER A C   1 
ATOM 24   O O   . SER A 1 4   ? -3.955  -15.209 -15.079 1.00 21.33 ? 4   SER A O   1 
ATOM 25   C CB  . SER A 1 4   ? -3.064  -18.325 -14.709 1.00 22.38 ? 4   SER A CB  1 
ATOM 26   O OG  . SER A 1 4   ? -2.556  -19.399 -13.929 1.00 25.45 ? 4   SER A OG  1 
ATOM 27   N N   . LYS A 1 5   ? -5.695  -16.603 -14.895 1.00 21.52 ? 5   LYS A N   1 
ATOM 28   C CA  . LYS A 1 5   ? -6.565  -15.767 -15.711 1.00 21.18 ? 5   LYS A CA  1 
ATOM 29   C C   . LYS A 1 5   ? -7.111  -14.547 -14.990 1.00 19.93 ? 5   LYS A C   1 
ATOM 30   O O   . LYS A 1 5   ? -7.336  -13.509 -15.608 1.00 21.20 ? 5   LYS A O   1 
ATOM 31   C CB  . LYS A 1 5   ? -7.710  -16.599 -16.294 1.00 23.92 ? 5   LYS A CB  1 
ATOM 32   C CG  . LYS A 1 5   ? -7.276  -17.521 -17.434 1.00 26.52 ? 5   LYS A CG  1 
ATOM 33   C CD  . LYS A 1 5   ? -8.469  -18.076 -18.203 1.00 31.33 ? 5   LYS A CD  1 
ATOM 34   C CE  . LYS A 1 5   ? -8.035  -18.839 -19.457 1.00 34.02 ? 5   LYS A CE  1 
ATOM 35   N NZ  . LYS A 1 5   ? -7.152  -20.008 -19.162 1.00 32.63 ? 5   LYS A NZ  1 
ATOM 36   N N   . ARG A 1 6   ? -7.319  -14.657 -13.686 1.00 18.58 ? 6   ARG A N   1 
ATOM 37   C CA  . ARG A 1 6   ? -7.812  -13.517 -12.928 1.00 17.57 ? 6   ARG A CA  1 
ATOM 38   C C   . ARG A 1 6   ? -6.769  -12.381 -12.891 1.00 18.26 ? 6   ARG A C   1 
ATOM 39   O O   . ARG A 1 6   ? -7.122  -11.202 -13.007 1.00 16.44 ? 6   ARG A O   1 
ATOM 40   C CB  . ARG A 1 6   ? -8.182  -13.950 -11.506 1.00 14.69 ? 6   ARG A CB  1 
ATOM 41   C CG  . ARG A 1 6   ? -8.438  -12.796 -10.541 1.00 14.08 ? 6   ARG A CG  1 
ATOM 42   C CD  . ARG A 1 6   ? -9.346  -11.747 -11.140 1.00 13.08 ? 6   ARG A CD  1 
ATOM 43   N NE  . ARG A 1 6   ? -9.633  -10.670 -10.199 1.00 16.96 ? 6   ARG A NE  1 
ATOM 44   C CZ  . ARG A 1 6   ? -10.588 -10.720 -9.275  1.00 20.44 ? 6   ARG A CZ  1 
ATOM 45   N NH1 . ARG A 1 6   ? -10.782 -9.695  -8.455  1.00 18.66 ? 6   ARG A NH1 1 
ATOM 46   N NH2 . ARG A 1 6   ? -11.365 -11.793 -9.180  1.00 24.48 ? 6   ARG A NH2 1 
ATOM 47   N N   . ILE A 1 7   ? -5.491  -12.735 -12.739 1.00 17.89 ? 7   ILE A N   1 
ATOM 48   C CA  . ILE A 1 7   ? -4.424  -11.730 -12.687 1.00 17.57 ? 7   ILE A CA  1 
ATOM 49   C C   . ILE A 1 7   ? -4.171  -11.098 -14.050 1.00 18.57 ? 7   ILE A C   1 
ATOM 50   O O   . ILE A 1 7   ? -3.920  -9.891  -14.148 1.00 20.37 ? 7   ILE A O   1 
ATOM 51   C CB  . ILE A 1 7   ? -3.106  -12.327 -12.125 1.00 15.79 ? 7   ILE A CB  1 
ATOM 52   C CG1 . ILE A 1 7   ? -3.325  -12.727 -10.656 1.00 13.68 ? 7   ILE A CG1 1 
ATOM 53   C CG2 . ILE A 1 7   ? -1.966  -11.297 -12.238 1.00 13.03 ? 7   ILE A CG2 1 
ATOM 54   C CD1 . ILE A 1 7   ? -2.209  -13.536 -10.033 1.00 11.60 ? 7   ILE A CD1 1 
ATOM 55   N N   . ALA A 1 8   ? -4.254  -11.911 -15.099 1.00 18.65 ? 8   ALA A N   1 
ATOM 56   C CA  . ALA A 1 8   ? -4.072  -11.436 -16.467 1.00 17.51 ? 8   ALA A CA  1 
ATOM 57   C C   . ALA A 1 8   ? -5.168  -10.425 -16.803 1.00 17.33 ? 8   ALA A C   1 
ATOM 58   O O   . ALA A 1 8   ? -4.933  -9.440  -17.504 1.00 16.90 ? 8   ALA A O   1 
ATOM 59   C CB  . ALA A 1 8   ? -4.137  -12.605 -17.431 1.00 17.51 ? 8   ALA A CB  1 
ATOM 60   N N   . LYS A 1 9   ? -6.371  -10.679 -16.292 1.00 17.21 ? 9   LYS A N   1 
ATOM 61   C CA  . LYS A 1 9   ? -7.511  -9.802  -16.526 1.00 16.70 ? 9   LYS A CA  1 
ATOM 62   C C   . LYS A 1 9   ? -7.234  -8.443  -15.879 1.00 14.66 ? 9   LYS A C   1 
ATOM 63   O O   . LYS A 1 9   ? -7.354  -7.400  -16.519 1.00 11.41 ? 9   LYS A O   1 
ATOM 64   C CB  . LYS A 1 9   ? -8.780  -10.440 -15.943 1.00 16.05 ? 9   LYS A CB  1 
ATOM 65   C CG  . LYS A 1 9   ? -10.077 -9.922  -16.546 1.00 18.74 ? 9   LYS A CG  1 
ATOM 66   C CD  . LYS A 1 9   ? -10.583 -8.663  -15.857 1.00 22.19 ? 9   LYS A CD  1 
ATOM 67   C CE  . LYS A 1 9   ? -11.692 -7.989  -16.664 1.00 25.39 ? 9   LYS A CE  1 
ATOM 68   N NZ  . LYS A 1 9   ? -11.196 -7.427  -17.966 1.00 25.72 ? 9   LYS A NZ  1 
ATOM 69   N N   . GLU A 1 10  ? -6.842  -8.469  -14.612 1.00 16.04 ? 10  GLU A N   1 
ATOM 70   C CA  . GLU A 1 10  ? -6.536  -7.242  -13.886 1.00 18.57 ? 10  GLU A CA  1 
ATOM 71   C C   . GLU A 1 10  ? -5.378  -6.461  -14.519 1.00 19.20 ? 10  GLU A C   1 
ATOM 72   O O   . GLU A 1 10  ? -5.400  -5.228  -14.538 1.00 17.23 ? 10  GLU A O   1 
ATOM 73   C CB  . GLU A 1 10  ? -6.209  -7.563  -12.422 1.00 19.30 ? 10  GLU A CB  1 
ATOM 74   C CG  . GLU A 1 10  ? -7.393  -8.047  -11.614 1.00 19.34 ? 10  GLU A CG  1 
ATOM 75   C CD  . GLU A 1 10  ? -7.198  -7.841  -10.132 1.00 19.01 ? 10  GLU A CD  1 
ATOM 76   O OE1 . GLU A 1 10  ? -6.816  -6.720  -9.745  1.00 21.77 ? 10  GLU A OE1 1 
ATOM 77   O OE2 . GLU A 1 10  ? -7.433  -8.788  -9.353  1.00 17.74 ? 10  GLU A OE2 1 
ATOM 78   N N   . LEU A 1 11  ? -4.370  -7.178  -15.022 1.00 19.54 ? 11  LEU A N   1 
ATOM 79   C CA  . LEU A 1 11  ? -3.223  -6.543  -15.657 1.00 21.32 ? 11  LEU A CA  1 
ATOM 80   C C   . LEU A 1 11  ? -3.704  -5.848  -16.928 1.00 24.38 ? 11  LEU A C   1 
ATOM 81   O O   . LEU A 1 11  ? -3.357  -4.696  -17.197 1.00 25.55 ? 11  LEU A O   1 
ATOM 82   C CB  . LEU A 1 11  ? -2.154  -7.577  -16.024 1.00 19.51 ? 11  LEU A CB  1 
ATOM 83   C CG  . LEU A 1 11  ? -0.698  -7.074  -16.052 1.00 18.45 ? 11  LEU A CG  1 
ATOM 84   C CD1 . LEU A 1 11  ? 0.150   -7.994  -16.894 1.00 15.71 ? 11  LEU A CD1 1 
ATOM 85   C CD2 . LEU A 1 11  ? -0.624  -5.677  -16.625 1.00 16.53 ? 11  LEU A CD2 1 
ATOM 86   N N   . SER A 1 12  ? -4.509  -6.561  -17.707 1.00 26.98 ? 12  SER A N   1 
ATOM 87   C CA  . SER A 1 12  ? -5.050  -6.023  -18.944 1.00 29.77 ? 12  SER A CA  1 
ATOM 88   C C   . SER A 1 12  ? -5.885  -4.766  -18.709 1.00 32.54 ? 12  SER A C   1 
ATOM 89   O O   . SER A 1 12  ? -5.782  -3.799  -19.469 1.00 32.85 ? 12  SER A O   1 
ATOM 90   C CB  . SER A 1 12  ? -5.905  -7.078  -19.635 1.00 30.89 ? 12  SER A CB  1 
ATOM 91   O OG  . SER A 1 12  ? -6.416  -6.585  -20.859 1.00 35.46 ? 12  SER A OG  1 
ATOM 92   N N   . ASP A 1 13  ? -6.715  -4.777  -17.667 1.00 34.78 ? 13  ASP A N   1 
ATOM 93   C CA  . ASP A 1 13  ? -7.549  -3.616  -17.366 1.00 36.72 ? 13  ASP A CA  1 
ATOM 94   C C   . ASP A 1 13  ? -6.715  -2.363  -17.121 1.00 38.42 ? 13  ASP A C   1 
ATOM 95   O O   . ASP A 1 13  ? -7.156  -1.249  -17.407 1.00 39.59 ? 13  ASP A O   1 
ATOM 96   C CB  . ASP A 1 13  ? -8.444  -3.881  -16.151 1.00 37.31 ? 13  ASP A CB  1 
ATOM 97   C CG  . ASP A 1 13  ? -9.625  -4.785  -16.480 1.00 40.07 ? 13  ASP A CG  1 
ATOM 98   O OD1 . ASP A 1 13  ? -10.198 -4.647  -17.584 1.00 42.23 ? 13  ASP A OD1 1 
ATOM 99   O OD2 . ASP A 1 13  ? -9.994  -5.626  -15.630 1.00 40.78 ? 13  ASP A OD2 1 
ATOM 100  N N   . LEU A 1 14  ? -5.513  -2.546  -16.584 1.00 39.84 ? 14  LEU A N   1 
ATOM 101  C CA  . LEU A 1 14  ? -4.610  -1.429  -16.319 1.00 40.24 ? 14  LEU A CA  1 
ATOM 102  C C   . LEU A 1 14  ? -3.874  -1.062  -17.603 1.00 41.90 ? 14  LEU A C   1 
ATOM 103  O O   . LEU A 1 14  ? -3.699  0.110   -17.926 1.00 40.60 ? 14  LEU A O   1 
ATOM 104  C CB  . LEU A 1 14  ? -3.608  -1.820  -15.236 1.00 38.87 ? 14  LEU A CB  1 
ATOM 105  C CG  . LEU A 1 14  ? -4.073  -1.736  -13.777 1.00 38.74 ? 14  LEU A CG  1 
ATOM 106  C CD1 . LEU A 1 14  ? -5.484  -2.284  -13.616 1.00 39.88 ? 14  LEU A CD1 1 
ATOM 107  C CD2 . LEU A 1 14  ? -3.089  -2.499  -12.906 1.00 37.15 ? 14  LEU A CD2 1 
ATOM 108  N N   . GLU A 1 15  ? -3.461  -2.091  -18.334 1.00 45.18 ? 15  GLU A N   1 
ATOM 109  C CA  . GLU A 1 15  ? -2.738  -1.942  -19.594 1.00 48.74 ? 15  GLU A CA  1 
ATOM 110  C C   . GLU A 1 15  ? -3.536  -1.095  -20.586 1.00 50.47 ? 15  GLU A C   1 
ATOM 111  O O   . GLU A 1 15  ? -3.031  -0.728  -21.649 1.00 51.79 ? 15  GLU A O   1 
ATOM 112  C CB  . GLU A 1 15  ? -2.457  -3.335  -20.171 1.00 50.11 ? 15  GLU A CB  1 
ATOM 113  C CG  . GLU A 1 15  ? -1.463  -3.395  -21.324 1.00 53.38 ? 15  GLU A CG  1 
ATOM 114  C CD  . GLU A 1 15  ? -0.925  -4.813  -21.552 1.00 55.74 ? 15  GLU A CD  1 
ATOM 115  O OE1 . GLU A 1 15  ? -1.740  -5.768  -21.560 1.00 55.61 ? 15  GLU A OE1 1 
ATOM 116  O OE2 . GLU A 1 15  ? 0.309   -4.971  -21.727 1.00 54.60 ? 15  GLU A OE2 1 
ATOM 117  N N   . ARG A 1 16  ? -4.783  -0.792  -20.231 1.00 50.93 ? 16  ARG A N   1 
ATOM 118  C CA  . ARG A 1 16  ? -5.653  0.024   -21.074 1.00 52.04 ? 16  ARG A CA  1 
ATOM 119  C C   . ARG A 1 16  ? -5.936  1.339   -20.383 1.00 51.40 ? 16  ARG A C   1 
ATOM 120  O O   . ARG A 1 16  ? -5.383  2.366   -20.761 1.00 53.26 ? 16  ARG A O   1 
ATOM 121  C CB  . ARG A 1 16  ? -6.983  -0.671  -21.328 1.00 55.30 ? 16  ARG A CB  1 
ATOM 122  C CG  . ARG A 1 16  ? -6.911  -1.901  -22.187 1.00 60.29 ? 16  ARG A CG  1 
ATOM 123  C CD  . ARG A 1 16  ? -8.291  -2.516  -22.260 1.00 64.36 ? 16  ARG A CD  1 
ATOM 124  N NE  . ARG A 1 16  ? -8.338  -3.679  -23.133 1.00 69.42 ? 16  ARG A NE  1 
ATOM 125  C CZ  . ARG A 1 16  ? -9.429  -4.413  -23.327 1.00 71.76 ? 16  ARG A CZ  1 
ATOM 126  N NH1 . ARG A 1 16  ? -9.395  -5.461  -24.145 1.00 71.23 ? 16  ARG A NH1 1 
ATOM 127  N NH2 . ARG A 1 16  ? -10.554 -4.098  -22.695 1.00 72.55 ? 16  ARG A NH2 1 
ATOM 128  N N   . ASP A 1 17  ? -6.817  1.298   -19.385 1.00 50.81 ? 17  ASP A N   1 
ATOM 129  C CA  . ASP A 1 17  ? -7.181  2.485   -18.614 1.00 50.83 ? 17  ASP A CA  1 
ATOM 130  C C   . ASP A 1 17  ? -6.168  2.615   -17.501 1.00 50.25 ? 17  ASP A C   1 
ATOM 131  O O   . ASP A 1 17  ? -6.263  1.937   -16.473 1.00 49.33 ? 17  ASP A O   1 
ATOM 132  C CB  . ASP A 1 17  ? -8.575  2.336   -18.017 1.00 53.49 ? 17  ASP A CB  1 
ATOM 133  C CG  . ASP A 1 17  ? -9.628  2.086   -19.068 1.00 56.78 ? 17  ASP A CG  1 
ATOM 134  O OD1 . ASP A 1 17  ? -9.783  2.935   -19.975 1.00 58.43 ? 17  ASP A OD1 1 
ATOM 135  O OD2 . ASP A 1 17  ? -10.299 1.036   -18.990 1.00 58.99 ? 17  ASP A OD2 1 
ATOM 136  N N   . PRO A 1 18  ? -5.177  3.498   -17.692 1.00 50.42 ? 18  PRO A N   1 
ATOM 137  C CA  . PRO A 1 18  ? -4.114  3.731   -16.717 1.00 50.87 ? 18  PRO A CA  1 
ATOM 138  C C   . PRO A 1 18  ? -4.489  4.675   -15.587 1.00 52.17 ? 18  PRO A C   1 
ATOM 139  O O   . PRO A 1 18  ? -5.067  5.745   -15.820 1.00 51.38 ? 18  PRO A O   1 
ATOM 140  C CB  . PRO A 1 18  ? -2.976  4.308   -17.568 1.00 50.59 ? 18  PRO A CB  1 
ATOM 141  C CG  . PRO A 1 18  ? -3.411  4.068   -19.017 1.00 50.31 ? 18  PRO A CG  1 
ATOM 142  C CD  . PRO A 1 18  ? -4.889  4.236   -18.928 1.00 49.96 ? 18  PRO A CD  1 
ATOM 143  N N   . PRO A 1 19  ? -4.170  4.282   -14.341 1.00 53.18 ? 19  PRO A N   1 
ATOM 144  C CA  . PRO A 1 19  ? -4.487  5.148   -13.207 1.00 51.88 ? 19  PRO A CA  1 
ATOM 145  C C   . PRO A 1 19  ? -3.601  6.389   -13.325 1.00 50.72 ? 19  PRO A C   1 
ATOM 146  O O   . PRO A 1 19  ? -2.707  6.461   -14.179 1.00 49.96 ? 19  PRO A O   1 
ATOM 147  C CB  . PRO A 1 19  ? -4.146  4.277   -11.996 1.00 52.25 ? 19  PRO A CB  1 
ATOM 148  C CG  . PRO A 1 19  ? -3.030  3.415   -12.501 1.00 53.59 ? 19  PRO A CG  1 
ATOM 149  C CD  . PRO A 1 19  ? -3.520  3.037   -13.890 1.00 54.01 ? 19  PRO A CD  1 
ATOM 150  N N   . THR A 1 20  ? -3.843  7.361   -12.465 1.00 49.40 ? 20  THR A N   1 
ATOM 151  C CA  . THR A 1 20  ? -3.086  8.591   -12.521 1.00 48.34 ? 20  THR A CA  1 
ATOM 152  C C   . THR A 1 20  ? -1.846  8.634   -11.616 1.00 46.74 ? 20  THR A C   1 
ATOM 153  O O   . THR A 1 20  ? -0.727  8.740   -12.109 1.00 46.74 ? 20  THR A O   1 
ATOM 154  C CB  . THR A 1 20  ? -4.033  9.776   -12.236 1.00 49.87 ? 20  THR A CB  1 
ATOM 155  O OG1 . THR A 1 20  ? -4.814  9.498   -11.065 1.00 49.00 ? 20  THR A OG1 1 
ATOM 156  C CG2 . THR A 1 20  ? -4.988  9.980   -13.416 1.00 49.86 ? 20  THR A CG2 1 
ATOM 157  N N   . SER A 1 21  ? -2.042  8.527   -10.306 1.00 45.39 ? 21  SER A N   1 
ATOM 158  C CA  . SER A 1 21  ? -0.937  8.579   -9.348  1.00 43.83 ? 21  SER A CA  1 
ATOM 159  C C   . SER A 1 21  ? -0.371  7.209   -8.958  1.00 41.99 ? 21  SER A C   1 
ATOM 160  O O   . SER A 1 21  ? 0.724   7.115   -8.398  1.00 42.48 ? 21  SER A O   1 
ATOM 161  C CB  . SER A 1 21  ? -1.397  9.302   -8.085  1.00 46.67 ? 21  SER A CB  1 
ATOM 162  O OG  . SER A 1 21  ? -2.514  8.635   -7.513  1.00 50.44 ? 21  SER A OG  1 
ATOM 163  N N   . CYS A 1 22  ? -1.137  6.158   -9.236  1.00 37.84 ? 22  CYS A N   1 
ATOM 164  C CA  . CYS A 1 22  ? -0.747  4.785   -8.939  1.00 31.23 ? 22  CYS A CA  1 
ATOM 165  C C   . CYS A 1 22  ? -0.072  4.265   -10.215 1.00 27.21 ? 22  CYS A C   1 
ATOM 166  O O   . CYS A 1 22  ? -0.247  4.845   -11.281 1.00 25.28 ? 22  CYS A O   1 
ATOM 167  C CB  . CYS A 1 22  ? -2.023  3.985   -8.557  1.00 31.84 ? 22  CYS A CB  1 
ATOM 168  S SG  . CYS A 1 22  ? -2.225  2.264   -9.157  1.00 33.05 ? 22  CYS A SG  1 
ATOM 169  N N   . SER A 1 23  ? 0.726   3.207   -10.099 1.00 25.80 ? 23  SER A N   1 
ATOM 170  C CA  . SER A 1 23  ? 1.426   2.595   -11.239 1.00 20.86 ? 23  SER A CA  1 
ATOM 171  C C   . SER A 1 23  ? 1.934   1.218   -10.786 1.00 19.13 ? 23  SER A C   1 
ATOM 172  O O   . SER A 1 23  ? 2.783   1.133   -9.894  1.00 19.35 ? 23  SER A O   1 
ATOM 173  C CB  . SER A 1 23  ? 2.601   3.471   -11.667 1.00 19.50 ? 23  SER A CB  1 
ATOM 174  O OG  . SER A 1 23  ? 3.180   2.988   -12.864 1.00 20.51 ? 23  SER A OG  1 
ATOM 175  N N   . ALA A 1 24  ? 1.417   0.149   -11.395 1.00 15.46 ? 24  ALA A N   1 
ATOM 176  C CA  . ALA A 1 24  ? 1.779   -1.216  -11.009 1.00 14.74 ? 24  ALA A CA  1 
ATOM 177  C C   . ALA A 1 24  ? 1.801   -2.219  -12.153 1.00 14.79 ? 24  ALA A C   1 
ATOM 178  O O   . ALA A 1 24  ? 1.088   -2.064  -13.138 1.00 18.07 ? 24  ALA A O   1 
ATOM 179  C CB  . ALA A 1 24  ? 0.813   -1.717  -9.932  1.00 12.10 ? 24  ALA A CB  1 
ATOM 180  N N   . GLY A 1 25  ? 2.607   -3.264  -12.004 1.00 13.54 ? 25  GLY A N   1 
ATOM 181  C CA  . GLY A 1 25  ? 2.703   -4.288  -13.027 1.00 12.44 ? 25  GLY A CA  1 
ATOM 182  C C   . GLY A 1 25  ? 3.661   -5.381  -12.583 1.00 14.49 ? 25  GLY A C   1 
ATOM 183  O O   . GLY A 1 25  ? 4.312   -5.245  -11.543 1.00 15.51 ? 25  GLY A O   1 
ATOM 184  N N   . PRO A 1 26  ? 3.762   -6.493  -13.329 1.00 12.88 ? 26  PRO A N   1 
ATOM 185  C CA  . PRO A 1 26  ? 4.690   -7.541  -12.893 1.00 13.17 ? 26  PRO A CA  1 
ATOM 186  C C   . PRO A 1 26  ? 6.178   -7.218  -12.999 1.00 11.99 ? 26  PRO A C   1 
ATOM 187  O O   . PRO A 1 26  ? 6.587   -6.356  -13.771 1.00 13.09 ? 26  PRO A O   1 
ATOM 188  C CB  . PRO A 1 26  ? 4.288   -8.752  -13.748 1.00 12.97 ? 26  PRO A CB  1 
ATOM 189  C CG  . PRO A 1 26  ? 3.571   -8.167  -14.910 1.00 12.48 ? 26  PRO A CG  1 
ATOM 190  C CD  . PRO A 1 26  ? 2.803   -7.020  -14.315 1.00 11.95 ? 26  PRO A CD  1 
ATOM 191  N N   . VAL A 1 27  ? 6.973   -7.920  -12.201 1.00 12.03 ? 27  VAL A N   1 
ATOM 192  C CA  . VAL A 1 27  ? 8.418   -7.746  -12.200 1.00 13.64 ? 27  VAL A CA  1 
ATOM 193  C C   . VAL A 1 27  ? 9.018   -8.856  -13.047 1.00 15.83 ? 27  VAL A C   1 
ATOM 194  O O   . VAL A 1 27  ? 8.981   -10.035 -12.676 1.00 15.02 ? 27  VAL A O   1 
ATOM 195  C CB  . VAL A 1 27  ? 9.011   -7.844  -10.787 1.00 12.42 ? 27  VAL A CB  1 
ATOM 196  C CG1 . VAL A 1 27  ? 10.539  -7.656  -10.862 1.00 4.30  ? 27  VAL A CG1 1 
ATOM 197  C CG2 . VAL A 1 27  ? 8.341   -6.813  -9.868  1.00 4.85  ? 27  VAL A CG2 1 
ATOM 198  N N   . GLY A 1 28  ? 9.595   -8.473  -14.175 1.00 17.45 ? 28  GLY A N   1 
ATOM 199  C CA  . GLY A 1 28  ? 10.131  -9.476  -15.063 1.00 22.21 ? 28  GLY A CA  1 
ATOM 200  C C   . GLY A 1 28  ? 8.875   -9.993  -15.730 1.00 24.84 ? 28  GLY A C   1 
ATOM 201  O O   . GLY A 1 28  ? 7.978   -9.215  -16.047 1.00 27.05 ? 28  GLY A O   1 
ATOM 202  N N   . ASP A 1 29  ? 8.785   -11.293 -15.941 1.00 27.78 ? 29  ASP A N   1 
ATOM 203  C CA  . ASP A 1 29  ? 7.592   -11.849 -16.565 1.00 30.13 ? 29  ASP A CA  1 
ATOM 204  C C   . ASP A 1 29  ? 6.895   -12.748 -15.561 1.00 27.82 ? 29  ASP A C   1 
ATOM 205  O O   . ASP A 1 29  ? 6.185   -13.680 -15.924 1.00 26.92 ? 29  ASP A O   1 
ATOM 206  C CB  . ASP A 1 29  ? 7.965   -12.618 -17.842 1.00 35.94 ? 29  ASP A CB  1 
ATOM 207  C CG  . ASP A 1 29  ? 8.223   -11.686 -19.030 1.00 40.64 ? 29  ASP A CG  1 
ATOM 208  O OD1 . ASP A 1 29  ? 8.786   -12.151 -20.050 1.00 42.81 ? 29  ASP A OD1 1 
ATOM 209  O OD2 . ASP A 1 29  ? 7.853   -10.488 -18.943 1.00 40.01 ? 29  ASP A OD2 1 
ATOM 210  N N   . ASP A 1 30  ? 7.121   -12.449 -14.287 1.00 26.89 ? 30  ASP A N   1 
ATOM 211  C CA  . ASP A 1 30  ? 6.518   -13.198 -13.198 1.00 24.82 ? 30  ASP A CA  1 
ATOM 212  C C   . ASP A 1 30  ? 5.165   -12.550 -12.911 1.00 25.13 ? 30  ASP A C   1 
ATOM 213  O O   . ASP A 1 30  ? 5.075   -11.474 -12.308 1.00 25.92 ? 30  ASP A O   1 
ATOM 214  C CB  . ASP A 1 30  ? 7.418   -13.151 -11.958 1.00 20.57 ? 30  ASP A CB  1 
ATOM 215  C CG  . ASP A 1 30  ? 6.938   -14.074 -10.848 1.00 21.07 ? 30  ASP A CG  1 
ATOM 216  O OD1 . ASP A 1 30  ? 7.645   -14.188 -9.820  1.00 22.11 ? 30  ASP A OD1 1 
ATOM 217  O OD2 . ASP A 1 30  ? 5.857   -14.685 -10.996 1.00 20.39 ? 30  ASP A OD2 1 
ATOM 218  N N   . LEU A 1 31  ? 4.113   -13.214 -13.366 1.00 23.96 ? 31  LEU A N   1 
ATOM 219  C CA  . LEU A 1 31  ? 2.757   -12.726 -13.195 1.00 24.10 ? 31  LEU A CA  1 
ATOM 220  C C   . LEU A 1 31  ? 2.246   -12.747 -11.751 1.00 23.16 ? 31  LEU A C   1 
ATOM 221  O O   . LEU A 1 31  ? 1.176   -12.211 -11.476 1.00 24.27 ? 31  LEU A O   1 
ATOM 222  C CB  . LEU A 1 31  ? 1.824   -13.548 -14.081 1.00 25.68 ? 31  LEU A CB  1 
ATOM 223  C CG  . LEU A 1 31  ? 0.359   -13.127 -14.157 1.00 28.42 ? 31  LEU A CG  1 
ATOM 224  C CD1 . LEU A 1 31  ? 0.252   -11.708 -14.706 1.00 28.37 ? 31  LEU A CD1 1 
ATOM 225  C CD2 . LEU A 1 31  ? -0.388  -14.111 -15.041 1.00 25.93 ? 31  LEU A CD2 1 
ATOM 226  N N   . TYR A 1 32  ? 3.006   -13.352 -10.839 1.00 22.39 ? 32  TYR A N   1 
ATOM 227  C CA  . TYR A 1 32  ? 2.605   -13.462 -9.434  1.00 21.27 ? 32  TYR A CA  1 
ATOM 228  C C   . TYR A 1 32  ? 3.381   -12.559 -8.486  1.00 21.24 ? 32  TYR A C   1 
ATOM 229  O O   . TYR A 1 32  ? 3.095   -12.497 -7.289  1.00 23.12 ? 32  TYR A O   1 
ATOM 230  C CB  . TYR A 1 32  ? 2.726   -14.916 -8.977  1.00 20.19 ? 32  TYR A CB  1 
ATOM 231  C CG  . TYR A 1 32  ? 1.683   -15.797 -9.608  1.00 20.74 ? 32  TYR A CG  1 
ATOM 232  C CD1 . TYR A 1 32  ? 0.465   -16.023 -8.973  1.00 20.65 ? 32  TYR A CD1 1 
ATOM 233  C CD2 . TYR A 1 32  ? 1.885   -16.357 -10.869 1.00 19.89 ? 32  TYR A CD2 1 
ATOM 234  C CE1 . TYR A 1 32  ? -0.532  -16.783 -9.575  1.00 20.36 ? 32  TYR A CE1 1 
ATOM 235  C CE2 . TYR A 1 32  ? 0.898   -17.114 -11.483 1.00 21.03 ? 32  TYR A CE2 1 
ATOM 236  C CZ  . TYR A 1 32  ? -0.314  -17.326 -10.830 1.00 20.79 ? 32  TYR A CZ  1 
ATOM 237  O OH  . TYR A 1 32  ? -1.310  -18.072 -11.427 1.00 20.02 ? 32  TYR A OH  1 
ATOM 238  N N   . HIS A 1 33  ? 4.374   -11.865 -9.019  1.00 19.02 ? 33  HIS A N   1 
ATOM 239  C CA  . HIS A 1 33  ? 5.158   -10.957 -8.214  1.00 15.34 ? 33  HIS A CA  1 
ATOM 240  C C   . HIS A 1 33  ? 5.194   -9.618  -8.924  1.00 15.08 ? 33  HIS A C   1 
ATOM 241  O O   . HIS A 1 33  ? 5.929   -9.426  -9.887  1.00 16.48 ? 33  HIS A O   1 
ATOM 242  C CB  . HIS A 1 33  ? 6.564   -11.500 -8.017  1.00 15.27 ? 33  HIS A CB  1 
ATOM 243  C CG  . HIS A 1 33  ? 7.500   -10.523 -7.378  1.00 17.97 ? 33  HIS A CG  1 
ATOM 244  N ND1 . HIS A 1 33  ? 7.081   -9.588  -6.454  1.00 16.31 ? 33  HIS A ND1 1 
ATOM 245  C CD2 . HIS A 1 33  ? 8.835   -10.349 -7.514  1.00 17.27 ? 33  HIS A CD2 1 
ATOM 246  C CE1 . HIS A 1 33  ? 8.121   -8.880  -6.052  1.00 18.00 ? 33  HIS A CE1 1 
ATOM 247  N NE2 . HIS A 1 33  ? 9.197   -9.322  -6.679  1.00 16.63 ? 33  HIS A NE2 1 
ATOM 248  N N   . TRP A 1 34  ? 4.370   -8.702  -8.440  1.00 13.96 ? 34  TRP A N   1 
ATOM 249  C CA  . TRP A 1 34  ? 4.264   -7.373  -9.001  1.00 13.33 ? 34  TRP A CA  1 
ATOM 250  C C   . TRP A 1 34  ? 4.976   -6.344  -8.145  1.00 14.37 ? 34  TRP A C   1 
ATOM 251  O O   . TRP A 1 34  ? 5.324   -6.597  -6.998  1.00 16.90 ? 34  TRP A O   1 
ATOM 252  C CB  . TRP A 1 34  ? 2.801   -6.969  -9.086  1.00 14.43 ? 34  TRP A CB  1 
ATOM 253  C CG  . TRP A 1 34  ? 2.016   -7.675  -10.119 1.00 13.81 ? 34  TRP A CG  1 
ATOM 254  C CD1 . TRP A 1 34  ? 2.240   -8.924  -10.618 1.00 12.57 ? 34  TRP A CD1 1 
ATOM 255  C CD2 . TRP A 1 34  ? 0.835   -7.187  -10.761 1.00 12.78 ? 34  TRP A CD2 1 
ATOM 256  N NE1 . TRP A 1 34  ? 1.267   -9.248  -11.535 1.00 14.71 ? 34  TRP A NE1 1 
ATOM 257  C CE2 . TRP A 1 34  ? 0.391   -8.199  -11.642 1.00 13.87 ? 34  TRP A CE2 1 
ATOM 258  C CE3 . TRP A 1 34  ? 0.109   -5.992  -10.677 1.00 9.51  ? 34  TRP A CE3 1 
ATOM 259  C CZ2 . TRP A 1 34  ? -0.753  -8.053  -12.438 1.00 13.70 ? 34  TRP A CZ2 1 
ATOM 260  C CZ3 . TRP A 1 34  ? -1.027  -5.845  -11.468 1.00 10.55 ? 34  TRP A CZ3 1 
ATOM 261  C CH2 . TRP A 1 34  ? -1.446  -6.871  -12.337 1.00 10.89 ? 34  TRP A CH2 1 
ATOM 262  N N   . GLN A 1 35  ? 5.183   -5.174  -8.725  1.00 13.54 ? 35  GLN A N   1 
ATOM 263  C CA  . GLN A 1 35  ? 5.794   -4.067  -8.026  1.00 10.64 ? 35  GLN A CA  1 
ATOM 264  C C   . GLN A 1 35  ? 4.908   -2.875  -8.363  1.00 9.91  ? 35  GLN A C   1 
ATOM 265  O O   . GLN A 1 35  ? 4.296   -2.830  -9.429  1.00 8.10  ? 35  GLN A O   1 
ATOM 266  C CB  . GLN A 1 35  ? 7.214   -3.826  -8.529  1.00 13.47 ? 35  GLN A CB  1 
ATOM 267  C CG  . GLN A 1 35  ? 7.914   -2.651  -7.847  1.00 16.97 ? 35  GLN A CG  1 
ATOM 268  C CD  . GLN A 1 35  ? 9.254   -2.306  -8.476  1.00 18.81 ? 35  GLN A CD  1 
ATOM 269  O OE1 . GLN A 1 35  ? 9.378   -2.205  -9.700  1.00 19.74 ? 35  GLN A OE1 1 
ATOM 270  N NE2 . GLN A 1 35  ? 10.259  -2.101  -7.637  1.00 16.23 ? 35  GLN A NE2 1 
ATOM 271  N N   . ALA A 1 36  ? 4.821   -1.921  -7.451  1.00 9.64  ? 36  ALA A N   1 
ATOM 272  C CA  . ALA A 1 36  ? 4.008   -0.738  -7.686  1.00 11.73 ? 36  ALA A CA  1 
ATOM 273  C C   . ALA A 1 36  ? 4.653   0.456   -7.008  1.00 13.71 ? 36  ALA A C   1 
ATOM 274  O O   . ALA A 1 36  ? 5.533   0.309   -6.148  1.00 14.47 ? 36  ALA A O   1 
ATOM 275  C CB  . ALA A 1 36  ? 2.598   -0.948  -7.143  1.00 10.83 ? 36  ALA A CB  1 
ATOM 276  N N   . SER A 1 37  ? 4.221   1.642   -7.413  1.00 14.44 ? 37  SER A N   1 
ATOM 277  C CA  . SER A 1 37  ? 4.733   2.872   -6.834  1.00 15.45 ? 37  SER A CA  1 
ATOM 278  C C   . SER A 1 37  ? 3.572   3.836   -6.744  1.00 15.34 ? 37  SER A C   1 
ATOM 279  O O   . SER A 1 37  ? 2.692   3.838   -7.602  1.00 15.95 ? 37  SER A O   1 
ATOM 280  C CB  . SER A 1 37  ? 5.842   3.465   -7.706  1.00 15.55 ? 37  SER A CB  1 
ATOM 281  O OG  . SER A 1 37  ? 5.372   3.756   -9.009  1.00 18.59 ? 37  SER A OG  1 
ATOM 282  N N   . ILE A 1 38  ? 3.556   4.634   -5.688  1.00 16.12 ? 38  ILE A N   1 
ATOM 283  C CA  . ILE A 1 38  ? 2.503   5.613   -5.505  1.00 16.04 ? 38  ILE A CA  1 
ATOM 284  C C   . ILE A 1 38  ? 3.117   6.875   -4.936  1.00 16.27 ? 38  ILE A C   1 
ATOM 285  O O   . ILE A 1 38  ? 4.185   6.821   -4.340  1.00 13.23 ? 38  ILE A O   1 
ATOM 286  C CB  . ILE A 1 38  ? 1.431   5.095   -4.535  1.00 17.70 ? 38  ILE A CB  1 
ATOM 287  C CG1 . ILE A 1 38  ? 2.073   4.747   -3.192  1.00 21.86 ? 38  ILE A CG1 1 
ATOM 288  C CG2 . ILE A 1 38  ? 0.745   3.878   -5.119  1.00 17.76 ? 38  ILE A CG2 1 
ATOM 289  C CD1 . ILE A 1 38  ? 1.108   4.133   -2.190  1.00 24.59 ? 38  ILE A CD1 1 
ATOM 290  N N   . MET A 1 39  ? 2.450   8.008   -5.143  1.00 21.33 ? 39  MET A N   1 
ATOM 291  C CA  . MET A 1 39  ? 2.911   9.292   -4.615  1.00 25.78 ? 39  MET A CA  1 
ATOM 292  C C   . MET A 1 39  ? 2.105   9.609   -3.380  1.00 26.99 ? 39  MET A C   1 
ATOM 293  O O   . MET A 1 39  ? 0.919   9.285   -3.315  1.00 27.23 ? 39  MET A O   1 
ATOM 294  C CB  . MET A 1 39  ? 2.689   10.435  -5.608  1.00 31.05 ? 39  MET A CB  1 
ATOM 295  C CG  . MET A 1 39  ? 3.748   10.574  -6.669  1.00 38.79 ? 39  MET A CG  1 
ATOM 296  S SD  . MET A 1 39  ? 3.553   9.348   -7.971  1.00 49.91 ? 39  MET A SD  1 
ATOM 297  C CE  . MET A 1 39  ? 2.474   10.255  -9.170  1.00 48.03 ? 39  MET A CE  1 
ATOM 298  N N   . GLY A 1 40  ? 2.742   10.247  -2.405  1.00 28.34 ? 40  GLY A N   1 
ATOM 299  C CA  . GLY A 1 40  ? 2.034   10.609  -1.192  1.00 29.42 ? 40  GLY A CA  1 
ATOM 300  C C   . GLY A 1 40  ? 0.982   11.650  -1.524  1.00 30.10 ? 40  GLY A C   1 
ATOM 301  O O   . GLY A 1 40  ? 1.222   12.516  -2.368  1.00 30.50 ? 40  GLY A O   1 
ATOM 302  N N   . PRO A 1 41  ? -0.202  11.592  -0.897  1.00 30.49 ? 41  PRO A N   1 
ATOM 303  C CA  . PRO A 1 41  ? -1.254  12.572  -1.177  1.00 31.59 ? 41  PRO A CA  1 
ATOM 304  C C   . PRO A 1 41  ? -0.730  13.986  -0.954  1.00 32.11 ? 41  PRO A C   1 
ATOM 305  O O   . PRO A 1 41  ? 0.227   14.176  -0.208  1.00 32.03 ? 41  PRO A O   1 
ATOM 306  C CB  . PRO A 1 41  ? -2.346  12.199  -0.178  1.00 32.37 ? 41  PRO A CB  1 
ATOM 307  C CG  . PRO A 1 41  ? -2.159  10.718  -0.010  1.00 32.44 ? 41  PRO A CG  1 
ATOM 308  C CD  . PRO A 1 41  ? -0.658  10.593  0.086   1.00 31.42 ? 41  PRO A CD  1 
ATOM 309  N N   . ALA A 1 42  ? -1.355  14.972  -1.592  1.00 32.50 ? 42  ALA A N   1 
ATOM 310  C CA  . ALA A 1 42  ? -0.928  16.362  -1.443  1.00 32.62 ? 42  ALA A CA  1 
ATOM 311  C C   . ALA A 1 42  ? -1.159  16.880  -0.021  1.00 32.12 ? 42  ALA A C   1 
ATOM 312  O O   . ALA A 1 42  ? -0.340  17.622  0.534   1.00 30.42 ? 42  ALA A O   1 
ATOM 313  C CB  . ALA A 1 42  ? -1.666  17.242  -2.449  1.00 32.78 ? 42  ALA A CB  1 
ATOM 314  N N   . ASP A 1 43  ? -2.280  16.479  0.562   1.00 33.77 ? 43  ASP A N   1 
ATOM 315  C CA  . ASP A 1 43  ? -2.639  16.895  1.913   1.00 36.24 ? 43  ASP A CA  1 
ATOM 316  C C   . ASP A 1 43  ? -2.173  15.885  2.961   1.00 34.58 ? 43  ASP A C   1 
ATOM 317  O O   . ASP A 1 43  ? -2.921  15.538  3.873   1.00 34.31 ? 43  ASP A O   1 
ATOM 318  C CB  . ASP A 1 43  ? -4.158  17.086  2.009   1.00 40.00 ? 43  ASP A CB  1 
ATOM 319  C CG  . ASP A 1 43  ? -4.940  15.902  1.429   1.00 42.98 ? 43  ASP A CG  1 
ATOM 320  O OD1 . ASP A 1 43  ? -6.195  15.941  1.454   1.00 43.01 ? 43  ASP A OD1 1 
ATOM 321  O OD2 . ASP A 1 43  ? -4.300  14.937  0.947   1.00 43.58 ? 43  ASP A OD2 1 
ATOM 322  N N   . SER A 1 44  ? -0.940  15.414  2.826   1.00 32.74 ? 44  SER A N   1 
ATOM 323  C CA  . SER A 1 44  ? -0.384  14.450  3.770   1.00 31.20 ? 44  SER A CA  1 
ATOM 324  C C   . SER A 1 44  ? 1.095   14.745  3.994   1.00 30.79 ? 44  SER A C   1 
ATOM 325  O O   . SER A 1 44  ? 1.747   15.364  3.149   1.00 32.86 ? 44  SER A O   1 
ATOM 326  C CB  . SER A 1 44  ? -0.537  13.029  3.228   1.00 30.05 ? 44  SER A CB  1 
ATOM 327  O OG  . SER A 1 44  ? 0.340   12.812  2.138   1.00 30.03 ? 44  SER A OG  1 
ATOM 328  N N   . PRO A 1 45  ? 1.643   14.331  5.147   1.00 28.69 ? 45  PRO A N   1 
ATOM 329  C CA  . PRO A 1 45  ? 3.063   14.592  5.382   1.00 27.68 ? 45  PRO A CA  1 
ATOM 330  C C   . PRO A 1 45  ? 3.951   13.738  4.469   1.00 28.12 ? 45  PRO A C   1 
ATOM 331  O O   . PRO A 1 45  ? 5.178   13.762  4.579   1.00 28.68 ? 45  PRO A O   1 
ATOM 332  C CB  . PRO A 1 45  ? 3.235   14.271  6.870   1.00 27.93 ? 45  PRO A CB  1 
ATOM 333  C CG  . PRO A 1 45  ? 2.155   13.261  7.137   1.00 29.04 ? 45  PRO A CG  1 
ATOM 334  C CD  . PRO A 1 45  ? 0.989   13.812  6.361   1.00 28.10 ? 45  PRO A CD  1 
ATOM 335  N N   . TYR A 1 46  ? 3.314   12.995  3.561   1.00 27.44 ? 46  TYR A N   1 
ATOM 336  C CA  . TYR A 1 46  ? 4.017   12.142  2.604   1.00 26.69 ? 46  TYR A CA  1 
ATOM 337  C C   . TYR A 1 46  ? 3.932   12.744  1.208   1.00 26.09 ? 46  TYR A C   1 
ATOM 338  O O   . TYR A 1 46  ? 4.369   12.132  0.232   1.00 25.22 ? 46  TYR A O   1 
ATOM 339  C CB  . TYR A 1 46  ? 3.398   10.745  2.569   1.00 26.67 ? 46  TYR A CB  1 
ATOM 340  C CG  . TYR A 1 46  ? 3.283   10.109  3.924   1.00 25.16 ? 46  TYR A CG  1 
ATOM 341  C CD1 . TYR A 1 46  ? 2.071   10.095  4.605   1.00 24.87 ? 46  TYR A CD1 1 
ATOM 342  C CD2 . TYR A 1 46  ? 4.397   9.558   4.550   1.00 25.41 ? 46  TYR A CD2 1 
ATOM 343  C CE1 . TYR A 1 46  ? 1.971   9.548   5.876   1.00 23.31 ? 46  TYR A CE1 1 
ATOM 344  C CE2 . TYR A 1 46  ? 4.307   9.009   5.824   1.00 24.29 ? 46  TYR A CE2 1 
ATOM 345  C CZ  . TYR A 1 46  ? 3.091   9.010   6.475   1.00 22.69 ? 46  TYR A CZ  1 
ATOM 346  O OH  . TYR A 1 46  ? 2.987   8.467   7.725   1.00 23.21 ? 46  TYR A OH  1 
ATOM 347  N N   . ALA A 1 47  ? 3.369   13.945  1.127   1.00 25.11 ? 47  ALA A N   1 
ATOM 348  C CA  . ALA A 1 47  ? 3.190   14.644  -0.141  1.00 25.30 ? 47  ALA A CA  1 
ATOM 349  C C   . ALA A 1 47  ? 4.468   14.762  -0.973  1.00 25.90 ? 47  ALA A C   1 
ATOM 350  O O   . ALA A 1 47  ? 5.521   15.166  -0.468  1.00 25.67 ? 47  ALA A O   1 
ATOM 351  C CB  . ALA A 1 47  ? 2.600   16.027  0.111   1.00 21.52 ? 47  ALA A CB  1 
ATOM 352  N N   . GLY A 1 48  ? 4.364   14.399  -2.250  1.00 25.11 ? 48  GLY A N   1 
ATOM 353  C CA  . GLY A 1 48  ? 5.508   14.490  -3.139  1.00 25.00 ? 48  GLY A CA  1 
ATOM 354  C C   . GLY A 1 48  ? 6.429   13.286  -3.132  1.00 25.59 ? 48  GLY A C   1 
ATOM 355  O O   . GLY A 1 48  ? 7.150   13.055  -4.101  1.00 24.31 ? 48  GLY A O   1 
ATOM 356  N N   . GLY A 1 49  ? 6.410   12.523  -2.041  1.00 26.56 ? 49  GLY A N   1 
ATOM 357  C CA  . GLY A 1 49  ? 7.249   11.341  -1.938  1.00 22.24 ? 49  GLY A CA  1 
ATOM 358  C C   . GLY A 1 49  ? 6.805   10.236  -2.882  1.00 21.00 ? 49  GLY A C   1 
ATOM 359  O O   . GLY A 1 49  ? 5.655   10.211  -3.340  1.00 19.04 ? 49  GLY A O   1 
ATOM 360  N N   . VAL A 1 50  ? 7.727   9.321   -3.171  1.00 19.48 ? 50  VAL A N   1 
ATOM 361  C CA  . VAL A 1 50  ? 7.454   8.201   -4.060  1.00 18.67 ? 50  VAL A CA  1 
ATOM 362  C C   . VAL A 1 50  ? 7.675   6.895   -3.308  1.00 17.78 ? 50  VAL A C   1 
ATOM 363  O O   . VAL A 1 50  ? 8.788   6.606   -2.869  1.00 18.13 ? 50  VAL A O   1 
ATOM 364  C CB  . VAL A 1 50  ? 8.368   8.252   -5.288  1.00 18.79 ? 50  VAL A CB  1 
ATOM 365  C CG1 . VAL A 1 50  ? 8.066   7.084   -6.214  1.00 19.97 ? 50  VAL A CG1 1 
ATOM 366  C CG2 . VAL A 1 50  ? 8.169   9.572   -6.009  1.00 19.78 ? 50  VAL A CG2 1 
ATOM 367  N N   . PHE A 1 51  ? 6.614   6.100   -3.182  1.00 16.98 ? 51  PHE A N   1 
ATOM 368  C CA  . PHE A 1 51  ? 6.680   4.843   -2.439  1.00 14.97 ? 51  PHE A CA  1 
ATOM 369  C C   . PHE A 1 51  ? 6.531   3.594   -3.289  1.00 13.87 ? 51  PHE A C   1 
ATOM 370  O O   . PHE A 1 51  ? 5.612   3.485   -4.099  1.00 14.47 ? 51  PHE A O   1 
ATOM 371  C CB  . PHE A 1 51  ? 5.617   4.880   -1.353  1.00 13.68 ? 51  PHE A CB  1 
ATOM 372  C CG  . PHE A 1 51  ? 5.669   6.128   -0.521  1.00 12.74 ? 51  PHE A CG  1 
ATOM 373  C CD1 . PHE A 1 51  ? 6.542   6.224   0.563   1.00 9.07  ? 51  PHE A CD1 1 
ATOM 374  C CD2 . PHE A 1 51  ? 4.882   7.236   -0.860  1.00 10.78 ? 51  PHE A CD2 1 
ATOM 375  C CE1 . PHE A 1 51  ? 6.630   7.404   1.295   1.00 9.22  ? 51  PHE A CE1 1 
ATOM 376  C CE2 . PHE A 1 51  ? 4.964   8.425   -0.132  1.00 8.30  ? 51  PHE A CE2 1 
ATOM 377  C CZ  . PHE A 1 51  ? 5.838   8.511   0.946   1.00 7.91  ? 51  PHE A CZ  1 
ATOM 378  N N   . PHE A 1 52  ? 7.453   2.654   -3.099  1.00 12.40 ? 52  PHE A N   1 
ATOM 379  C CA  . PHE A 1 52  ? 7.441   1.409   -3.853  1.00 11.52 ? 52  PHE A CA  1 
ATOM 380  C C   . PHE A 1 52  ? 6.904   0.257   -3.026  1.00 10.31 ? 52  PHE A C   1 
ATOM 381  O O   . PHE A 1 52  ? 7.363   0.016   -1.913  1.00 9.89  ? 52  PHE A O   1 
ATOM 382  C CB  . PHE A 1 52  ? 8.851   1.073   -4.369  1.00 10.91 ? 52  PHE A CB  1 
ATOM 383  C CG  . PHE A 1 52  ? 9.245   1.858   -5.582  1.00 11.56 ? 52  PHE A CG  1 
ATOM 384  C CD1 . PHE A 1 52  ? 9.885   3.088   -5.460  1.00 12.86 ? 52  PHE A CD1 1 
ATOM 385  C CD2 . PHE A 1 52  ? 8.902   1.406   -6.857  1.00 14.95 ? 52  PHE A CD2 1 
ATOM 386  C CE1 . PHE A 1 52  ? 10.176  3.864   -6.592  1.00 13.13 ? 52  PHE A CE1 1 
ATOM 387  C CE2 . PHE A 1 52  ? 9.187   2.174   -7.998  1.00 13.84 ? 52  PHE A CE2 1 
ATOM 388  C CZ  . PHE A 1 52  ? 9.825   3.405   -7.860  1.00 13.29 ? 52  PHE A CZ  1 
ATOM 389  N N   . LEU A 1 53  ? 5.926   -0.446  -3.591  1.00 9.10  ? 53  LEU A N   1 
ATOM 390  C CA  . LEU A 1 53  ? 5.291   -1.582  -2.935  1.00 6.84  ? 53  LEU A CA  1 
ATOM 391  C C   . LEU A 1 53  ? 5.682   -2.879  -3.609  1.00 6.71  ? 53  LEU A C   1 
ATOM 392  O O   . LEU A 1 53  ? 5.866   -2.923  -4.816  1.00 7.78  ? 53  LEU A O   1 
ATOM 393  C CB  . LEU A 1 53  ? 3.766   -1.456  -3.010  1.00 6.30  ? 53  LEU A CB  1 
ATOM 394  C CG  . LEU A 1 53  ? 3.011   -0.371  -2.237  1.00 7.40  ? 53  LEU A CG  1 
ATOM 395  C CD1 . LEU A 1 53  ? 3.192   -0.602  -0.754  1.00 7.26  ? 53  LEU A CD1 1 
ATOM 396  C CD2 . LEU A 1 53  ? 3.505   1.009   -2.627  1.00 9.02  ? 53  LEU A CD2 1 
ATOM 397  N N   . SER A 1 54  ? 5.812   -3.939  -2.824  1.00 8.50  ? 54  SER A N   1 
ATOM 398  C CA  . SER A 1 54  ? 6.120   -5.255  -3.368  1.00 9.48  ? 54  SER A CA  1 
ATOM 399  C C   . SER A 1 54  ? 4.812   -6.033  -3.272  1.00 12.20 ? 54  SER A C   1 
ATOM 400  O O   . SER A 1 54  ? 4.126   -5.970  -2.252  1.00 12.95 ? 54  SER A O   1 
ATOM 401  C CB  . SER A 1 54  ? 7.189   -5.941  -2.538  1.00 10.01 ? 54  SER A CB  1 
ATOM 402  O OG  . SER A 1 54  ? 7.527   -7.185  -3.118  1.00 16.00 ? 54  SER A OG  1 
ATOM 403  N N   . ILE A 1 55  ? 4.457   -6.767  -4.321  1.00 14.37 ? 55  ILE A N   1 
ATOM 404  C CA  . ILE A 1 55  ? 3.191   -7.503  -4.329  1.00 14.12 ? 55  ILE A CA  1 
ATOM 405  C C   . ILE A 1 55  ? 3.299   -8.970  -4.705  1.00 13.52 ? 55  ILE A C   1 
ATOM 406  O O   . ILE A 1 55  ? 3.842   -9.312  -5.752  1.00 14.34 ? 55  ILE A O   1 
ATOM 407  C CB  . ILE A 1 55  ? 2.200   -6.849  -5.308  1.00 14.23 ? 55  ILE A CB  1 
ATOM 408  C CG1 . ILE A 1 55  ? 1.928   -5.409  -4.877  1.00 14.16 ? 55  ILE A CG1 1 
ATOM 409  C CG2 . ILE A 1 55  ? 0.918   -7.662  -5.377  1.00 12.46 ? 55  ILE A CG2 1 
ATOM 410  C CD1 . ILE A 1 55  ? 1.405   -4.535  -5.990  1.00 15.21 ? 55  ILE A CD1 1 
ATOM 411  N N   . HIS A 1 56  ? 2.769   -9.837  -3.848  1.00 14.74 ? 56  HIS A N   1 
ATOM 412  C CA  . HIS A 1 56  ? 2.777   -11.273 -4.118  1.00 15.14 ? 56  HIS A CA  1 
ATOM 413  C C   . HIS A 1 56  ? 1.361   -11.852 -4.121  1.00 14.76 ? 56  HIS A C   1 
ATOM 414  O O   . HIS A 1 56  ? 0.675   -11.845 -3.098  1.00 14.64 ? 56  HIS A O   1 
ATOM 415  C CB  . HIS A 1 56  ? 3.627   -12.010 -3.088  1.00 13.00 ? 56  HIS A CB  1 
ATOM 416  C CG  . HIS A 1 56  ? 5.101   -11.850 -3.297  1.00 17.34 ? 56  HIS A CG  1 
ATOM 417  N ND1 . HIS A 1 56  ? 5.808   -10.763 -2.825  1.00 18.84 ? 56  HIS A ND1 1 
ATOM 418  C CD2 . HIS A 1 56  ? 5.999   -12.633 -3.942  1.00 16.38 ? 56  HIS A CD2 1 
ATOM 419  C CE1 . HIS A 1 56  ? 7.078   -10.884 -3.171  1.00 18.21 ? 56  HIS A CE1 1 
ATOM 420  N NE2 . HIS A 1 56  ? 7.220   -12.010 -3.849  1.00 15.62 ? 56  HIS A NE2 1 
ATOM 421  N N   . PHE A 1 57  ? 0.923   -12.343 -5.277  1.00 12.82 ? 57  PHE A N   1 
ATOM 422  C CA  . PHE A 1 57  ? -0.407  -12.932 -5.394  1.00 13.53 ? 57  PHE A CA  1 
ATOM 423  C C   . PHE A 1 57  ? -0.436  -14.382 -4.914  1.00 13.68 ? 57  PHE A C   1 
ATOM 424  O O   . PHE A 1 57  ? 0.419   -15.186 -5.292  1.00 14.03 ? 57  PHE A O   1 
ATOM 425  C CB  . PHE A 1 57  ? -0.892  -12.883 -6.846  1.00 12.43 ? 57  PHE A CB  1 
ATOM 426  C CG  . PHE A 1 57  ? -1.213  -11.501 -7.331  1.00 12.06 ? 57  PHE A CG  1 
ATOM 427  C CD1 . PHE A 1 57  ? -0.285  -10.778 -8.084  1.00 12.02 ? 57  PHE A CD1 1 
ATOM 428  C CD2 . PHE A 1 57  ? -2.430  -10.904 -7.001  1.00 6.68  ? 57  PHE A CD2 1 
ATOM 429  C CE1 . PHE A 1 57  ? -0.569  -9.475  -8.497  1.00 11.71 ? 57  PHE A CE1 1 
ATOM 430  C CE2 . PHE A 1 57  ? -2.718  -9.618  -7.404  1.00 6.92  ? 57  PHE A CE2 1 
ATOM 431  C CZ  . PHE A 1 57  ? -1.786  -8.895  -8.153  1.00 9.31  ? 57  PHE A CZ  1 
ATOM 432  N N   . PRO A 1 58  ? -1.419  -14.736 -4.066  1.00 12.91 ? 58  PRO A N   1 
ATOM 433  C CA  . PRO A 1 58  ? -1.493  -16.114 -3.583  1.00 11.34 ? 58  PRO A CA  1 
ATOM 434  C C   . PRO A 1 58  ? -1.862  -17.010 -4.756  1.00 12.23 ? 58  PRO A C   1 
ATOM 435  O O   . PRO A 1 58  ? -2.523  -16.565 -5.696  1.00 11.22 ? 58  PRO A O   1 
ATOM 436  C CB  . PRO A 1 58  ? -2.594  -16.048 -2.528  1.00 12.30 ? 58  PRO A CB  1 
ATOM 437  C CG  . PRO A 1 58  ? -3.509  -15.010 -3.063  1.00 15.16 ? 58  PRO A CG  1 
ATOM 438  C CD  . PRO A 1 58  ? -2.539  -13.935 -3.536  1.00 13.90 ? 58  PRO A CD  1 
ATOM 439  N N   . THR A 1 59  ? -1.435  -18.268 -4.708  1.00 12.47 ? 59  THR A N   1 
ATOM 440  C CA  . THR A 1 59  ? -1.728  -19.198 -5.786  1.00 13.18 ? 59  THR A CA  1 
ATOM 441  C C   . THR A 1 59  ? -3.224  -19.439 -5.949  1.00 13.07 ? 59  THR A C   1 
ATOM 442  O O   . THR A 1 59  ? -3.683  -19.828 -7.023  1.00 12.98 ? 59  THR A O   1 
ATOM 443  C CB  . THR A 1 59  ? -1.054  -20.544 -5.557  1.00 13.85 ? 59  THR A CB  1 
ATOM 444  O OG1 . THR A 1 59  ? -1.170  -21.328 -6.746  1.00 16.46 ? 59  THR A OG1 1 
ATOM 445  C CG2 . THR A 1 59  ? -1.719  -21.283 -4.416  1.00 14.09 ? 59  THR A CG2 1 
ATOM 446  N N   . ASP A 1 60  ? -3.974  -19.199 -4.877  1.00 15.86 ? 60  ASP A N   1 
ATOM 447  C CA  . ASP A 1 60  ? -5.429  -19.381 -4.864  1.00 19.15 ? 60  ASP A CA  1 
ATOM 448  C C   . ASP A 1 60  ? -6.203  -18.057 -4.936  1.00 19.51 ? 60  ASP A C   1 
ATOM 449  O O   . ASP A 1 60  ? -7.321  -17.946 -4.429  1.00 21.08 ? 60  ASP A O   1 
ATOM 450  C CB  . ASP A 1 60  ? -5.852  -20.187 -3.614  1.00 22.84 ? 60  ASP A CB  1 
ATOM 451  C CG  . ASP A 1 60  ? -5.289  -19.613 -2.302  1.00 27.21 ? 60  ASP A CG  1 
ATOM 452  O OD1 . ASP A 1 60  ? -4.128  -19.139 -2.278  1.00 27.61 ? 60  ASP A OD1 1 
ATOM 453  O OD2 . ASP A 1 60  ? -6.006  -19.659 -1.276  1.00 31.31 ? 60  ASP A OD2 1 
ATOM 454  N N   . TYR A 1 61  ? -5.590  -17.060 -5.571  1.00 18.39 ? 61  TYR A N   1 
ATOM 455  C CA  . TYR A 1 61  ? -6.182  -15.733 -5.756  1.00 14.97 ? 61  TYR A CA  1 
ATOM 456  C C   . TYR A 1 61  ? -7.280  -15.880 -6.819  1.00 14.92 ? 61  TYR A C   1 
ATOM 457  O O   . TYR A 1 61  ? -7.161  -16.700 -7.733  1.00 16.19 ? 61  TYR A O   1 
ATOM 458  C CB  . TYR A 1 61  ? -5.088  -14.771 -6.246  1.00 11.29 ? 61  TYR A CB  1 
ATOM 459  C CG  . TYR A 1 61  ? -5.529  -13.343 -6.442  1.00 7.74  ? 61  TYR A CG  1 
ATOM 460  C CD1 . TYR A 1 61  ? -5.681  -12.486 -5.356  1.00 8.25  ? 61  TYR A CD1 1 
ATOM 461  C CD2 . TYR A 1 61  ? -5.804  -12.848 -7.713  1.00 7.39  ? 61  TYR A CD2 1 
ATOM 462  C CE1 . TYR A 1 61  ? -6.098  -11.165 -5.526  1.00 7.55  ? 61  TYR A CE1 1 
ATOM 463  C CE2 . TYR A 1 61  ? -6.221  -11.529 -7.901  1.00 6.26  ? 61  TYR A CE2 1 
ATOM 464  C CZ  . TYR A 1 61  ? -6.368  -10.689 -6.803  1.00 8.67  ? 61  TYR A CZ  1 
ATOM 465  O OH  . TYR A 1 61  ? -6.791  -9.378  -6.975  1.00 5.87  ? 61  TYR A OH  1 
ATOM 466  N N   . PRO A 1 62  ? -8.350  -15.074 -6.743  1.00 14.00 ? 62  PRO A N   1 
ATOM 467  C CA  . PRO A 1 62  ? -8.718  -14.009 -5.801  1.00 13.49 ? 62  PRO A CA  1 
ATOM 468  C C   . PRO A 1 62  ? -9.514  -14.479 -4.579  1.00 14.54 ? 62  PRO A C   1 
ATOM 469  O O   . PRO A 1 62  ? -10.209 -13.690 -3.935  1.00 13.94 ? 62  PRO A O   1 
ATOM 470  C CB  . PRO A 1 62  ? -9.549  -13.085 -6.675  1.00 12.72 ? 62  PRO A CB  1 
ATOM 471  C CG  . PRO A 1 62  ? -10.352 -14.085 -7.460  1.00 9.93  ? 62  PRO A CG  1 
ATOM 472  C CD  . PRO A 1 62  ? -9.288  -15.090 -7.885  1.00 10.55 ? 62  PRO A CD  1 
ATOM 473  N N   . PHE A 1 63  ? -9.422  -15.756 -4.252  1.00 15.10 ? 63  PHE A N   1 
ATOM 474  C CA  . PHE A 1 63  ? -10.178 -16.250 -3.118  1.00 16.58 ? 63  PHE A CA  1 
ATOM 475  C C   . PHE A 1 63  ? -9.398  -16.075 -1.829  1.00 18.58 ? 63  PHE A C   1 
ATOM 476  O O   . PHE A 1 63  ? -9.910  -16.324 -0.737  1.00 19.43 ? 63  PHE A O   1 
ATOM 477  C CB  . PHE A 1 63  ? -10.603 -17.706 -3.372  1.00 15.80 ? 63  PHE A CB  1 
ATOM 478  C CG  . PHE A 1 63  ? -11.520 -17.849 -4.560  1.00 13.83 ? 63  PHE A CG  1 
ATOM 479  C CD1 . PHE A 1 63  ? -11.001 -17.983 -5.845  1.00 13.08 ? 63  PHE A CD1 1 
ATOM 480  C CD2 . PHE A 1 63  ? -12.896 -17.706 -4.410  1.00 12.56 ? 63  PHE A CD2 1 
ATOM 481  C CE1 . PHE A 1 63  ? -11.839 -17.959 -6.967  1.00 14.34 ? 63  PHE A CE1 1 
ATOM 482  C CE2 . PHE A 1 63  ? -13.742 -17.680 -5.523  1.00 14.25 ? 63  PHE A CE2 1 
ATOM 483  C CZ  . PHE A 1 63  ? -13.209 -17.805 -6.807  1.00 11.89 ? 63  PHE A CZ  1 
ATOM 484  N N   . LYS A 1 64  ? -8.160  -15.609 -1.980  1.00 19.90 ? 64  LYS A N   1 
ATOM 485  C CA  . LYS A 1 64  ? -7.266  -15.336 -0.859  1.00 19.10 ? 64  LYS A CA  1 
ATOM 486  C C   . LYS A 1 64  ? -6.597  -14.015 -1.228  1.00 17.21 ? 64  LYS A C   1 
ATOM 487  O O   . LYS A 1 64  ? -6.181  -13.828 -2.363  1.00 16.53 ? 64  LYS A O   1 
ATOM 488  C CB  . LYS A 1 64  ? -6.238  -16.452 -0.713  1.00 20.84 ? 64  LYS A CB  1 
ATOM 489  C CG  . LYS A 1 64  ? -5.888  -16.766 0.722   1.00 25.69 ? 64  LYS A CG  1 
ATOM 490  C CD  . LYS A 1 64  ? -7.092  -17.305 1.491   1.00 29.82 ? 64  LYS A CD  1 
ATOM 491  C CE  . LYS A 1 64  ? -6.742  -17.552 2.968   1.00 32.66 ? 64  LYS A CE  1 
ATOM 492  N NZ  . LYS A 1 64  ? -7.913  -17.998 3.787   1.00 31.21 ? 64  LYS A NZ  1 
ATOM 493  N N   . PRO A 1 65  ? -6.479  -13.084 -0.271  1.00 17.85 ? 65  PRO A N   1 
ATOM 494  C CA  . PRO A 1 65  ? -5.869  -11.776 -0.533  1.00 17.35 ? 65  PRO A CA  1 
ATOM 495  C C   . PRO A 1 65  ? -4.411  -11.790 -0.968  1.00 18.90 ? 65  PRO A C   1 
ATOM 496  O O   . PRO A 1 65  ? -3.686  -12.763 -0.742  1.00 21.14 ? 65  PRO A O   1 
ATOM 497  C CB  . PRO A 1 65  ? -6.060  -11.050 0.790   1.00 17.51 ? 65  PRO A CB  1 
ATOM 498  C CG  . PRO A 1 65  ? -5.843  -12.143 1.775   1.00 15.01 ? 65  PRO A CG  1 
ATOM 499  C CD  . PRO A 1 65  ? -6.628  -13.300 1.180   1.00 16.18 ? 65  PRO A CD  1 
ATOM 500  N N   . PRO A 1 66  ? -3.970  -10.713 -1.634  1.00 18.89 ? 66  PRO A N   1 
ATOM 501  C CA  . PRO A 1 66  ? -2.578  -10.636 -2.079  1.00 17.98 ? 66  PRO A CA  1 
ATOM 502  C C   . PRO A 1 66  ? -1.681  -10.138 -0.948  1.00 15.57 ? 66  PRO A C   1 
ATOM 503  O O   . PRO A 1 66  ? -2.144  -9.483  -0.014  1.00 13.31 ? 66  PRO A O   1 
ATOM 504  C CB  . PRO A 1 66  ? -2.646  -9.656  -3.246  1.00 17.98 ? 66  PRO A CB  1 
ATOM 505  C CG  . PRO A 1 66  ? -3.729  -8.723  -2.827  1.00 18.19 ? 66  PRO A CG  1 
ATOM 506  C CD  . PRO A 1 66  ? -4.782  -9.663  -2.274  1.00 18.53 ? 66  PRO A CD  1 
ATOM 507  N N   . LYS A 1 67  ? -0.398  -10.468 -1.033  1.00 17.04 ? 67  LYS A N   1 
ATOM 508  C CA  . LYS A 1 67  ? 0.581   -10.045 -0.038  1.00 18.07 ? 67  LYS A CA  1 
ATOM 509  C C   . LYS A 1 67  ? 1.228   -8.733  -0.482  1.00 18.58 ? 67  LYS A C   1 
ATOM 510  O O   . LYS A 1 67  ? 1.924   -8.681  -1.504  1.00 17.20 ? 67  LYS A O   1 
ATOM 511  C CB  . LYS A 1 67  ? 1.640   -11.130 0.125   1.00 20.96 ? 67  LYS A CB  1 
ATOM 512  C CG  . LYS A 1 67  ? 1.470   -11.954 1.374   1.00 24.23 ? 67  LYS A CG  1 
ATOM 513  C CD  . LYS A 1 67  ? 1.768   -11.098 2.600   1.00 31.52 ? 67  LYS A CD  1 
ATOM 514  C CE  . LYS A 1 67  ? 3.206   -10.563 2.562   1.00 33.68 ? 67  LYS A CE  1 
ATOM 515  N NZ  . LYS A 1 67  ? 3.468   -9.561  3.632   1.00 35.99 ? 67  LYS A NZ  1 
ATOM 516  N N   . ILE A 1 68  ? 0.969   -7.673  0.280   1.00 18.08 ? 68  ILE A N   1 
ATOM 517  C CA  . ILE A 1 68  ? 1.506   -6.357  -0.027  1.00 17.72 ? 68  ILE A CA  1 
ATOM 518  C C   . ILE A 1 68  ? 2.421   -5.835  1.071   1.00 19.49 ? 68  ILE A C   1 
ATOM 519  O O   . ILE A 1 68  ? 2.010   -5.584  2.206   1.00 19.37 ? 68  ILE A O   1 
ATOM 520  C CB  . ILE A 1 68  ? 0.377   -5.331  -0.293  1.00 15.23 ? 68  ILE A CB  1 
ATOM 521  C CG1 . ILE A 1 68  ? -0.394  -5.750  -1.548  1.00 17.28 ? 68  ILE A CG1 1 
ATOM 522  C CG2 . ILE A 1 68  ? 0.965   -3.932  -0.463  1.00 13.14 ? 68  ILE A CG2 1 
ATOM 523  C CD1 . ILE A 1 68  ? -1.369  -4.726  -2.081  1.00 14.09 ? 68  ILE A CD1 1 
ATOM 524  N N   . SER A 1 69  ? 3.681   -5.673  0.701   1.00 21.77 ? 69  SER A N   1 
ATOM 525  C CA  . SER A 1 69  ? 4.702   -5.186  1.603   1.00 21.95 ? 69  SER A CA  1 
ATOM 526  C C   . SER A 1 69  ? 5.192   -3.849  1.048   1.00 22.23 ? 69  SER A C   1 
ATOM 527  O O   . SER A 1 69  ? 5.156   -3.619  -0.161  1.00 23.87 ? 69  SER A O   1 
ATOM 528  C CB  . SER A 1 69  ? 5.848   -6.199  1.643   1.00 20.20 ? 69  SER A CB  1 
ATOM 529  O OG  . SER A 1 69  ? 6.544   -6.127  2.868   1.00 23.38 ? 69  SER A OG  1 
ATOM 530  N N   . PHE A 1 70  ? 5.637   -2.967  1.934   1.00 20.92 ? 70  PHE A N   1 
ATOM 531  C CA  . PHE A 1 70  ? 6.150   -1.663  1.529   1.00 16.88 ? 70  PHE A CA  1 
ATOM 532  C C   . PHE A 1 70  ? 7.665   -1.757  1.397   1.00 15.12 ? 70  PHE A C   1 
ATOM 533  O O   . PHE A 1 70  ? 8.340   -2.167  2.333   1.00 17.29 ? 70  PHE A O   1 
ATOM 534  C CB  . PHE A 1 70  ? 5.799   -0.635  2.591   1.00 15.86 ? 70  PHE A CB  1 
ATOM 535  C CG  . PHE A 1 70  ? 4.811   0.391   2.143   1.00 14.81 ? 70  PHE A CG  1 
ATOM 536  C CD1 . PHE A 1 70  ? 5.197   1.414   1.287   1.00 18.04 ? 70  PHE A CD1 1 
ATOM 537  C CD2 . PHE A 1 70  ? 3.512   0.375   2.624   1.00 13.18 ? 70  PHE A CD2 1 
ATOM 538  C CE1 . PHE A 1 70  ? 4.297   2.417   0.923   1.00 15.06 ? 70  PHE A CE1 1 
ATOM 539  C CE2 . PHE A 1 70  ? 2.609   1.368   2.267   1.00 12.84 ? 70  PHE A CE2 1 
ATOM 540  C CZ  . PHE A 1 70  ? 3.004   2.392   1.416   1.00 13.43 ? 70  PHE A CZ  1 
ATOM 541  N N   . THR A 1 71  ? 8.195   -1.392  0.237   1.00 14.87 ? 71  THR A N   1 
ATOM 542  C CA  . THR A 1 71  ? 9.643   -1.439  0.001   1.00 15.74 ? 71  THR A CA  1 
ATOM 543  C C   . THR A 1 71  ? 10.329  -0.232  0.635   1.00 15.15 ? 71  THR A C   1 
ATOM 544  O O   . THR A 1 71  ? 11.371  -0.360  1.252   1.00 15.85 ? 71  THR A O   1 
ATOM 545  C CB  . THR A 1 71  ? 9.985   -1.421  -1.511  1.00 18.02 ? 71  THR A CB  1 
ATOM 546  O OG1 . THR A 1 71  ? 9.594   -2.659  -2.118  1.00 19.11 ? 71  THR A OG1 1 
ATOM 547  C CG2 . THR A 1 71  ? 11.476  -1.193  -1.718  1.00 17.76 ? 71  THR A CG2 1 
ATOM 548  N N   . THR A 1 72  ? 9.725   0.939   0.461   1.00 14.29 ? 72  THR A N   1 
ATOM 549  C CA  . THR A 1 72  ? 10.242  2.188   0.990   1.00 12.28 ? 72  THR A CA  1 
ATOM 550  C C   . THR A 1 72  ? 9.996   2.318   2.486   1.00 14.91 ? 72  THR A C   1 
ATOM 551  O O   . THR A 1 72  ? 9.027   1.771   3.005   1.00 18.12 ? 72  THR A O   1 
ATOM 552  C CB  . THR A 1 72  ? 9.570   3.367   0.297   1.00 10.88 ? 72  THR A CB  1 
ATOM 553  O OG1 . THR A 1 72  ? 9.697   3.218   -1.122  1.00 9.53  ? 72  THR A OG1 1 
ATOM 554  C CG2 . THR A 1 72  ? 10.204  4.664   0.731   1.00 9.24  ? 72  THR A CG2 1 
ATOM 555  N N   . LYS A 1 73  ? 10.881  3.038   3.175   1.00 16.70 ? 73  LYS A N   1 
ATOM 556  C CA  . LYS A 1 73  ? 10.743  3.266   4.612   1.00 18.92 ? 73  LYS A CA  1 
ATOM 557  C C   . LYS A 1 73  ? 9.743   4.401   4.841   1.00 19.74 ? 73  LYS A C   1 
ATOM 558  O O   . LYS A 1 73  ? 9.892   5.508   4.306   1.00 20.04 ? 73  LYS A O   1 
ATOM 559  C CB  . LYS A 1 73  ? 12.096  3.620   5.251   1.00 21.11 ? 73  LYS A CB  1 
ATOM 560  C CG  . LYS A 1 73  ? 12.813  2.435   5.896   1.00 27.37 ? 73  LYS A CG  1 
ATOM 561  C CD  . LYS A 1 73  ? 12.023  1.888   7.098   1.00 33.47 ? 73  LYS A CD  1 
ATOM 562  C CE  . LYS A 1 73  ? 12.576  0.556   7.622   1.00 34.31 ? 73  LYS A CE  1 
ATOM 563  N NZ  . LYS A 1 73  ? 13.963  0.664   8.179   1.00 36.36 ? 73  LYS A NZ  1 
ATOM 564  N N   . ILE A 1 74  ? 8.721   4.118   5.638   1.00 19.34 ? 74  ILE A N   1 
ATOM 565  C CA  . ILE A 1 74  ? 7.691   5.100   5.913   1.00 19.10 ? 74  ILE A CA  1 
ATOM 566  C C   . ILE A 1 74  ? 7.379   5.160   7.404   1.00 18.13 ? 74  ILE A C   1 
ATOM 567  O O   . ILE A 1 74  ? 7.466   4.161   8.104   1.00 18.16 ? 74  ILE A O   1 
ATOM 568  C CB  . ILE A 1 74  ? 6.409   4.755   5.117   1.00 18.66 ? 74  ILE A CB  1 
ATOM 569  C CG1 . ILE A 1 74  ? 5.404   5.910   5.193   1.00 16.44 ? 74  ILE A CG1 1 
ATOM 570  C CG2 . ILE A 1 74  ? 5.813   3.450   5.639   1.00 17.78 ? 74  ILE A CG2 1 
ATOM 571  C CD1 . ILE A 1 74  ? 4.170   5.694   4.342   1.00 10.75 ? 74  ILE A CD1 1 
ATOM 572  N N   . TYR A 1 75  ? 7.030   6.349   7.879   1.00 20.00 ? 75  TYR A N   1 
ATOM 573  C CA  . TYR A 1 75  ? 6.694   6.570   9.280   1.00 21.01 ? 75  TYR A CA  1 
ATOM 574  C C   . TYR A 1 75  ? 5.175   6.689   9.354   1.00 20.56 ? 75  TYR A C   1 
ATOM 575  O O   . TYR A 1 75  ? 4.620   7.767   9.175   1.00 19.78 ? 75  TYR A O   1 
ATOM 576  C CB  . TYR A 1 75  ? 7.365   7.857   9.773   1.00 21.15 ? 75  TYR A CB  1 
ATOM 577  C CG  . TYR A 1 75  ? 7.308   8.088   11.266  1.00 21.59 ? 75  TYR A CG  1 
ATOM 578  C CD1 . TYR A 1 75  ? 6.259   8.799   11.853  1.00 19.96 ? 75  TYR A CD1 1 
ATOM 579  C CD2 . TYR A 1 75  ? 8.322   7.613   12.094  1.00 23.48 ? 75  TYR A CD2 1 
ATOM 580  C CE1 . TYR A 1 75  ? 6.228   9.035   13.234  1.00 19.54 ? 75  TYR A CE1 1 
ATOM 581  C CE2 . TYR A 1 75  ? 8.300   7.841   13.474  1.00 23.58 ? 75  TYR A CE2 1 
ATOM 582  C CZ  . TYR A 1 75  ? 7.253   8.550   14.038  1.00 21.20 ? 75  TYR A CZ  1 
ATOM 583  O OH  . TYR A 1 75  ? 7.250   8.755   15.400  1.00 19.40 ? 75  TYR A OH  1 
ATOM 584  N N   . HIS A 1 76  ? 4.516   5.563   9.608   1.00 21.63 ? 76  HIS A N   1 
ATOM 585  C CA  . HIS A 1 76  ? 3.058   5.490   9.687   1.00 19.65 ? 76  HIS A CA  1 
ATOM 586  C C   . HIS A 1 76  ? 2.711   4.513   10.810  1.00 17.52 ? 76  HIS A C   1 
ATOM 587  O O   . HIS A 1 76  ? 3.371   3.484   10.971  1.00 16.07 ? 76  HIS A O   1 
ATOM 588  C CB  . HIS A 1 76  ? 2.495   4.960   8.359   1.00 20.69 ? 76  HIS A CB  1 
ATOM 589  C CG  . HIS A 1 76  ? 1.019   5.152   8.201   1.00 21.98 ? 76  HIS A CG  1 
ATOM 590  N ND1 . HIS A 1 76  ? 0.470   6.316   7.705   1.00 23.66 ? 76  HIS A ND1 1 
ATOM 591  C CD2 . HIS A 1 76  ? -0.023  4.337   8.488   1.00 20.60 ? 76  HIS A CD2 1 
ATOM 592  C CE1 . HIS A 1 76  ? -0.847  6.209   7.695   1.00 22.29 ? 76  HIS A CE1 1 
ATOM 593  N NE2 . HIS A 1 76  ? -1.172  5.019   8.165   1.00 21.54 ? 76  HIS A NE2 1 
ATOM 594  N N   . PRO A 1 77  ? 1.668   4.819   11.596  1.00 15.76 ? 77  PRO A N   1 
ATOM 595  C CA  . PRO A 1 77  ? 1.266   3.937   12.697  1.00 16.40 ? 77  PRO A CA  1 
ATOM 596  C C   . PRO A 1 77  ? 0.727   2.566   12.261  1.00 16.72 ? 77  PRO A C   1 
ATOM 597  O O   . PRO A 1 77  ? 0.701   1.623   13.053  1.00 14.62 ? 77  PRO A O   1 
ATOM 598  C CB  . PRO A 1 77  ? 0.221   4.769   13.432  1.00 15.17 ? 77  PRO A CB  1 
ATOM 599  C CG  . PRO A 1 77  ? -0.399  5.573   12.333  1.00 13.86 ? 77  PRO A CG  1 
ATOM 600  C CD  . PRO A 1 77  ? 0.800   6.006   11.529  1.00 14.66 ? 77  PRO A CD  1 
ATOM 601  N N   . ASN A 1 78  ? 0.318   2.454   10.998  1.00 17.31 ? 78  ASN A N   1 
ATOM 602  C CA  . ASN A 1 78  ? -0.233  1.203   10.471  1.00 17.79 ? 78  ASN A CA  1 
ATOM 603  C C   . ASN A 1 78  ? 0.724   0.435   9.586   1.00 16.65 ? 78  ASN A C   1 
ATOM 604  O O   . ASN A 1 78  ? 0.362   -0.576  8.996   1.00 16.91 ? 78  ASN A O   1 
ATOM 605  C CB  . ASN A 1 78  ? -1.515  1.482   9.692   1.00 18.05 ? 78  ASN A CB  1 
ATOM 606  C CG  . ASN A 1 78  ? -2.603  2.048   10.571  1.00 19.59 ? 78  ASN A CG  1 
ATOM 607  O OD1 . ASN A 1 78  ? -3.004  1.411   11.546  1.00 20.47 ? 78  ASN A OD1 1 
ATOM 608  N ND2 . ASN A 1 78  ? -3.080  3.249   10.245  1.00 15.63 ? 78  ASN A ND2 1 
ATOM 609  N N   . ILE A 1 79  ? 1.949   0.926   9.491   1.00 16.02 ? 79  ILE A N   1 
ATOM 610  C CA  . ILE A 1 79  ? 2.959   0.274   8.680   1.00 15.95 ? 79  ILE A CA  1 
ATOM 611  C C   . ILE A 1 79  ? 4.175   0.150   9.582   1.00 19.27 ? 79  ILE A C   1 
ATOM 612  O O   . ILE A 1 79  ? 4.544   1.109   10.267  1.00 22.23 ? 79  ILE A O   1 
ATOM 613  C CB  . ILE A 1 79  ? 3.304   1.122   7.438   1.00 12.81 ? 79  ILE A CB  1 
ATOM 614  C CG1 . ILE A 1 79  ? 2.014   1.496   6.699   1.00 12.53 ? 79  ILE A CG1 1 
ATOM 615  C CG2 . ILE A 1 79  ? 4.231   0.346   6.526   1.00 9.06  ? 79  ILE A CG2 1 
ATOM 616  C CD1 . ILE A 1 79  ? 2.202   2.419   5.514   1.00 11.77 ? 79  ILE A CD1 1 
ATOM 617  N N   . ASN A 1 80  ? 4.783   -1.032  9.602   1.00 19.94 ? 80  ASN A N   1 
ATOM 618  C CA  . ASN A 1 80  ? 5.942   -1.265  10.445  1.00 19.49 ? 80  ASN A CA  1 
ATOM 619  C C   . ASN A 1 80  ? 7.259   -1.169  9.695   1.00 20.37 ? 80  ASN A C   1 
ATOM 620  O O   . ASN A 1 80  ? 7.298   -0.764  8.532   1.00 19.30 ? 80  ASN A O   1 
ATOM 621  C CB  . ASN A 1 80  ? 5.838   -2.628  11.131  1.00 20.35 ? 80  ASN A CB  1 
ATOM 622  C CG  . ASN A 1 80  ? 5.909   -3.791  10.153  1.00 19.73 ? 80  ASN A CG  1 
ATOM 623  O OD1 . ASN A 1 80  ? 5.981   -4.946  10.564  1.00 17.19 ? 80  ASN A OD1 1 
ATOM 624  N ND2 . ASN A 1 80  ? 5.887   -3.492  8.860   1.00 20.72 ? 80  ASN A ND2 1 
ATOM 625  N N   . ALA A 1 81  ? 8.333   -1.552  10.384  1.00 23.14 ? 81  ALA A N   1 
ATOM 626  C CA  . ALA A 1 81  ? 9.682   -1.508  9.837   1.00 23.55 ? 81  ALA A CA  1 
ATOM 627  C C   . ALA A 1 81  ? 9.911   -2.470  8.676   1.00 24.03 ? 81  ALA A C   1 
ATOM 628  O O   . ALA A 1 81  ? 10.780  -2.219  7.843   1.00 25.67 ? 81  ALA A O   1 
ATOM 629  C CB  . ALA A 1 81  ? 10.691  -1.775  10.939  1.00 24.26 ? 81  ALA A CB  1 
ATOM 630  N N   . ASN A 1 82  ? 9.150   -3.562  8.610   1.00 24.07 ? 82  ASN A N   1 
ATOM 631  C CA  . ASN A 1 82  ? 9.314   -4.515  7.507   1.00 25.90 ? 82  ASN A CA  1 
ATOM 632  C C   . ASN A 1 82  ? 8.428   -4.221  6.299   1.00 25.41 ? 82  ASN A C   1 
ATOM 633  O O   . ASN A 1 82  ? 8.500   -4.922  5.288   1.00 25.78 ? 82  ASN A O   1 
ATOM 634  C CB  . ASN A 1 82  ? 9.058   -5.948  7.975   1.00 28.24 ? 82  ASN A CB  1 
ATOM 635  C CG  . ASN A 1 82  ? 10.176  -6.483  8.839   1.00 31.79 ? 82  ASN A CG  1 
ATOM 636  O OD1 . ASN A 1 82  ? 10.171  -6.310  10.061  1.00 33.39 ? 82  ASN A OD1 1 
ATOM 637  N ND2 . ASN A 1 82  ? 11.159  -7.126  8.207   1.00 30.75 ? 82  ASN A ND2 1 
ATOM 638  N N   . GLY A 1 83  ? 7.589   -3.195  6.411   1.00 24.34 ? 83  GLY A N   1 
ATOM 639  C CA  . GLY A 1 83  ? 6.716   -2.827  5.310   1.00 23.27 ? 83  GLY A CA  1 
ATOM 640  C C   . GLY A 1 83  ? 5.341   -3.463  5.336   1.00 23.06 ? 83  GLY A C   1 
ATOM 641  O O   . GLY A 1 83  ? 4.564   -3.304  4.391   1.00 22.35 ? 83  GLY A O   1 
ATOM 642  N N   . ASN A 1 84  ? 5.039   -4.193  6.406   1.00 21.81 ? 84  ASN A N   1 
ATOM 643  C CA  . ASN A 1 84  ? 3.743   -4.837  6.531   1.00 21.38 ? 84  ASN A CA  1 
ATOM 644  C C   . ASN A 1 84  ? 2.700   -3.785  6.783   1.00 20.21 ? 84  ASN A C   1 
ATOM 645  O O   . ASN A 1 84  ? 2.945   -2.813  7.488   1.00 20.11 ? 84  ASN A O   1 
ATOM 646  C CB  . ASN A 1 84  ? 3.736   -5.829  7.685   1.00 23.68 ? 84  ASN A CB  1 
ATOM 647  C CG  . ASN A 1 84  ? 4.649   -7.003  7.439   1.00 25.94 ? 84  ASN A CG  1 
ATOM 648  O OD1 . ASN A 1 84  ? 4.639   -7.580  6.355   1.00 27.51 ? 84  ASN A OD1 1 
ATOM 649  N ND2 . ASN A 1 84  ? 5.442   -7.371  8.448   1.00 26.81 ? 84  ASN A ND2 1 
ATOM 650  N N   . ILE A 1 85  ? 1.524   -3.987  6.216   1.00 20.37 ? 85  ILE A N   1 
ATOM 651  C CA  . ILE A 1 85  ? 0.445   -3.026  6.382   1.00 20.58 ? 85  ILE A CA  1 
ATOM 652  C C   . ILE A 1 85  ? -0.777  -3.655  7.052   1.00 20.40 ? 85  ILE A C   1 
ATOM 653  O O   . ILE A 1 85  ? -1.260  -4.695  6.609   1.00 22.22 ? 85  ILE A O   1 
ATOM 654  C CB  . ILE A 1 85  ? 0.004   -2.474  5.017   1.00 19.03 ? 85  ILE A CB  1 
ATOM 655  C CG1 . ILE A 1 85  ? 1.225   -2.237  4.130   1.00 16.05 ? 85  ILE A CG1 1 
ATOM 656  C CG2 . ILE A 1 85  ? -0.745  -1.171  5.212   1.00 20.08 ? 85  ILE A CG2 1 
ATOM 657  C CD1 . ILE A 1 85  ? 0.879   -2.084  2.674   1.00 13.76 ? 85  ILE A CD1 1 
ATOM 658  N N   . CYS A 1 86  ? -1.278  -3.040  8.118   1.00 18.83 ? 86  CYS A N   1 
ATOM 659  C CA  . CYS A 1 86  ? -2.472  -3.573  8.763   1.00 18.86 ? 86  CYS A CA  1 
ATOM 660  C C   . CYS A 1 86  ? -3.656  -2.884  8.101   1.00 16.42 ? 86  CYS A C   1 
ATOM 661  O O   . CYS A 1 86  ? -3.976  -1.744  8.419   1.00 17.89 ? 86  CYS A O   1 
ATOM 662  C CB  . CYS A 1 86  ? -2.489  -3.294  10.276  1.00 19.24 ? 86  CYS A CB  1 
ATOM 663  S SG  . CYS A 1 86  ? -3.534  -4.474  11.217  1.00 29.40 ? 86  CYS A SG  1 
ATOM 664  N N   . LEU A 1 87  ? -4.289  -3.570  7.160   1.00 14.69 ? 87  LEU A N   1 
ATOM 665  C CA  . LEU A 1 87  ? -5.443  -3.015  6.466   1.00 15.79 ? 87  LEU A CA  1 
ATOM 666  C C   . LEU A 1 87  ? -6.515  -4.094  6.487   1.00 15.10 ? 87  LEU A C   1 
ATOM 667  O O   . LEU A 1 87  ? -6.248  -5.246  6.160   1.00 15.17 ? 87  LEU A O   1 
ATOM 668  C CB  . LEU A 1 87  ? -5.070  -2.647  5.019   1.00 19.50 ? 87  LEU A CB  1 
ATOM 669  C CG  . LEU A 1 87  ? -6.000  -1.749  4.182   1.00 21.69 ? 87  LEU A CG  1 
ATOM 670  C CD1 . LEU A 1 87  ? -6.021  -0.338  4.731   1.00 17.62 ? 87  LEU A CD1 1 
ATOM 671  C CD2 . LEU A 1 87  ? -5.514  -1.729  2.748   1.00 21.76 ? 87  LEU A CD2 1 
ATOM 672  N N   . ASP A 1 88  ? -7.720  -3.714  6.894   1.00 15.80 ? 88  ASP A N   1 
ATOM 673  C CA  . ASP A 1 88  ? -8.849  -4.639  6.985   1.00 17.83 ? 88  ASP A CA  1 
ATOM 674  C C   . ASP A 1 88  ? -9.073  -5.531  5.757   1.00 17.52 ? 88  ASP A C   1 
ATOM 675  O O   . ASP A 1 88  ? -9.171  -6.756  5.883   1.00 15.58 ? 88  ASP A O   1 
ATOM 676  C CB  . ASP A 1 88  ? -10.133 -3.852  7.281   1.00 20.56 ? 88  ASP A CB  1 
ATOM 677  C CG  . ASP A 1 88  ? -10.413 -2.752  6.241   1.00 25.87 ? 88  ASP A CG  1 
ATOM 678  O OD1 . ASP A 1 88  ? -9.555  -2.506  5.353   1.00 25.29 ? 88  ASP A OD1 1 
ATOM 679  O OD2 . ASP A 1 88  ? -11.500 -2.126  6.319   1.00 25.64 ? 88  ASP A OD2 1 
ATOM 680  N N   . ILE A 1 89  ? -9.132  -4.923  4.575   1.00 17.22 ? 89  ILE A N   1 
ATOM 681  C CA  . ILE A 1 89  ? -9.386  -5.674  3.355   1.00 18.58 ? 89  ILE A CA  1 
ATOM 682  C C   . ILE A 1 89  ? -8.245  -6.529  2.842   1.00 18.61 ? 89  ILE A C   1 
ATOM 683  O O   . ILE A 1 89  ? -8.369  -7.166  1.804   1.00 20.37 ? 89  ILE A O   1 
ATOM 684  C CB  . ILE A 1 89  ? -9.843  -4.751  2.210   1.00 20.38 ? 89  ILE A CB  1 
ATOM 685  C CG1 . ILE A 1 89  ? -8.782  -3.684  1.940   1.00 22.10 ? 89  ILE A CG1 1 
ATOM 686  C CG2 . ILE A 1 89  ? -11.185 -4.116  2.562   1.00 18.70 ? 89  ILE A CG2 1 
ATOM 687  C CD1 . ILE A 1 89  ? -8.983  -2.971  0.621   1.00 22.93 ? 89  ILE A CD1 1 
ATOM 688  N N   . LEU A 1 90  ? -7.121  -6.536  3.540   1.00 20.35 ? 90  LEU A N   1 
ATOM 689  C CA  . LEU A 1 90  ? -6.008  -7.377  3.118   1.00 22.02 ? 90  LEU A CA  1 
ATOM 690  C C   . LEU A 1 90  ? -6.081  -8.596  4.001   1.00 23.52 ? 90  LEU A C   1 
ATOM 691  O O   . LEU A 1 90  ? -5.237  -9.490  3.932   1.00 25.72 ? 90  LEU A O   1 
ATOM 692  C CB  . LEU A 1 90  ? -4.669  -6.671  3.320   1.00 22.03 ? 90  LEU A CB  1 
ATOM 693  C CG  . LEU A 1 90  ? -4.306  -5.677  2.220   1.00 22.81 ? 90  LEU A CG  1 
ATOM 694  C CD1 . LEU A 1 90  ? -3.045  -4.946  2.597   1.00 23.36 ? 90  LEU A CD1 1 
ATOM 695  C CD2 . LEU A 1 90  ? -4.139  -6.426  0.907   1.00 21.23 ? 90  LEU A CD2 1 
ATOM 696  N N   . LYS A 1 91  ? -7.123  -8.625  4.825   1.00 25.25 ? 91  LYS A N   1 
ATOM 697  C CA  . LYS A 1 91  ? -7.330  -9.716  5.758   1.00 26.02 ? 91  LYS A CA  1 
ATOM 698  C C   . LYS A 1 91  ? -8.804  -10.101 5.925   1.00 26.45 ? 91  LYS A C   1 
ATOM 699  O O   . LYS A 1 91  ? -9.430  -10.660 5.023   1.00 22.69 ? 91  LYS A O   1 
ATOM 700  C CB  . LYS A 1 91  ? -6.734  -9.322  7.107   1.00 27.25 ? 91  LYS A CB  1 
ATOM 701  C CG  . LYS A 1 91  ? -6.603  -10.451 8.095   1.00 30.29 ? 91  LYS A CG  1 
ATOM 702  C CD  . LYS A 1 91  ? -5.845  -9.976  9.321   1.00 33.27 ? 91  LYS A CD  1 
ATOM 703  C CE  . LYS A 1 91  ? -5.498  -11.128 10.244  1.00 35.19 ? 91  LYS A CE  1 
ATOM 704  N NZ  . LYS A 1 91  ? -4.555  -10.675 11.301  1.00 36.97 ? 91  LYS A NZ  1 
ATOM 705  N N   . ASP A 1 92  ? -9.352  -9.776  7.090   1.00 28.86 ? 92  ASP A N   1 
ATOM 706  C CA  . ASP A 1 92  ? -10.728 -10.115 7.431   1.00 30.15 ? 92  ASP A CA  1 
ATOM 707  C C   . ASP A 1 92  ? -11.795 -9.595  6.506   1.00 26.99 ? 92  ASP A C   1 
ATOM 708  O O   . ASP A 1 92  ? -12.911 -10.102 6.507   1.00 28.40 ? 92  ASP A O   1 
ATOM 709  C CB  . ASP A 1 92  ? -11.033 -9.662  8.854   1.00 35.70 ? 92  ASP A CB  1 
ATOM 710  C CG  . ASP A 1 92  ? -10.102 -10.290 9.863   1.00 41.69 ? 92  ASP A CG  1 
ATOM 711  O OD1 . ASP A 1 92  ? -9.922  -11.531 9.799   1.00 44.10 ? 92  ASP A OD1 1 
ATOM 712  O OD2 . ASP A 1 92  ? -9.551  -9.551  10.710  1.00 45.53 ? 92  ASP A OD2 1 
ATOM 713  N N   . GLN A 1 93  ? -11.475 -8.579  5.724   1.00 23.34 ? 93  GLN A N   1 
ATOM 714  C CA  . GLN A 1 93  ? -12.469 -8.056  4.818   1.00 20.00 ? 93  GLN A CA  1 
ATOM 715  C C   . GLN A 1 93  ? -12.128 -8.271  3.360   1.00 17.24 ? 93  GLN A C   1 
ATOM 716  O O   . GLN A 1 93  ? -12.657 -7.593  2.479   1.00 17.25 ? 93  GLN A O   1 
ATOM 717  C CB  . GLN A 1 93  ? -12.714 -6.586  5.102   1.00 24.26 ? 93  GLN A CB  1 
ATOM 718  C CG  . GLN A 1 93  ? -13.621 -6.370  6.297   1.00 30.88 ? 93  GLN A CG  1 
ATOM 719  C CD  . GLN A 1 93  ? -14.008 -4.916  6.451   1.00 36.73 ? 93  GLN A CD  1 
ATOM 720  O OE1 . GLN A 1 93  ? -14.548 -4.303  5.521   1.00 37.63 ? 93  GLN A OE1 1 
ATOM 721  N NE2 . GLN A 1 93  ? -13.730 -4.347  7.627   1.00 39.83 ? 93  GLN A NE2 1 
ATOM 722  N N   . TRP A 1 94  ? -11.253 -9.232  3.096   1.00 13.88 ? 94  TRP A N   1 
ATOM 723  C CA  . TRP A 1 94  ? -10.908 -9.509  1.720   1.00 13.30 ? 94  TRP A CA  1 
ATOM 724  C C   . TRP A 1 94  ? -12.074 -10.209 1.049   1.00 12.38 ? 94  TRP A C   1 
ATOM 725  O O   . TRP A 1 94  ? -12.819 -10.942 1.690   1.00 12.10 ? 94  TRP A O   1 
ATOM 726  C CB  . TRP A 1 94  ? -9.671  -10.393 1.600   1.00 13.06 ? 94  TRP A CB  1 
ATOM 727  C CG  . TRP A 1 94  ? -9.458  -10.781 0.165   1.00 13.04 ? 94  TRP A CG  1 
ATOM 728  C CD1 . TRP A 1 94  ? -9.720  -11.995 -0.408  1.00 10.98 ? 94  TRP A CD1 1 
ATOM 729  C CD2 . TRP A 1 94  ? -9.049  -9.912  -0.901  1.00 10.13 ? 94  TRP A CD2 1 
ATOM 730  N NE1 . TRP A 1 94  ? -9.505  -11.933 -1.764  1.00 12.95 ? 94  TRP A NE1 1 
ATOM 731  C CE2 . TRP A 1 94  ? -9.090  -10.668 -2.093  1.00 10.90 ? 94  TRP A CE2 1 
ATOM 732  C CE3 . TRP A 1 94  ? -8.651  -8.569  -0.965  1.00 9.17  ? 94  TRP A CE3 1 
ATOM 733  C CZ2 . TRP A 1 94  ? -8.746  -10.123 -3.338  1.00 9.25  ? 94  TRP A CZ2 1 
ATOM 734  C CZ3 . TRP A 1 94  ? -8.308  -8.027  -2.206  1.00 6.85  ? 94  TRP A CZ3 1 
ATOM 735  C CH2 . TRP A 1 94  ? -8.357  -8.804  -3.372  1.00 7.48  ? 94  TRP A CH2 1 
ATOM 736  N N   . SER A 1 95  ? -12.208 -9.995  -0.254  1.00 10.94 ? 95  SER A N   1 
ATOM 737  C CA  . SER A 1 95  ? -13.286 -10.594 -1.013  1.00 9.12  ? 95  SER A CA  1 
ATOM 738  C C   . SER A 1 95  ? -12.968 -10.601 -2.501  1.00 10.93 ? 95  SER A C   1 
ATOM 739  O O   . SER A 1 95  ? -12.475 -9.614  -3.037  1.00 13.84 ? 95  SER A O   1 
ATOM 740  C CB  . SER A 1 95  ? -14.569 -9.809  -0.755  1.00 7.85  ? 95  SER A CB  1 
ATOM 741  O OG  . SER A 1 95  ? -15.329 -9.649  -1.939  1.00 10.34 ? 95  SER A OG  1 
ATOM 742  N N   . PRO A 1 96  ? -13.252 -11.717 -3.190  1.00 11.77 ? 96  PRO A N   1 
ATOM 743  C CA  . PRO A 1 96  ? -13.012 -11.879 -4.630  1.00 11.27 ? 96  PRO A CA  1 
ATOM 744  C C   . PRO A 1 96  ? -13.522 -10.722 -5.504  1.00 12.80 ? 96  PRO A C   1 
ATOM 745  O O   . PRO A 1 96  ? -13.070 -10.539 -6.631  1.00 16.43 ? 96  PRO A O   1 
ATOM 746  C CB  . PRO A 1 96  ? -13.728 -13.188 -4.946  1.00 10.41 ? 96  PRO A CB  1 
ATOM 747  C CG  . PRO A 1 96  ? -13.533 -13.986 -3.692  1.00 10.30 ? 96  PRO A CG  1 
ATOM 748  C CD  . PRO A 1 96  ? -13.789 -12.962 -2.605  1.00 11.56 ? 96  PRO A CD  1 
ATOM 749  N N   . ALA A 1 97  ? -14.470 -9.949  -4.988  1.00 13.93 ? 97  ALA A N   1 
ATOM 750  C CA  . ALA A 1 97  ? -15.042 -8.832  -5.729  1.00 13.52 ? 97  ALA A CA  1 
ATOM 751  C C   . ALA A 1 97  ? -14.103 -7.647  -5.795  1.00 14.98 ? 97  ALA A C   1 
ATOM 752  O O   . ALA A 1 97  ? -14.314 -6.740  -6.591  1.00 16.44 ? 97  ALA A O   1 
ATOM 753  C CB  . ALA A 1 97  ? -16.345 -8.404  -5.096  1.00 12.27 ? 97  ALA A CB  1 
ATOM 754  N N   . LEU A 1 98  ? -13.080 -7.646  -4.945  1.00 16.45 ? 98  LEU A N   1 
ATOM 755  C CA  . LEU A 1 98  ? -12.107 -6.550  -4.896  1.00 17.98 ? 98  LEU A CA  1 
ATOM 756  C C   . LEU A 1 98  ? -10.971 -6.755  -5.892  1.00 19.55 ? 98  LEU A C   1 
ATOM 757  O O   . LEU A 1 98  ? -10.722 -7.872  -6.353  1.00 21.54 ? 98  LEU A O   1 
ATOM 758  C CB  . LEU A 1 98  ? -11.503 -6.423  -3.486  1.00 15.11 ? 98  LEU A CB  1 
ATOM 759  C CG  . LEU A 1 98  ? -12.401 -6.099  -2.291  1.00 14.45 ? 98  LEU A CG  1 
ATOM 760  C CD1 . LEU A 1 98  ? -11.585 -6.170  -1.020  1.00 16.16 ? 98  LEU A CD1 1 
ATOM 761  C CD2 . LEU A 1 98  ? -13.009 -4.723  -2.439  1.00 14.85 ? 98  LEU A CD2 1 
ATOM 762  N N   . THR A 1 99  ? -10.284 -5.668  -6.226  1.00 20.82 ? 99  THR A N   1 
ATOM 763  C CA  . THR A 1 99  ? -9.152  -5.734  -7.141  1.00 20.67 ? 99  THR A CA  1 
ATOM 764  C C   . THR A 1 99  ? -7.933  -5.123  -6.463  1.00 21.37 ? 99  THR A C   1 
ATOM 765  O O   . THR A 1 99  ? -8.034  -4.554  -5.371  1.00 19.91 ? 99  THR A O   1 
ATOM 766  C CB  . THR A 1 99  ? -9.409  -4.963  -8.451  1.00 20.58 ? 99  THR A CB  1 
ATOM 767  O OG1 . THR A 1 99  ? -9.723  -3.597  -8.154  1.00 23.60 ? 99  THR A OG1 1 
ATOM 768  C CG2 . THR A 1 99  ? -10.544 -5.594  -9.227  1.00 18.67 ? 99  THR A CG2 1 
ATOM 769  N N   . LEU A 1 100 ? -6.781  -5.260  -7.114  1.00 21.53 ? 100 LEU A N   1 
ATOM 770  C CA  . LEU A 1 100 ? -5.540  -4.711  -6.595  1.00 18.85 ? 100 LEU A CA  1 
ATOM 771  C C   . LEU A 1 100 ? -5.647  -3.191  -6.635  1.00 17.13 ? 100 LEU A C   1 
ATOM 772  O O   . LEU A 1 100 ? -5.252  -2.512  -5.689  1.00 18.27 ? 100 LEU A O   1 
ATOM 773  C CB  . LEU A 1 100 ? -4.358  -5.180  -7.444  1.00 20.66 ? 100 LEU A CB  1 
ATOM 774  C CG  . LEU A 1 100 ? -2.986  -4.632  -7.033  1.00 21.97 ? 100 LEU A CG  1 
ATOM 775  C CD1 . LEU A 1 100 ? -2.506  -5.289  -5.738  1.00 21.05 ? 100 LEU A CD1 1 
ATOM 776  C CD2 . LEU A 1 100 ? -2.006  -4.888  -8.149  1.00 21.62 ? 100 LEU A CD2 1 
ATOM 777  N N   . SER A 1 101 ? -6.191  -2.655  -7.723  1.00 14.20 ? 101 SER A N   1 
ATOM 778  C CA  . SER A 1 101 ? -6.327  -1.215  -7.831  1.00 14.95 ? 101 SER A CA  1 
ATOM 779  C C   . SER A 1 101 ? -7.201  -0.703  -6.701  1.00 14.43 ? 101 SER A C   1 
ATOM 780  O O   . SER A 1 101 ? -7.025  0.420   -6.233  1.00 16.85 ? 101 SER A O   1 
ATOM 781  C CB  . SER A 1 101 ? -6.915  -0.813  -9.188  1.00 13.88 ? 101 SER A CB  1 
ATOM 782  O OG  . SER A 1 101 ? -8.216  -1.333  -9.370  1.00 21.63 ? 101 SER A OG  1 
ATOM 783  N N   . LYS A 1 102 ? -8.141  -1.525  -6.256  1.00 14.56 ? 102 LYS A N   1 
ATOM 784  C CA  . LYS A 1 102 ? -9.010  -1.122  -5.158  1.00 15.73 ? 102 LYS A CA  1 
ATOM 785  C C   . LYS A 1 102 ? -8.191  -1.125  -3.856  1.00 15.54 ? 102 LYS A C   1 
ATOM 786  O O   . LYS A 1 102 ? -8.424  -0.322  -2.951  1.00 15.81 ? 102 LYS A O   1 
ATOM 787  C CB  . LYS A 1 102 ? -10.190 -2.086  -5.027  1.00 17.14 ? 102 LYS A CB  1 
ATOM 788  C CG  . LYS A 1 102 ? -11.483 -1.401  -4.620  1.00 20.64 ? 102 LYS A CG  1 
ATOM 789  C CD  . LYS A 1 102 ? -12.008 -0.548  -5.779  1.00 24.88 ? 102 LYS A CD  1 
ATOM 790  C CE  . LYS A 1 102 ? -13.316 0.156   -5.426  1.00 26.50 ? 102 LYS A CE  1 
ATOM 791  N NZ  . LYS A 1 102 ? -13.970 0.721   -6.646  1.00 25.63 ? 102 LYS A NZ  1 
ATOM 792  N N   . VAL A 1 103 ? -7.235  -2.045  -3.774  1.00 13.48 ? 103 VAL A N   1 
ATOM 793  C CA  . VAL A 1 103 ? -6.369  -2.159  -2.612  1.00 13.74 ? 103 VAL A CA  1 
ATOM 794  C C   . VAL A 1 103 ? -5.414  -0.964  -2.581  1.00 14.08 ? 103 VAL A C   1 
ATOM 795  O O   . VAL A 1 103 ? -5.105  -0.424  -1.508  1.00 12.27 ? 103 VAL A O   1 
ATOM 796  C CB  . VAL A 1 103 ? -5.547  -3.487  -2.657  1.00 13.71 ? 103 VAL A CB  1 
ATOM 797  C CG1 . VAL A 1 103 ? -4.454  -3.474  -1.598  1.00 14.45 ? 103 VAL A CG1 1 
ATOM 798  C CG2 . VAL A 1 103 ? -6.461  -4.664  -2.429  1.00 8.44  ? 103 VAL A CG2 1 
ATOM 799  N N   . LEU A 1 104 ? -4.952  -0.556  -3.760  1.00 13.64 ? 104 LEU A N   1 
ATOM 800  C CA  . LEU A 1 104 ? -4.045  0.576   -3.870  1.00 16.11 ? 104 LEU A CA  1 
ATOM 801  C C   . LEU A 1 104 ? -4.724  1.854   -3.396  1.00 17.94 ? 104 LEU A C   1 
ATOM 802  O O   . LEU A 1 104 ? -4.108  2.675   -2.711  1.00 20.77 ? 104 LEU A O   1 
ATOM 803  C CB  . LEU A 1 104 ? -3.564  0.732   -5.314  1.00 16.63 ? 104 LEU A CB  1 
ATOM 804  C CG  . LEU A 1 104 ? -2.251  0.021   -5.696  1.00 18.12 ? 104 LEU A CG  1 
ATOM 805  C CD1 . LEU A 1 104 ? -1.782  -0.896  -4.580  1.00 13.17 ? 104 LEU A CD1 1 
ATOM 806  C CD2 . LEU A 1 104 ? -2.455  -0.760  -6.980  1.00 16.54 ? 104 LEU A CD2 1 
ATOM 807  N N   . LEU A 1 105 ? -5.995  2.012   -3.752  1.00 17.26 ? 105 LEU A N   1 
ATOM 808  C CA  . LEU A 1 105 ? -6.770  3.180   -3.345  1.00 16.93 ? 105 LEU A CA  1 
ATOM 809  C C   . LEU A 1 105 ? -6.874  3.293   -1.840  1.00 16.08 ? 105 LEU A C   1 
ATOM 810  O O   . LEU A 1 105 ? -6.607  4.344   -1.274  1.00 16.90 ? 105 LEU A O   1 
ATOM 811  C CB  . LEU A 1 105 ? -8.182  3.118   -3.927  1.00 19.81 ? 105 LEU A CB  1 
ATOM 812  C CG  . LEU A 1 105 ? -8.435  4.004   -5.150  1.00 20.64 ? 105 LEU A CG  1 
ATOM 813  C CD1 . LEU A 1 105 ? -8.247  5.462   -4.746  1.00 19.61 ? 105 LEU A CD1 1 
ATOM 814  C CD2 . LEU A 1 105 ? -7.490  3.617   -6.287  1.00 18.36 ? 105 LEU A CD2 1 
ATOM 815  N N   . SER A 1 106 ? -7.279  2.208   -1.192  1.00 17.49 ? 106 SER A N   1 
ATOM 816  C CA  . SER A 1 106 ? -7.421  2.186   0.260   1.00 19.00 ? 106 SER A CA  1 
ATOM 817  C C   . SER A 1 106 ? -6.103  2.544   0.936   1.00 20.21 ? 106 SER A C   1 
ATOM 818  O O   . SER A 1 106 ? -6.084  3.042   2.065   1.00 20.97 ? 106 SER A O   1 
ATOM 819  C CB  . SER A 1 106 ? -7.881  0.803   0.710   1.00 18.25 ? 106 SER A CB  1 
ATOM 820  O OG  . SER A 1 106 ? -9.052  0.439   0.010   1.00 22.20 ? 106 SER A OG  1 
ATOM 821  N N   . ILE A 1 107 ? -5.001  2.272   0.245   1.00 20.59 ? 107 ILE A N   1 
ATOM 822  C CA  . ILE A 1 107 ? -3.683  2.581   0.766   1.00 18.70 ? 107 ILE A CA  1 
ATOM 823  C C   . ILE A 1 107 ? -3.386  4.078   0.567   1.00 19.24 ? 107 ILE A C   1 
ATOM 824  O O   . ILE A 1 107 ? -2.925  4.725   1.498   1.00 17.44 ? 107 ILE A O   1 
ATOM 825  C CB  . ILE A 1 107 ? -2.624  1.698   0.096   1.00 17.79 ? 107 ILE A CB  1 
ATOM 826  C CG1 . ILE A 1 107 ? -2.932  0.232   0.410   1.00 15.43 ? 107 ILE A CG1 1 
ATOM 827  C CG2 . ILE A 1 107 ? -1.244  2.049   0.615   1.00 16.66 ? 107 ILE A CG2 1 
ATOM 828  C CD1 . ILE A 1 107 ? -1.989  -0.761  -0.246  1.00 13.98 ? 107 ILE A CD1 1 
ATOM 829  N N   . CYS A 1 108 ? -3.641  4.633   -0.625  1.00 21.37 ? 108 CYS A N   1 
ATOM 830  C CA  . CYS A 1 108 ? -3.438  6.081   -0.839  1.00 22.99 ? 108 CYS A CA  1 
ATOM 831  C C   . CYS A 1 108 ? -4.182  6.770   0.326   1.00 22.81 ? 108 CYS A C   1 
ATOM 832  O O   . CYS A 1 108 ? -3.684  7.724   0.917   1.00 25.44 ? 108 CYS A O   1 
ATOM 833  C CB  . CYS A 1 108 ? -4.072  6.575   -2.167  1.00 23.87 ? 108 CYS A CB  1 
ATOM 834  S SG  . CYS A 1 108 ? -3.057  6.682   -3.712  1.00 28.29 ? 108 CYS A SG  1 
ATOM 835  N N   . SER A 1 109 ? -5.373  6.262   0.651   1.00 20.41 ? 109 SER A N   1 
ATOM 836  C CA  . SER A 1 109 ? -6.225  6.806   1.716   1.00 18.58 ? 109 SER A CA  1 
ATOM 837  C C   . SER A 1 109 ? -5.711  6.579   3.132   1.00 17.26 ? 109 SER A C   1 
ATOM 838  O O   . SER A 1 109 ? -5.910  7.408   4.010   1.00 18.50 ? 109 SER A O   1 
ATOM 839  C CB  . SER A 1 109 ? -7.637  6.209   1.631   1.00 17.92 ? 109 SER A CB  1 
ATOM 840  O OG  . SER A 1 109 ? -8.344  6.652   0.488   1.00 18.86 ? 109 SER A OG  1 
ATOM 841  N N   . LEU A 1 110 ? -5.083  5.436   3.360   1.00 16.77 ? 110 LEU A N   1 
ATOM 842  C CA  . LEU A 1 110 ? -4.568  5.113   4.672   1.00 14.38 ? 110 LEU A CA  1 
ATOM 843  C C   . LEU A 1 110 ? -3.501  6.108   5.075   1.00 16.96 ? 110 LEU A C   1 
ATOM 844  O O   . LEU A 1 110 ? -3.378  6.439   6.255   1.00 19.22 ? 110 LEU A O   1 
ATOM 845  C CB  . LEU A 1 110 ? -3.978  3.709   4.675   1.00 12.24 ? 110 LEU A CB  1 
ATOM 846  C CG  . LEU A 1 110 ? -3.469  3.247   6.036   1.00 11.24 ? 110 LEU A CG  1 
ATOM 847  C CD1 . LEU A 1 110 ? -4.645  3.199   6.999   1.00 7.02  ? 110 LEU A CD1 1 
ATOM 848  C CD2 . LEU A 1 110 ? -2.800  1.887   5.924   1.00 6.76  ? 110 LEU A CD2 1 
ATOM 849  N N   . LEU A 1 111 ? -2.730  6.574   4.092   1.00 17.55 ? 111 LEU A N   1 
ATOM 850  C CA  . LEU A 1 111 ? -1.655  7.536   4.323   1.00 18.12 ? 111 LEU A CA  1 
ATOM 851  C C   . LEU A 1 111 ? -2.244  8.903   4.630   1.00 20.33 ? 111 LEU A C   1 
ATOM 852  O O   . LEU A 1 111 ? -1.657  9.708   5.361   1.00 22.06 ? 111 LEU A O   1 
ATOM 853  C CB  . LEU A 1 111 ? -0.759  7.646   3.087   1.00 18.88 ? 111 LEU A CB  1 
ATOM 854  C CG  . LEU A 1 111 ? -0.061  6.384   2.564   1.00 20.98 ? 111 LEU A CG  1 
ATOM 855  C CD1 . LEU A 1 111 ? 0.786   6.740   1.343   1.00 17.93 ? 111 LEU A CD1 1 
ATOM 856  C CD2 . LEU A 1 111 ? 0.801   5.773   3.659   1.00 19.03 ? 111 LEU A CD2 1 
ATOM 857  N N   . THR A 1 112 ? -3.410  9.163   4.055   1.00 22.01 ? 112 THR A N   1 
ATOM 858  C CA  . THR A 1 112 ? -4.106  10.426  4.259   1.00 23.48 ? 112 THR A CA  1 
ATOM 859  C C   . THR A 1 112 ? -4.775  10.375  5.624   1.00 24.55 ? 112 THR A C   1 
ATOM 860  O O   . THR A 1 112 ? -4.734  11.335  6.385   1.00 25.43 ? 112 THR A O   1 
ATOM 861  C CB  . THR A 1 112 ? -5.211  10.647  3.196   1.00 22.37 ? 112 THR A CB  1 
ATOM 862  O OG1 . THR A 1 112 ? -4.683  10.407  1.886   1.00 24.07 ? 112 THR A OG1 1 
ATOM 863  C CG2 . THR A 1 112 ? -5.719  12.064  3.253   1.00 21.68 ? 112 THR A CG2 1 
ATOM 864  N N   . ASP A 1 113 ? -5.390  9.239   5.929   1.00 26.40 ? 113 ASP A N   1 
ATOM 865  C CA  . ASP A 1 113 ? -6.091  9.079   7.193   1.00 30.05 ? 113 ASP A CA  1 
ATOM 866  C C   . ASP A 1 113 ? -5.739  7.753   7.841   1.00 29.57 ? 113 ASP A C   1 
ATOM 867  O O   . ASP A 1 113 ? -6.392  6.733   7.609   1.00 30.21 ? 113 ASP A O   1 
ATOM 868  C CB  . ASP A 1 113 ? -7.608  9.169   6.967   1.00 34.31 ? 113 ASP A CB  1 
ATOM 869  C CG  . ASP A 1 113 ? -8.010  10.410  6.174   1.00 39.09 ? 113 ASP A CG  1 
ATOM 870  O OD1 . ASP A 1 113 ? -7.790  11.544  6.667   1.00 39.08 ? 113 ASP A OD1 1 
ATOM 871  O OD2 . ASP A 1 113 ? -8.537  10.247  5.048   1.00 41.73 ? 113 ASP A OD2 1 
ATOM 872  N N   . ALA A 1 114 ? -4.694  7.785   8.658   1.00 29.23 ? 114 ALA A N   1 
ATOM 873  C CA  . ALA A 1 114 ? -4.233  6.601   9.358   1.00 28.89 ? 114 ALA A CA  1 
ATOM 874  C C   . ALA A 1 114 ? -5.354  6.055   10.233  1.00 28.85 ? 114 ALA A C   1 
ATOM 875  O O   . ALA A 1 114 ? -6.467  6.575   10.241  1.00 27.82 ? 114 ALA A O   1 
ATOM 876  C CB  . ALA A 1 114 ? -3.016  6.945   10.213  1.00 26.06 ? 114 ALA A CB  1 
ATOM 877  N N   . ASN A 1 115 ? -5.046  4.993   10.963  1.00 30.51 ? 115 ASN A N   1 
ATOM 878  C CA  . ASN A 1 115 ? -6.000  4.361   11.854  1.00 32.23 ? 115 ASN A CA  1 
ATOM 879  C C   . ASN A 1 115 ? -5.244  4.033   13.150  1.00 32.96 ? 115 ASN A C   1 
ATOM 880  O O   . ASN A 1 115 ? -4.570  3.011   13.240  1.00 31.67 ? 115 ASN A O   1 
ATOM 881  C CB  . ASN A 1 115 ? -6.544  3.087   11.200  1.00 32.76 ? 115 ASN A CB  1 
ATOM 882  C CG  . ASN A 1 115 ? -7.578  2.385   12.056  1.00 35.13 ? 115 ASN A CG  1 
ATOM 883  O OD1 . ASN A 1 115 ? -7.711  1.160   12.006  1.00 36.15 ? 115 ASN A OD1 1 
ATOM 884  N ND2 . ASN A 1 115 ? -8.324  3.159   12.840  1.00 37.02 ? 115 ASN A ND2 1 
ATOM 885  N N   . PRO A 1 116 ? -5.342  4.905   14.168  1.00 34.44 ? 116 PRO A N   1 
ATOM 886  C CA  . PRO A 1 116 ? -4.655  4.693   15.447  1.00 36.66 ? 116 PRO A CA  1 
ATOM 887  C C   . PRO A 1 116 ? -5.168  3.504   16.263  1.00 39.01 ? 116 PRO A C   1 
ATOM 888  O O   . PRO A 1 116 ? -4.581  3.152   17.293  1.00 38.98 ? 116 PRO A O   1 
ATOM 889  C CB  . PRO A 1 116 ? -4.862  6.023   16.165  1.00 35.61 ? 116 PRO A CB  1 
ATOM 890  C CG  . PRO A 1 116 ? -6.226  6.415   15.710  1.00 35.55 ? 116 PRO A CG  1 
ATOM 891  C CD  . PRO A 1 116 ? -6.167  6.126   14.221  1.00 35.47 ? 116 PRO A CD  1 
ATOM 892  N N   . ASP A 1 117 ? -6.254  2.890   15.794  1.00 40.77 ? 117 ASP A N   1 
ATOM 893  C CA  . ASP A 1 117 ? -6.859  1.746   16.474  1.00 41.50 ? 117 ASP A CA  1 
ATOM 894  C C   . ASP A 1 117 ? -6.233  0.415   16.053  1.00 41.07 ? 117 ASP A C   1 
ATOM 895  O O   . ASP A 1 117 ? -6.557  -0.635  16.604  1.00 42.08 ? 117 ASP A O   1 
ATOM 896  C CB  . ASP A 1 117 ? -8.357  1.734   16.202  1.00 43.32 ? 117 ASP A CB  1 
ATOM 897  C CG  . ASP A 1 117 ? -8.972  3.106   16.352  1.00 47.10 ? 117 ASP A CG  1 
ATOM 898  O OD1 . ASP A 1 117 ? -8.833  3.704   17.446  1.00 47.82 ? 117 ASP A OD1 1 
ATOM 899  O OD2 . ASP A 1 117 ? -9.586  3.586   15.373  1.00 48.82 ? 117 ASP A OD2 1 
ATOM 900  N N   . ASP A 1 118 ? -5.338  0.469   15.071  1.00 40.38 ? 118 ASP A N   1 
ATOM 901  C CA  . ASP A 1 118 ? -4.634  -0.715  14.587  1.00 40.03 ? 118 ASP A CA  1 
ATOM 902  C C   . ASP A 1 118 ? -3.152  -0.411  14.741  1.00 39.11 ? 118 ASP A C   1 
ATOM 903  O O   . ASP A 1 118 ? -2.396  -0.469  13.775  1.00 38.92 ? 118 ASP A O   1 
ATOM 904  C CB  . ASP A 1 118 ? -4.961  -0.969  13.116  1.00 42.10 ? 118 ASP A CB  1 
ATOM 905  C CG  . ASP A 1 118 ? -6.381  -1.454  12.913  1.00 44.61 ? 118 ASP A CG  1 
ATOM 906  O OD1 . ASP A 1 118 ? -6.894  -1.333  11.779  1.00 45.36 ? 118 ASP A OD1 1 
ATOM 907  O OD2 . ASP A 1 118 ? -6.979  -1.964  13.887  1.00 45.73 ? 118 ASP A OD2 1 
ATOM 908  N N   . PRO A 1 119 ? -2.721  -0.086  15.972  1.00 38.75 ? 119 PRO A N   1 
ATOM 909  C CA  . PRO A 1 119 ? -1.328  0.244   16.273  1.00 38.18 ? 119 PRO A CA  1 
ATOM 910  C C   . PRO A 1 119 ? -0.309  -0.844  15.949  1.00 38.17 ? 119 PRO A C   1 
ATOM 911  O O   . PRO A 1 119 ? 0.181   -1.533  16.848  1.00 39.68 ? 119 PRO A O   1 
ATOM 912  C CB  . PRO A 1 119 ? -1.377  0.577   17.761  1.00 38.83 ? 119 PRO A CB  1 
ATOM 913  C CG  . PRO A 1 119 ? -2.438  -0.338  18.265  1.00 37.70 ? 119 PRO A CG  1 
ATOM 914  C CD  . PRO A 1 119 ? -3.505  -0.183  17.220  1.00 38.76 ? 119 PRO A CD  1 
ATOM 915  N N   . LEU A 1 120 ? 0.005   -0.991  14.661  1.00 36.43 ? 120 LEU A N   1 
ATOM 916  C CA  . LEU A 1 120 ? 0.987   -1.977  14.212  1.00 33.38 ? 120 LEU A CA  1 
ATOM 917  C C   . LEU A 1 120 ? 2.371   -1.532  14.733  1.00 32.02 ? 120 LEU A C   1 
ATOM 918  O O   . LEU A 1 120 ? 3.322   -2.310  14.763  1.00 31.43 ? 120 LEU A O   1 
ATOM 919  C CB  . LEU A 1 120 ? 0.955   -2.079  12.675  1.00 30.52 ? 120 LEU A CB  1 
ATOM 920  C CG  . LEU A 1 120 ? 1.834   -3.134  12.001  1.00 28.38 ? 120 LEU A CG  1 
ATOM 921  C CD1 . LEU A 1 120 ? 1.552   -4.494  12.601  1.00 26.40 ? 120 LEU A CD1 1 
ATOM 922  C CD2 . LEU A 1 120 ? 1.571   -3.139  10.508  1.00 25.68 ? 120 LEU A CD2 1 
ATOM 923  N N   . VAL A 1 121 ? 2.451   -0.266  15.146  1.00 31.53 ? 121 VAL A N   1 
ATOM 924  C CA  . VAL A 1 121 ? 3.655   0.336   15.722  1.00 29.46 ? 121 VAL A CA  1 
ATOM 925  C C   . VAL A 1 121 ? 3.097   1.243   16.820  1.00 30.18 ? 121 VAL A C   1 
ATOM 926  O O   . VAL A 1 121 ? 2.655   2.361   16.546  1.00 29.77 ? 121 VAL A O   1 
ATOM 927  C CB  . VAL A 1 121 ? 4.429   1.212   14.707  1.00 27.57 ? 121 VAL A CB  1 
ATOM 928  C CG1 . VAL A 1 121 ? 5.741   1.679   15.325  1.00 24.73 ? 121 VAL A CG1 1 
ATOM 929  C CG2 . VAL A 1 121 ? 4.691   0.432   13.430  1.00 27.11 ? 121 VAL A CG2 1 
ATOM 930  N N   . PRO A 1 122 ? 3.083   0.757   18.076  1.00 29.97 ? 122 PRO A N   1 
ATOM 931  C CA  . PRO A 1 122 ? 2.565   1.521   19.215  1.00 29.12 ? 122 PRO A CA  1 
ATOM 932  C C   . PRO A 1 122 ? 3.224   2.871   19.497  1.00 28.95 ? 122 PRO A C   1 
ATOM 933  O O   . PRO A 1 122 ? 2.540   3.820   19.891  1.00 30.40 ? 122 PRO A O   1 
ATOM 934  C CB  . PRO A 1 122 ? 2.706   0.538   20.375  1.00 28.76 ? 122 PRO A CB  1 
ATOM 935  C CG  . PRO A 1 122 ? 2.496   -0.780  19.704  1.00 28.59 ? 122 PRO A CG  1 
ATOM 936  C CD  . PRO A 1 122 ? 3.379   -0.625  18.486  1.00 28.47 ? 122 PRO A CD  1 
ATOM 937  N N   . GLU A 1 123 ? 4.537   2.972   19.308  1.00 27.35 ? 123 GLU A N   1 
ATOM 938  C CA  . GLU A 1 123 ? 5.197   4.245   19.556  1.00 26.95 ? 123 GLU A CA  1 
ATOM 939  C C   . GLU A 1 123 ? 4.666   5.294   18.574  1.00 24.94 ? 123 GLU A C   1 
ATOM 940  O O   . GLU A 1 123 ? 4.284   6.398   18.979  1.00 23.97 ? 123 GLU A O   1 
ATOM 941  C CB  . GLU A 1 123 ? 6.718   4.116   19.426  1.00 30.60 ? 123 GLU A CB  1 
ATOM 942  C CG  . GLU A 1 123 ? 7.453   5.431   19.714  1.00 40.41 ? 123 GLU A CG  1 
ATOM 943  C CD  . GLU A 1 123 ? 8.975   5.335   19.591  1.00 45.86 ? 123 GLU A CD  1 
ATOM 944  O OE1 . GLU A 1 123 ? 9.639   6.405   19.572  1.00 47.56 ? 123 GLU A OE1 1 
ATOM 945  O OE2 . GLU A 1 123 ? 9.502   4.197   19.522  1.00 47.00 ? 123 GLU A OE2 1 
ATOM 946  N N   . ILE A 1 124 ? 4.626   4.947   17.291  1.00 21.33 ? 124 ILE A N   1 
ATOM 947  C CA  . ILE A 1 124 ? 4.130   5.878   16.287  1.00 21.39 ? 124 ILE A CA  1 
ATOM 948  C C   . ILE A 1 124 ? 2.651   6.172   16.487  1.00 21.53 ? 124 ILE A C   1 
ATOM 949  O O   . ILE A 1 124 ? 2.169   7.247   16.129  1.00 22.51 ? 124 ILE A O   1 
ATOM 950  C CB  . ILE A 1 124 ? 4.308   5.342   14.860  1.00 21.58 ? 124 ILE A CB  1 
ATOM 951  C CG1 . ILE A 1 124 ? 5.793   5.126   14.563  1.00 20.22 ? 124 ILE A CG1 1 
ATOM 952  C CG2 . ILE A 1 124 ? 3.689   6.325   13.866  1.00 18.66 ? 124 ILE A CG2 1 
ATOM 953  C CD1 . ILE A 1 124 ? 6.077   4.734   13.135  1.00 20.19 ? 124 ILE A CD1 1 
ATOM 954  N N   . ALA A 1 125 ? 1.933   5.207   17.047  1.00 21.44 ? 125 ALA A N   1 
ATOM 955  C CA  . ALA A 1 125 ? 0.502   5.364   17.292  1.00 21.34 ? 125 ALA A CA  1 
ATOM 956  C C   . ALA A 1 125 ? 0.254   6.344   18.429  1.00 20.35 ? 125 ALA A C   1 
ATOM 957  O O   . ALA A 1 125 ? -0.605  7.223   18.328  1.00 17.49 ? 125 ALA A O   1 
ATOM 958  C CB  . ALA A 1 125 ? -0.122  4.017   17.624  1.00 23.01 ? 125 ALA A CB  1 
ATOM 959  N N   . HIS A 1 126 ? 1.015   6.198   19.511  1.00 20.67 ? 126 HIS A N   1 
ATOM 960  C CA  . HIS A 1 126 ? 0.850   7.078   20.654  1.00 21.90 ? 126 HIS A CA  1 
ATOM 961  C C   . HIS A 1 126 ? 1.219   8.516   20.324  1.00 22.45 ? 126 HIS A C   1 
ATOM 962  O O   . HIS A 1 126 ? 0.528   9.447   20.729  1.00 24.51 ? 126 HIS A O   1 
ATOM 963  C CB  . HIS A 1 126 ? 1.700   6.620   21.823  1.00 23.09 ? 126 HIS A CB  1 
ATOM 964  C CG  . HIS A 1 126 ? 1.323   7.276   23.110  1.00 25.82 ? 126 HIS A CG  1 
ATOM 965  N ND1 . HIS A 1 126 ? 2.247   7.620   24.073  1.00 26.82 ? 126 HIS A ND1 1 
ATOM 966  C CD2 . HIS A 1 126 ? 0.113   7.625   23.607  1.00 28.07 ? 126 HIS A CD2 1 
ATOM 967  C CE1 . HIS A 1 126 ? 1.623   8.150   25.109  1.00 29.16 ? 126 HIS A CE1 1 
ATOM 968  N NE2 . HIS A 1 126 ? 0.326   8.165   24.852  1.00 31.54 ? 126 HIS A NE2 1 
ATOM 969  N N   . ILE A 1 127 ? 2.320   8.696   19.607  1.00 20.03 ? 127 ILE A N   1 
ATOM 970  C CA  . ILE A 1 127 ? 2.740   10.029  19.218  1.00 20.87 ? 127 ILE A CA  1 
ATOM 971  C C   . ILE A 1 127 ? 1.649   10.613  18.342  1.00 19.88 ? 127 ILE A C   1 
ATOM 972  O O   . ILE A 1 127 ? 1.353   11.798  18.400  1.00 20.26 ? 127 ILE A O   1 
ATOM 973  C CB  . ILE A 1 127 ? 4.058   9.986   18.424  1.00 23.41 ? 127 ILE A CB  1 
ATOM 974  C CG1 . ILE A 1 127 ? 5.211   9.643   19.372  1.00 21.40 ? 127 ILE A CG1 1 
ATOM 975  C CG2 . ILE A 1 127 ? 4.283   11.324  17.707  1.00 24.36 ? 127 ILE A CG2 1 
ATOM 976  C CD1 . ILE A 1 127 ? 6.470   9.243   18.682  1.00 21.59 ? 127 ILE A CD1 1 
ATOM 977  N N   . TYR A 1 128 ? 1.040   9.759   17.538  1.00 19.44 ? 128 TYR A N   1 
ATOM 978  C CA  . TYR A 1 128 ? -0.027  10.181  16.646  1.00 20.29 ? 128 TYR A CA  1 
ATOM 979  C C   . TYR A 1 128 ? -1.257  10.703  17.406  1.00 21.02 ? 128 TYR A C   1 
ATOM 980  O O   . TYR A 1 128 ? -1.748  11.797  17.130  1.00 19.25 ? 128 TYR A O   1 
ATOM 981  C CB  . TYR A 1 128 ? -0.437  9.008   15.755  1.00 18.07 ? 128 TYR A CB  1 
ATOM 982  C CG  . TYR A 1 128 ? -1.461  9.370   14.704  1.00 16.71 ? 128 TYR A CG  1 
ATOM 983  C CD1 . TYR A 1 128 ? -1.065  9.757   13.421  1.00 15.71 ? 128 TYR A CD1 1 
ATOM 984  C CD2 . TYR A 1 128 ? -2.828  9.321   14.985  1.00 13.20 ? 128 TYR A CD2 1 
ATOM 985  C CE1 . TYR A 1 128 ? -1.997  10.084  12.441  1.00 10.93 ? 128 TYR A CE1 1 
ATOM 986  C CE2 . TYR A 1 128 ? -3.773  9.645   14.009  1.00 14.21 ? 128 TYR A CE2 1 
ATOM 987  C CZ  . TYR A 1 128 ? -3.349  10.023  12.741  1.00 13.72 ? 128 TYR A CZ  1 
ATOM 988  O OH  . TYR A 1 128 ? -4.274  10.326  11.767  1.00 14.53 ? 128 TYR A OH  1 
ATOM 989  N N   . LYS A 1 129 ? -1.753  9.912   18.356  1.00 21.74 ? 129 LYS A N   1 
ATOM 990  C CA  . LYS A 1 129 ? -2.932  10.280  19.140  1.00 21.53 ? 129 LYS A CA  1 
ATOM 991  C C   . LYS A 1 129 ? -2.761  11.487  20.064  1.00 21.95 ? 129 LYS A C   1 
ATOM 992  O O   . LYS A 1 129 ? -3.705  12.255  20.268  1.00 19.64 ? 129 LYS A O   1 
ATOM 993  C CB  . LYS A 1 129 ? -3.405  9.085   19.974  1.00 21.60 ? 129 LYS A CB  1 
ATOM 994  C CG  . LYS A 1 129 ? -4.171  8.023   19.192  1.00 22.06 ? 129 LYS A CG  1 
ATOM 995  C CD  . LYS A 1 129 ? -4.639  6.897   20.101  1.00 21.44 ? 129 LYS A CD  1 
ATOM 996  C CE  . LYS A 1 129 ? -5.644  6.008   19.394  1.00 23.29 ? 129 LYS A CE  1 
ATOM 997  N NZ  . LYS A 1 129 ? -6.187  4.917   20.252  1.00 22.46 ? 129 LYS A NZ  1 
ATOM 998  N N   . THR A 1 130 ? -1.560  11.665  20.609  1.00 22.60 ? 130 THR A N   1 
ATOM 999  C CA  . THR A 1 130 ? -1.323  12.765  21.534  1.00 23.43 ? 130 THR A CA  1 
ATOM 1000 C C   . THR A 1 130 ? -0.496  13.968  21.055  1.00 24.98 ? 130 THR A C   1 
ATOM 1001 O O   . THR A 1 130 ? -0.683  15.074  21.564  1.00 27.28 ? 130 THR A O   1 
ATOM 1002 C CB  . THR A 1 130 ? -0.711  12.233  22.841  1.00 23.49 ? 130 THR A CB  1 
ATOM 1003 O OG1 . THR A 1 130 ? 0.452   11.451  22.542  1.00 21.66 ? 130 THR A OG1 1 
ATOM 1004 C CG2 . THR A 1 130 ? -1.730  11.372  23.594  1.00 21.16 ? 130 THR A CG2 1 
ATOM 1005 N N   . ASP A 1 131 ? 0.407   13.781  20.095  1.00 24.31 ? 131 ASP A N   1 
ATOM 1006 C CA  . ASP A 1 131 ? 1.221   14.907  19.609  1.00 22.98 ? 131 ASP A CA  1 
ATOM 1007 C C   . ASP A 1 131 ? 1.355   14.866  18.091  1.00 22.50 ? 131 ASP A C   1 
ATOM 1008 O O   . ASP A 1 131 ? 2.457   14.735  17.541  1.00 22.46 ? 131 ASP A O   1 
ATOM 1009 C CB  . ASP A 1 131 ? 2.610   14.878  20.255  1.00 25.79 ? 131 ASP A CB  1 
ATOM 1010 C CG  . ASP A 1 131 ? 3.299   16.233  20.244  1.00 25.82 ? 131 ASP A CG  1 
ATOM 1011 O OD1 . ASP A 1 131 ? 4.398   16.316  20.820  1.00 28.24 ? 131 ASP A OD1 1 
ATOM 1012 O OD2 . ASP A 1 131 ? 2.761   17.207  19.675  1.00 28.09 ? 131 ASP A OD2 1 
ATOM 1013 N N   . ARG A 1 132 ? 0.212   14.991  17.428  1.00 21.15 ? 132 ARG A N   1 
ATOM 1014 C CA  . ARG A 1 132 ? 0.116   14.959  15.982  1.00 21.29 ? 132 ARG A CA  1 
ATOM 1015 C C   . ARG A 1 132 ? 1.235   15.754  15.300  1.00 21.64 ? 132 ARG A C   1 
ATOM 1016 O O   . ARG A 1 132 ? 1.815   15.297  14.317  1.00 22.11 ? 132 ARG A O   1 
ATOM 1017 C CB  . ARG A 1 132 ? -1.266  15.486  15.568  1.00 22.15 ? 132 ARG A CB  1 
ATOM 1018 C CG  . ARG A 1 132 ? -1.721  15.125  14.152  1.00 23.65 ? 132 ARG A CG  1 
ATOM 1019 C CD  . ARG A 1 132 ? -2.067  13.647  13.994  1.00 21.80 ? 132 ARG A CD  1 
ATOM 1020 N NE  . ARG A 1 132 ? -3.501  13.408  13.820  1.00 23.16 ? 132 ARG A NE  1 
ATOM 1021 C CZ  . ARG A 1 132 ? -4.336  13.020  14.788  1.00 26.19 ? 132 ARG A CZ  1 
ATOM 1022 N NH1 . ARG A 1 132 ? -5.623  12.831  14.517  1.00 28.02 ? 132 ARG A NH1 1 
ATOM 1023 N NH2 . ARG A 1 132 ? -3.894  12.811  16.026  1.00 25.05 ? 132 ARG A NH2 1 
ATOM 1024 N N   . PRO A 1 133 ? 1.561   16.953  15.815  1.00 23.06 ? 133 PRO A N   1 
ATOM 1025 C CA  . PRO A 1 133 ? 2.629   17.721  15.167  1.00 21.09 ? 133 PRO A CA  1 
ATOM 1026 C C   . PRO A 1 133 ? 3.976   16.997  15.125  1.00 21.27 ? 133 PRO A C   1 
ATOM 1027 O O   . PRO A 1 133 ? 4.637   16.966  14.087  1.00 20.25 ? 133 PRO A O   1 
ATOM 1028 C CB  . PRO A 1 133 ? 2.673   19.009  15.993  1.00 18.99 ? 133 PRO A CB  1 
ATOM 1029 C CG  . PRO A 1 133 ? 1.254   19.178  16.421  1.00 17.69 ? 133 PRO A CG  1 
ATOM 1030 C CD  . PRO A 1 133 ? 0.888   17.773  16.843  1.00 21.45 ? 133 PRO A CD  1 
ATOM 1031 N N   . LYS A 1 134 ? 4.377   16.422  16.257  1.00 23.07 ? 134 LYS A N   1 
ATOM 1032 C CA  . LYS A 1 134 ? 5.644   15.705  16.353  1.00 23.63 ? 134 LYS A CA  1 
ATOM 1033 C C   . LYS A 1 134 ? 5.651   14.583  15.322  1.00 23.05 ? 134 LYS A C   1 
ATOM 1034 O O   . LYS A 1 134 ? 6.657   14.342  14.658  1.00 23.33 ? 134 LYS A O   1 
ATOM 1035 C CB  . LYS A 1 134 ? 5.813   15.132  17.764  1.00 26.45 ? 134 LYS A CB  1 
ATOM 1036 C CG  . LYS A 1 134 ? 7.177   14.516  18.052  1.00 29.54 ? 134 LYS A CG  1 
ATOM 1037 C CD  . LYS A 1 134 ? 7.221   13.952  19.473  1.00 33.44 ? 134 LYS A CD  1 
ATOM 1038 C CE  . LYS A 1 134 ? 8.576   13.340  19.828  1.00 35.53 ? 134 LYS A CE  1 
ATOM 1039 N NZ  . LYS A 1 134 ? 8.884   12.093  19.062  1.00 35.77 ? 134 LYS A NZ  1 
ATOM 1040 N N   . TYR A 1 135 ? 4.514   13.908  15.189  1.00 22.94 ? 135 TYR A N   1 
ATOM 1041 C CA  . TYR A 1 135 ? 4.369   12.819  14.231  1.00 21.36 ? 135 TYR A CA  1 
ATOM 1042 C C   . TYR A 1 135 ? 4.398   13.317  12.787  1.00 20.16 ? 135 TYR A C   1 
ATOM 1043 O O   . TYR A 1 135 ? 5.092   12.767  11.936  1.00 21.50 ? 135 TYR A O   1 
ATOM 1044 C CB  . TYR A 1 135 ? 3.054   12.063  14.477  1.00 21.72 ? 135 TYR A CB  1 
ATOM 1045 C CG  . TYR A 1 135 ? 2.523   11.362  13.241  1.00 20.26 ? 135 TYR A CG  1 
ATOM 1046 C CD1 . TYR A 1 135 ? 1.724   12.040  12.321  1.00 20.32 ? 135 TYR A CD1 1 
ATOM 1047 C CD2 . TYR A 1 135 ? 2.870   10.040  12.959  1.00 18.50 ? 135 TYR A CD2 1 
ATOM 1048 C CE1 . TYR A 1 135 ? 1.285   11.418  11.143  1.00 19.96 ? 135 TYR A CE1 1 
ATOM 1049 C CE2 . TYR A 1 135 ? 2.440   9.410   11.790  1.00 17.30 ? 135 TYR A CE2 1 
ATOM 1050 C CZ  . TYR A 1 135 ? 1.648   10.102  10.888  1.00 19.39 ? 135 TYR A CZ  1 
ATOM 1051 O OH  . TYR A 1 135 ? 1.207   9.481   9.740   1.00 21.35 ? 135 TYR A OH  1 
ATOM 1052 N N   . GLU A 1 136 ? 3.624   14.350  12.507  1.00 19.55 ? 136 GLU A N   1 
ATOM 1053 C CA  . GLU A 1 136 ? 3.563   14.884  11.157  1.00 21.40 ? 136 GLU A CA  1 
ATOM 1054 C C   . GLU A 1 136 ? 4.932   15.408  10.739  1.00 21.27 ? 136 GLU A C   1 
ATOM 1055 O O   . GLU A 1 136 ? 5.321   15.314  9.567   1.00 20.04 ? 136 GLU A O   1 
ATOM 1056 C CB  . GLU A 1 136 ? 2.520   15.993  11.103  1.00 21.97 ? 136 GLU A CB  1 
ATOM 1057 C CG  . GLU A 1 136 ? 2.000   16.301  9.730   1.00 25.84 ? 136 GLU A CG  1 
ATOM 1058 C CD  . GLU A 1 136 ? 0.689   17.061  9.797   1.00 31.33 ? 136 GLU A CD  1 
ATOM 1059 O OE1 . GLU A 1 136 ? -0.321  16.455  10.229  1.00 29.72 ? 136 GLU A OE1 1 
ATOM 1060 O OE2 . GLU A 1 136 ? 0.672   18.261  9.431   1.00 31.71 ? 136 GLU A OE2 1 
ATOM 1061 N N   . ALA A 1 137 ? 5.664   15.946  11.712  1.00 20.80 ? 137 ALA A N   1 
ATOM 1062 C CA  . ALA A 1 137 ? 6.998   16.480  11.464  1.00 20.93 ? 137 ALA A CA  1 
ATOM 1063 C C   . ALA A 1 137 ? 7.968   15.356  11.136  1.00 21.26 ? 137 ALA A C   1 
ATOM 1064 O O   . ALA A 1 137 ? 8.790   15.496  10.241  1.00 23.26 ? 137 ALA A O   1 
ATOM 1065 C CB  . ALA A 1 137 ? 7.489   17.238  12.677  1.00 21.45 ? 137 ALA A CB  1 
ATOM 1066 N N   . THR A 1 138 ? 7.869   14.246  11.865  1.00 20.07 ? 138 THR A N   1 
ATOM 1067 C CA  . THR A 1 138 ? 8.740   13.100  11.646  1.00 19.04 ? 138 THR A CA  1 
ATOM 1068 C C   . THR A 1 138 ? 8.383   12.352  10.371  1.00 20.58 ? 138 THR A C   1 
ATOM 1069 O O   . THR A 1 138 ? 9.249   11.751  9.740   1.00 22.93 ? 138 THR A O   1 
ATOM 1070 C CB  . THR A 1 138 ? 8.673   12.111  12.817  1.00 20.19 ? 138 THR A CB  1 
ATOM 1071 O OG1 . THR A 1 138 ? 9.131   12.751  14.015  1.00 24.17 ? 138 THR A OG1 1 
ATOM 1072 C CG2 . THR A 1 138 ? 9.548   10.899  12.536  1.00 19.17 ? 138 THR A CG2 1 
ATOM 1073 N N   . ALA A 1 139 ? 7.110   12.380  9.991   1.00 20.75 ? 139 ALA A N   1 
ATOM 1074 C CA  . ALA A 1 139 ? 6.672   11.698  8.780   1.00 21.02 ? 139 ALA A CA  1 
ATOM 1075 C C   . ALA A 1 139 ? 7.279   12.391  7.568   1.00 22.48 ? 139 ALA A C   1 
ATOM 1076 O O   . ALA A 1 139 ? 7.777   11.736  6.651   1.00 22.85 ? 139 ALA A O   1 
ATOM 1077 C CB  . ALA A 1 139 ? 5.154   11.710  8.687   1.00 19.31 ? 139 ALA A CB  1 
ATOM 1078 N N   . ARG A 1 140 ? 7.239   13.723  7.571   1.00 25.51 ? 140 ARG A N   1 
ATOM 1079 C CA  . ARG A 1 140 ? 7.798   14.507  6.471   1.00 26.72 ? 140 ARG A CA  1 
ATOM 1080 C C   . ARG A 1 140 ? 9.313   14.345  6.357   1.00 26.79 ? 140 ARG A C   1 
ATOM 1081 O O   . ARG A 1 140 ? 9.851   14.321  5.252   1.00 28.68 ? 140 ARG A O   1 
ATOM 1082 C CB  . ARG A 1 140 ? 7.429   15.989  6.614   1.00 27.12 ? 140 ARG A CB  1 
ATOM 1083 C CG  . ARG A 1 140 ? 5.980   16.295  6.227   1.00 32.02 ? 140 ARG A CG  1 
ATOM 1084 C CD  . ARG A 1 140 ? 5.754   17.786  6.044   1.00 32.41 ? 140 ARG A CD  1 
ATOM 1085 N NE  . ARG A 1 140 ? 6.056   18.491  7.280   1.00 38.93 ? 140 ARG A NE  1 
ATOM 1086 C CZ  . ARG A 1 140 ? 5.146   18.848  8.182   1.00 38.12 ? 140 ARG A CZ  1 
ATOM 1087 N NH1 . ARG A 1 140 ? 5.524   19.479  9.289   1.00 36.50 ? 140 ARG A NH1 1 
ATOM 1088 N NH2 . ARG A 1 140 ? 3.860   18.598  7.960   1.00 38.04 ? 140 ARG A NH2 1 
ATOM 1089 N N   . GLU A 1 141 ? 10.004  14.228  7.485   1.00 25.02 ? 141 GLU A N   1 
ATOM 1090 C CA  . GLU A 1 141 ? 11.445  14.032  7.441   1.00 28.30 ? 141 GLU A CA  1 
ATOM 1091 C C   . GLU A 1 141 ? 11.797  12.763  6.668   1.00 26.55 ? 141 GLU A C   1 
ATOM 1092 O O   . GLU A 1 141 ? 12.621  12.786  5.753   1.00 25.32 ? 141 GLU A O   1 
ATOM 1093 C CB  . GLU A 1 141 ? 12.014  13.913  8.847   1.00 34.12 ? 141 GLU A CB  1 
ATOM 1094 C CG  . GLU A 1 141 ? 12.012  15.200  9.620   1.00 43.82 ? 141 GLU A CG  1 
ATOM 1095 C CD  . GLU A 1 141 ? 12.634  15.023  10.981  1.00 48.79 ? 141 GLU A CD  1 
ATOM 1096 O OE1 . GLU A 1 141 ? 12.663  16.010  11.759  1.00 49.79 ? 141 GLU A OE1 1 
ATOM 1097 O OE2 . GLU A 1 141 ? 13.090  13.889  11.265  1.00 50.02 ? 141 GLU A OE2 1 
ATOM 1098 N N   . TRP A 1 142 ? 11.171  11.657  7.060   1.00 24.99 ? 142 TRP A N   1 
ATOM 1099 C CA  . TRP A 1 142 ? 11.400  10.373  6.425   1.00 24.84 ? 142 TRP A CA  1 
ATOM 1100 C C   . TRP A 1 142 ? 11.002  10.381  4.964   1.00 25.84 ? 142 TRP A C   1 
ATOM 1101 O O   . TRP A 1 142 ? 11.506  9.581   4.180   1.00 25.04 ? 142 TRP A O   1 
ATOM 1102 C CB  . TRP A 1 142 ? 10.614  9.288   7.143   1.00 24.31 ? 142 TRP A CB  1 
ATOM 1103 C CG  . TRP A 1 142 ? 11.151  8.973   8.470   1.00 22.83 ? 142 TRP A CG  1 
ATOM 1104 C CD1 . TRP A 1 142 ? 11.651  9.856   9.381   1.00 21.13 ? 142 TRP A CD1 1 
ATOM 1105 C CD2 . TRP A 1 142 ? 11.204  7.681   9.084   1.00 22.96 ? 142 TRP A CD2 1 
ATOM 1106 N NE1 . TRP A 1 142 ? 12.012  9.192   10.531  1.00 22.04 ? 142 TRP A NE1 1 
ATOM 1107 C CE2 . TRP A 1 142 ? 11.748  7.856   10.377  1.00 22.39 ? 142 TRP A CE2 1 
ATOM 1108 C CE3 . TRP A 1 142 ? 10.841  6.392   8.669   1.00 23.44 ? 142 TRP A CE3 1 
ATOM 1109 C CZ2 . TRP A 1 142 ? 11.936  6.790   11.263  1.00 19.95 ? 142 TRP A CZ2 1 
ATOM 1110 C CZ3 . TRP A 1 142 ? 11.026  5.328   9.552   1.00 22.77 ? 142 TRP A CZ3 1 
ATOM 1111 C CH2 . TRP A 1 142 ? 11.569  5.538   10.833  1.00 21.98 ? 142 TRP A CH2 1 
ATOM 1112 N N   . THR A 1 143 ? 10.083  11.263  4.595   1.00 26.46 ? 143 THR A N   1 
ATOM 1113 C CA  . THR A 1 143 ? 9.674   11.319  3.202   1.00 29.28 ? 143 THR A CA  1 
ATOM 1114 C C   . THR A 1 143 ? 10.844  11.877  2.389   1.00 32.70 ? 143 THR A C   1 
ATOM 1115 O O   . THR A 1 143 ? 11.211  11.310  1.358   1.00 33.78 ? 143 THR A O   1 
ATOM 1116 C CB  . THR A 1 143 ? 8.419   12.197  3.010   1.00 27.23 ? 143 THR A CB  1 
ATOM 1117 O OG1 . THR A 1 143 ? 7.367   11.712  3.855   1.00 23.90 ? 143 THR A OG1 1 
ATOM 1118 C CG2 . THR A 1 143 ? 7.943   12.137  1.563   1.00 23.71 ? 143 THR A CG2 1 
ATOM 1119 N N   . LYS A 1 144 ? 11.442  12.970  2.870   1.00 34.95 ? 144 LYS A N   1 
ATOM 1120 C CA  . LYS A 1 144 ? 12.583  13.600  2.195   1.00 34.36 ? 144 LYS A CA  1 
ATOM 1121 C C   . LYS A 1 144 ? 13.729  12.626  1.963   1.00 33.06 ? 144 LYS A C   1 
ATOM 1122 O O   . LYS A 1 144 ? 14.268  12.542  0.863   1.00 33.37 ? 144 LYS A O   1 
ATOM 1123 C CB  . LYS A 1 144 ? 13.116  14.779  3.013   1.00 35.74 ? 144 LYS A CB  1 
ATOM 1124 C CG  . LYS A 1 144 ? 12.204  15.996  3.072   1.00 37.77 ? 144 LYS A CG  1 
ATOM 1125 C CD  . LYS A 1 144 ? 12.839  17.110  3.898   1.00 39.15 ? 144 LYS A CD  1 
ATOM 1126 C CE  . LYS A 1 144 ? 13.140  16.644  5.327   1.00 41.65 ? 144 LYS A CE  1 
ATOM 1127 N NZ  . LYS A 1 144 ? 13.641  17.732  6.220   1.00 42.05 ? 144 LYS A NZ  1 
ATOM 1128 N N   . LYS A 1 145 ? 14.090  11.891  3.009   1.00 32.24 ? 145 LYS A N   1 
ATOM 1129 C CA  . LYS A 1 145 ? 15.184  10.933  2.945   1.00 33.19 ? 145 LYS A CA  1 
ATOM 1130 C C   . LYS A 1 145 ? 14.932  9.721   2.057   1.00 33.59 ? 145 LYS A C   1 
ATOM 1131 O O   . LYS A 1 145 ? 15.672  9.479   1.098   1.00 35.78 ? 145 LYS A O   1 
ATOM 1132 C CB  . LYS A 1 145 ? 15.522  10.441  4.349   1.00 31.65 ? 145 LYS A CB  1 
ATOM 1133 C CG  . LYS A 1 145 ? 15.544  11.544  5.380   1.00 37.24 ? 145 LYS A CG  1 
ATOM 1134 C CD  . LYS A 1 145 ? 16.135  11.069  6.695   1.00 42.59 ? 145 LYS A CD  1 
ATOM 1135 C CE  . LYS A 1 145 ? 17.657  11.057  6.648   1.00 44.51 ? 145 LYS A CE  1 
ATOM 1136 N NZ  . LYS A 1 145 ? 18.192  10.255  5.512   1.00 45.55 ? 145 LYS A NZ  1 
ATOM 1137 N N   . TYR A 1 146 ? 13.875  8.980   2.375   1.00 31.93 ? 146 TYR A N   1 
ATOM 1138 C CA  . TYR A 1 146 ? 13.529  7.743   1.672   1.00 28.28 ? 146 TYR A CA  1 
ATOM 1139 C C   . TYR A 1 146 ? 12.574  7.771   0.474   1.00 26.21 ? 146 TYR A C   1 
ATOM 1140 O O   . TYR A 1 146 ? 12.794  7.059   -0.497  1.00 25.97 ? 146 TYR A O   1 
ATOM 1141 C CB  . TYR A 1 146 ? 12.995  6.749   2.700   1.00 27.99 ? 146 TYR A CB  1 
ATOM 1142 C CG  . TYR A 1 146 ? 13.852  6.669   3.938   1.00 28.81 ? 146 TYR A CG  1 
ATOM 1143 C CD1 . TYR A 1 146 ? 15.077  6.007   3.918   1.00 31.16 ? 146 TYR A CD1 1 
ATOM 1144 C CD2 . TYR A 1 146 ? 13.463  7.301   5.115   1.00 30.45 ? 146 TYR A CD2 1 
ATOM 1145 C CE1 . TYR A 1 146 ? 15.898  5.978   5.038   1.00 33.42 ? 146 TYR A CE1 1 
ATOM 1146 C CE2 . TYR A 1 146 ? 14.277  7.282   6.246   1.00 33.16 ? 146 TYR A CE2 1 
ATOM 1147 C CZ  . TYR A 1 146 ? 15.496  6.622   6.197   1.00 33.82 ? 146 TYR A CZ  1 
ATOM 1148 O OH  . TYR A 1 146 ? 16.326  6.638   7.293   1.00 34.25 ? 146 TYR A OH  1 
ATOM 1149 N N   . ALA A 1 147 ? 11.513  8.568   0.544   1.00 26.86 ? 147 ALA A N   1 
ATOM 1150 C CA  . ALA A 1 147 ? 10.527  8.623   -0.533  1.00 27.35 ? 147 ALA A CA  1 
ATOM 1151 C C   . ALA A 1 147 ? 10.982  9.434   -1.732  1.00 28.52 ? 147 ALA A C   1 
ATOM 1152 O O   . ALA A 1 147 ? 10.311  10.368  -2.165  1.00 27.91 ? 147 ALA A O   1 
ATOM 1153 C CB  . ALA A 1 147 ? 9.207   9.166   -0.010  1.00 27.49 ? 147 ALA A CB  1 
ATOM 1154 N N   . VAL A 1 148 ? 12.132  9.057   -2.264  1.00 31.88 ? 148 VAL A N   1 
ATOM 1155 C CA  . VAL A 1 148 ? 12.704  9.712   -3.427  1.00 35.09 ? 148 VAL A CA  1 
ATOM 1156 C C   . VAL A 1 148 ? 13.388  8.626   -4.254  1.00 36.64 ? 148 VAL A C   1 
ATOM 1157 O O   . VAL A 1 148 ? 12.862  8.313   -5.350  1.00 37.56 ? 148 VAL A O   1 
ATOM 1158 C CB  . VAL A 1 148 ? 13.740  10.807  -3.015  1.00 35.82 ? 148 VAL A CB  1 
ATOM 1159 C CG1 . VAL A 1 148 ? 13.020  11.997  -2.384  1.00 35.42 ? 148 VAL A CG1 1 
ATOM 1160 C CG2 . VAL A 1 148 ? 14.757  10.232  -2.019  1.00 36.62 ? 148 VAL A CG2 1 
ATOM 1161 O OXT . VAL A 1 148 ? 14.418  8.086   -3.783  1.00 36.81 ? 148 VAL A OXT 1 
# 
